data_8P0V
#
_entry.id   8P0V
#
_cell.length_a   1.00
_cell.length_b   1.00
_cell.length_c   1.00
_cell.angle_alpha   90.00
_cell.angle_beta   90.00
_cell.angle_gamma   90.00
#
_symmetry.space_group_name_H-M   'P 1'
#
loop_
_entity.id
_entity.type
_entity.pdbx_description
1 polymer 'Coiled-coil domain-containing protein 93'
2 polymer 'Coiled-coil domain-containing protein 22'
3 polymer 'DENN domain-containing protein 10'
4 polymer 'Vacuolar protein sorting-associated protein 29'
5 polymer 'VPS35 endosomal protein-sorting factor-like'
#
loop_
_entity_poly.entity_id
_entity_poly.type
_entity_poly.pdbx_seq_one_letter_code
_entity_poly.pdbx_strand_id
1 'polypeptide(L)'
;MGLPRGPEGQGLPEVETREDEEQNVKLTEILELLVAAGYFRARIKGLSPFDKVVGGMTWCITTCNFDVDVDLLFQENSTI
GQKIALSEKIVSVLPRMKCPHQLEPHQIQGMDFIHIFPVVQWLVKRAIETKEEMGDYIRSYSVSQFQKTYSLPEDDDFIK
RKEKAIKTVVDLSEVYKPRRKYKRHQGAEELLDEESRIHATLLEYGRRYGFSRQSKMEKAEDKKTALPAGLSATEKADAH
EEDELRAAEEQRIQSLMTKMTAMANEESRLTASSVGQIVGLCSAEIKQIVSEYAEKQSELSAEESPEKLGTSQLHRRKVI
SLNKQIAQKTKHLEELRASHTSLQARYNEAKKTLTELKTYSEKLDKEQAALEKIESKADPSILQNLRALVAMNENLKSQE
QEFKAHCREEMTRLQQEIENLKAERAPRGDEKTLSSGEPPGTLTSAMTHDEDLDRRYNMEKEKLYKIRLLQARRNREIAI
LHRKIDEVPSRAELIQYQKRFIELYRQISAVHKETKQFFTLYNTLDDKKVYLEKEISLLNSIHENFSQAMASPAARDQFL
RQMEQIVEGIKQSRMKMEKKKQENKMRRDQLNDQYLELLEKQRLYFKTVKEFKEEGRKNEMLLSKVKAKAS
;
K
2 'polypeptide(L)'
;MEEADRILIHSLRQAGTAVPPDVQTLRAFTTELVVEAVVRCLRVINPAVGSGLSPLLPLAMSARFRLAMSLAQACMDLGY
PLELGYQNFLYPSEPDLRDLLLFLAERLPTDASEDADQPAGDSAILLRAIGSQIRDQLALPWVPPHLRTPKLQHLQGSAL
QKPFHASRLVVPELSSRGEPREFQASPLLLPVPTQVPQPVGRVASLLEHHALQLCQQTGRDRPGDEDWVHRTSRLPPQED
TRAQRQRLQKQLTEHLRQSWGLLGAPIQARDLGELLQAWGAGAKTGAPKGSRFTHSEKFTFHLEPQAQATQVSDVPATSR
RPEQVTWAAQEQELESLREQLEGVNRSIEEVEADMKTLGVSFVQAESECRHSKLSTAEREQALRLKSRAVELLPDGTANL
AKLQLVVENSAQRVIHLAGQWEKHRVPLLAEYRHLRKLQDCRELESSRRLAEIQELHQSVRAAAEEARRKEEVYKQLMSE
LETLPRDVSRLAYTQRILEIVGNIRKQKEEITKILSDTKELQKEINSLSGKLDRTFAVTDELVFKDAKKDDAVRKAYKYL
AALHENCSQLIQTIEDTGTIMREVRDLEEQIETELGKKTLSNLEKIREDYRALRQENAGLLGRVREA
;
L
3 'polypeptide(L)'
;MAAAEVADTQLMLGVGLIEKDTNGEVLWVWCYPSTTATLRNLLLRKCCLTDENKLLHPFVFGQYRRTWFYITTIEVPDSS
ILKKVTHFSIVLTAKDFNPEKYAAFTRILCRMYLKHGSPVKMMESYIAVLTKGICQSEENGSFLSKDFDARKAYLAGSIK
DIVSQFGMETVILHTALMLKKRIVVYHPKIEAVQEFTRTLPALVWHRQDWTILHSYVHLNADELEALQMCTGYVAGFVDL
EVSNRPDLYDVFVNLAESEITIAPLAKEAMAMGKLHKEMGQLIVQSAEDPEKSESHVIQDIALKTREIFTNLAPFSEVSA
DGEKRVLNLEALKQKRFPPATENFLYHLAAAEQMLKI
;
M
4 'polypeptide(L)'
;MLVLVLGDLHIPHRCNSLPAKFKKLLVPGKIQHILCTGNLCTKESYDYLKTLAGDVHIVRGDFDENLNYPEQKVVTVGQF
KIGLIHGHQVIPWGDMASLALLQRQFDVDILISGHTHKFEAFEHENKFYINPGSATGAYNALETNIIPSFVLMDIQASTV
VTYVYQLIGDDVKVERIEYKKP
;
N
5 'polypeptide(L)'
;MAVFPWHSRNRNYKAEFASCRLEAVPLEFGDYHPLKPITVTESKTKKVNRKGSTSSTSSSSSSSVVDPLSSVLDGTDPLS
MFAATADPAALAAAMDSSRRKRDRDDNSVVGSDFEPWTNKRGEILARYTTTEKLSINLFMGSEKGKAGTATLAMSEKVRT
RLEELDDFEEGSQKELLNLTQQDYVNRIEELNQSLKDAWASDQKVKALKIVIQCSKLLSDTSVIQFYPSKFVLITDILDT
FGKLVYERIFSMCVDSRSVLPDHFSPENANDTAKETCLNWFFKIASIRELIPRFYVEASILKCNKFLSKTGISECLPRLT
CMIRGIGDPLVSVYARAYLCRVGMEVAPHLKETLNKNFFDFLLTFKQIHGDTVQNQLVVQGVELPSYLPLYPPAMDWIFQ
CISYHAPEALLTEMMERCKKLGNNALLLNSVMSAFRAEFIATRSMDFIGMIKECDESGFPKHLLFRSLGLNLALADPPES
DRLQILNEAWKVITKLKNPQDYINCAEVWVEYTCKHFTKREVNTVLADVIKHMTPDRAFEDSYPQLQLIIKKVIAHFHDF
SVLFSVEKFLPFLDMFQKESVRVEVCKCIMDAFIKHQQEPTKDPVILNALLHVCKTMHDSVNALTLEDEKRMLSYLINGF
IKMVSFGRDFEQQLSFYVESRSMFCNLEPVLVQLIHSVNRLAMETRKVMKGNHSRKTAAFVRACVAYCFITIPSLAGIFT
RLNLYLHSGQVALANQCLSQADAFFKAAISLVPEVPKMINIDGKMRPSESFLLEFLCNFFSTLLIVPDHPEHGVLFLVRE
LLNVIQDYTWEDNSDEKIRIYTCVLHLLSAMSQETYLYHIDKVDSNDSLYGGDSKFLAENNKLCETVMAQILEHLKTLAK
DEALKRQSSLGLSFFNSILAHGDLRNNKLNQLSVNLWHLAQRHGCADTRTMVKTLEYIKKQSKQPDMTHLTELALRLPLQ
TRT
;
O
#
# COMPACT_ATOMS: atom_id res chain seq x y z
N LEU A 309 5.69 101.81 -42.87
CA LEU A 309 6.11 101.09 -44.05
C LEU A 309 5.77 99.62 -43.92
N GLY A 310 4.86 99.16 -44.78
CA GLY A 310 4.28 97.84 -44.68
C GLY A 310 5.21 96.70 -44.97
N THR A 311 5.57 95.97 -43.93
CA THR A 311 6.68 95.03 -44.02
C THR A 311 6.46 93.93 -43.00
N SER A 312 6.86 92.71 -43.36
CA SER A 312 6.59 91.53 -42.56
C SER A 312 7.88 90.86 -42.13
N GLN A 313 7.83 90.28 -40.94
CA GLN A 313 8.93 89.45 -40.50
C GLN A 313 8.84 88.07 -41.10
N LEU A 314 7.63 87.60 -41.40
CA LEU A 314 7.47 86.28 -41.98
C LEU A 314 8.18 86.21 -43.32
N HIS A 315 8.16 87.30 -44.08
CA HIS A 315 8.96 87.33 -45.29
C HIS A 315 10.41 86.99 -44.96
N ARG A 316 11.00 87.70 -44.01
CA ARG A 316 12.38 87.46 -43.63
C ARG A 316 12.62 86.01 -43.20
N ARG A 317 11.83 85.55 -42.24
CA ARG A 317 12.07 84.25 -41.61
C ARG A 317 11.91 83.12 -42.60
N LYS A 318 10.79 83.10 -43.31
CA LYS A 318 10.56 81.99 -44.20
C LYS A 318 11.41 82.09 -45.47
N VAL A 319 11.80 83.30 -45.86
CA VAL A 319 12.83 83.44 -46.89
C VAL A 319 14.11 82.71 -46.49
N ILE A 320 14.57 82.92 -45.27
CA ILE A 320 15.81 82.24 -44.87
C ILE A 320 15.61 80.74 -44.83
N SER A 321 14.44 80.30 -44.34
CA SER A 321 14.15 78.87 -44.34
C SER A 321 14.18 78.32 -45.76
N LEU A 322 13.56 79.03 -46.69
CA LEU A 322 13.50 78.59 -48.07
C LEU A 322 14.88 78.49 -48.69
N ASN A 323 15.74 79.49 -48.46
CA ASN A 323 17.12 79.39 -48.95
C ASN A 323 17.84 78.18 -48.41
N LYS A 324 17.72 77.95 -47.10
CA LYS A 324 18.36 76.78 -46.50
C LYS A 324 17.87 75.49 -47.14
N GLN A 325 16.55 75.36 -47.27
CA GLN A 325 15.98 74.14 -47.85
C GLN A 325 16.38 73.98 -49.32
N ILE A 326 16.34 75.06 -50.10
CA ILE A 326 16.77 75.01 -51.49
C ILE A 326 18.18 74.46 -51.58
N ALA A 327 19.10 75.14 -50.90
CA ALA A 327 20.51 74.75 -50.93
C ALA A 327 20.71 73.30 -50.50
N GLN A 328 20.11 72.93 -49.37
CA GLN A 328 20.28 71.59 -48.83
C GLN A 328 19.76 70.54 -49.81
N LYS A 329 18.57 70.78 -50.35
CA LYS A 329 17.99 69.85 -51.31
C LYS A 329 18.84 69.77 -52.56
N THR A 330 19.37 70.91 -53.00
CA THR A 330 20.24 70.91 -54.17
C THR A 330 21.49 70.07 -53.94
N LYS A 331 22.08 70.18 -52.74
CA LYS A 331 23.23 69.35 -52.43
C LYS A 331 22.84 67.87 -52.42
N HIS A 332 21.67 67.57 -51.89
CA HIS A 332 21.18 66.20 -51.95
C HIS A 332 21.10 65.73 -53.39
N LEU A 333 20.59 66.60 -54.26
CA LEU A 333 20.59 66.36 -55.69
C LEU A 333 21.98 66.09 -56.24
N GLU A 334 22.95 66.90 -55.84
CA GLU A 334 24.30 66.74 -56.37
C GLU A 334 24.87 65.39 -55.98
N GLU A 335 24.73 65.02 -54.72
CA GLU A 335 25.26 63.72 -54.28
C GLU A 335 24.53 62.57 -54.96
N LEU A 336 23.21 62.67 -55.06
CA LEU A 336 22.45 61.60 -55.71
C LEU A 336 22.83 61.50 -57.18
N ARG A 337 23.04 62.64 -57.83
CA ARG A 337 23.46 62.68 -59.21
C ARG A 337 24.83 62.05 -59.38
N ALA A 338 25.76 62.40 -58.49
CA ALA A 338 27.07 61.77 -58.51
C ALA A 338 26.95 60.26 -58.39
N SER A 339 26.12 59.80 -57.48
CA SER A 339 25.90 58.37 -57.35
C SER A 339 25.33 57.79 -58.63
N HIS A 340 24.40 58.52 -59.25
CA HIS A 340 23.86 58.12 -60.53
C HIS A 340 24.95 57.98 -61.57
N THR A 341 25.81 58.98 -61.68
CA THR A 341 26.91 58.95 -62.63
C THR A 341 27.82 57.77 -62.38
N SER A 342 28.16 57.52 -61.11
CA SER A 342 29.05 56.41 -60.79
C SER A 342 28.43 55.09 -61.18
N LEU A 343 27.17 54.91 -60.82
CA LEU A 343 26.49 53.68 -61.21
C LEU A 343 26.34 53.58 -62.72
N GLN A 344 26.20 54.72 -63.40
CA GLN A 344 26.09 54.69 -64.85
C GLN A 344 27.36 54.13 -65.46
N ALA A 345 28.50 54.64 -65.01
CA ALA A 345 29.79 54.11 -65.46
C ALA A 345 29.90 52.64 -65.11
N ARG A 346 29.51 52.30 -63.89
CA ARG A 346 29.56 50.93 -63.39
C ARG A 346 28.73 49.98 -64.25
N TYR A 347 27.50 50.39 -64.53
CA TYR A 347 26.59 49.62 -65.36
C TYR A 347 27.11 49.48 -66.77
N ASN A 348 27.58 50.58 -67.33
CA ASN A 348 28.15 50.56 -68.66
C ASN A 348 29.35 49.64 -68.70
N GLU A 349 30.15 49.68 -67.64
CA GLU A 349 31.29 48.80 -67.50
C GLU A 349 30.84 47.35 -67.52
N ALA A 350 29.80 47.04 -66.76
CA ALA A 350 29.24 45.69 -66.78
C ALA A 350 28.87 45.32 -68.19
N LYS A 351 28.23 46.24 -68.91
CA LYS A 351 27.89 46.00 -70.30
C LYS A 351 29.12 45.67 -71.14
N LYS A 352 30.16 46.49 -71.01
CA LYS A 352 31.39 46.26 -71.75
C LYS A 352 31.95 44.88 -71.46
N THR A 353 32.05 44.55 -70.17
CA THR A 353 32.52 43.24 -69.76
C THR A 353 31.67 42.14 -70.36
N LEU A 354 30.35 42.37 -70.43
CA LEU A 354 29.44 41.41 -71.01
C LEU A 354 29.76 41.20 -72.48
N THR A 355 29.98 42.28 -73.20
CA THR A 355 30.36 42.20 -74.61
C THR A 355 31.66 41.44 -74.75
N GLU A 356 32.58 41.69 -73.84
CA GLU A 356 33.88 41.03 -73.86
C GLU A 356 33.75 39.53 -73.67
N LEU A 357 32.91 39.13 -72.71
CA LEU A 357 32.66 37.72 -72.48
C LEU A 357 31.97 37.09 -73.68
N LYS A 358 31.02 37.80 -74.29
CA LYS A 358 30.34 37.29 -75.48
C LYS A 358 31.33 37.06 -76.61
N THR A 359 32.24 38.00 -76.83
CA THR A 359 33.23 37.85 -77.89
C THR A 359 34.14 36.67 -77.62
N TYR A 360 34.64 36.57 -76.38
CA TYR A 360 35.48 35.43 -76.03
C TYR A 360 34.72 34.11 -76.15
N SER A 361 33.46 34.11 -75.75
CA SER A 361 32.61 32.94 -75.86
C SER A 361 32.43 32.54 -77.32
N GLU A 362 32.25 33.54 -78.18
CA GLU A 362 32.13 33.29 -79.61
C GLU A 362 33.41 32.68 -80.17
N LYS A 363 34.56 33.16 -79.69
CA LYS A 363 35.82 32.54 -80.09
C LYS A 363 35.86 31.09 -79.65
N LEU A 364 35.39 30.82 -78.44
CA LEU A 364 35.32 29.46 -77.96
C LEU A 364 34.41 28.62 -78.85
N ASP A 365 33.29 29.20 -79.27
CA ASP A 365 32.36 28.51 -80.15
C ASP A 365 33.00 28.19 -81.49
N LYS A 366 33.79 29.13 -82.01
CA LYS A 366 34.52 28.91 -83.24
C LYS A 366 35.49 27.76 -83.07
N GLU A 367 36.17 27.77 -81.93
CA GLU A 367 37.15 26.76 -81.57
C GLU A 367 36.51 25.39 -81.44
N GLN A 368 35.32 25.35 -80.84
CA GLN A 368 34.57 24.11 -80.70
C GLN A 368 34.13 23.57 -82.05
N ALA A 369 33.69 24.46 -82.95
CA ALA A 369 33.29 24.01 -84.28
C ALA A 369 34.48 23.41 -85.03
N ALA A 370 35.65 24.04 -84.94
CA ALA A 370 36.83 23.49 -85.59
C ALA A 370 37.25 22.15 -84.97
N LEU A 371 37.23 22.05 -83.65
CA LEU A 371 37.64 20.80 -83.00
C LEU A 371 36.68 19.68 -83.34
N GLU A 372 35.40 20.02 -83.46
CA GLU A 372 34.38 19.08 -83.90
C GLU A 372 34.59 18.67 -85.34
N LYS A 373 35.11 19.60 -86.15
CA LYS A 373 35.45 19.31 -87.53
C LYS A 373 36.53 18.24 -87.63
N ILE A 374 37.60 18.38 -86.83
CA ILE A 374 38.67 17.38 -86.84
C ILE A 374 38.16 16.02 -86.37
N GLU A 375 37.33 16.02 -85.35
CA GLU A 375 36.79 14.80 -84.77
C GLU A 375 35.97 13.99 -85.77
N SER A 376 35.36 14.64 -86.76
CA SER A 376 34.46 13.97 -87.70
C SER A 376 35.14 12.89 -88.52
N LYS A 377 36.47 12.86 -88.54
CA LYS A 377 37.23 12.01 -89.45
C LYS A 377 37.22 10.52 -89.08
N ALA A 378 36.59 10.11 -87.98
CA ALA A 378 36.71 8.74 -87.49
C ALA A 378 35.42 8.31 -86.81
N ASP A 379 35.37 7.05 -86.41
CA ASP A 379 34.19 6.47 -85.80
C ASP A 379 33.79 7.24 -84.56
N PRO A 380 32.60 7.85 -84.52
CA PRO A 380 32.20 8.59 -83.31
C PRO A 380 32.15 7.70 -82.09
N SER A 381 31.88 6.41 -82.29
CA SER A 381 31.81 5.48 -81.17
C SER A 381 33.15 5.42 -80.45
N ILE A 382 34.22 5.25 -81.22
CA ILE A 382 35.56 5.18 -80.66
C ILE A 382 35.90 6.45 -79.89
N LEU A 383 35.60 7.60 -80.51
CA LEU A 383 35.85 8.89 -79.87
C LEU A 383 35.09 9.00 -78.56
N GLN A 384 33.82 8.64 -78.59
CA GLN A 384 32.98 8.73 -77.39
C GLN A 384 33.54 7.86 -76.28
N ASN A 385 33.94 6.63 -76.61
CA ASN A 385 34.49 5.75 -75.59
C ASN A 385 35.75 6.34 -75.00
N LEU A 386 36.61 6.89 -75.84
CA LEU A 386 37.82 7.51 -75.34
C LEU A 386 37.51 8.68 -74.42
N ARG A 387 36.62 9.57 -74.85
CA ARG A 387 36.23 10.69 -74.01
C ARG A 387 35.72 10.22 -72.66
N ALA A 388 34.83 9.24 -72.69
CA ALA A 388 34.27 8.72 -71.44
C ALA A 388 35.39 8.26 -70.55
N LEU A 389 36.30 7.48 -71.11
CA LEU A 389 37.41 6.98 -70.34
C LEU A 389 38.25 8.11 -69.79
N VAL A 390 38.42 9.17 -70.58
CA VAL A 390 39.17 10.33 -70.15
C VAL A 390 38.53 10.94 -68.92
N ALA A 391 37.23 11.11 -68.99
CA ALA A 391 36.51 11.66 -67.84
C ALA A 391 36.64 10.74 -66.65
N MET A 392 36.56 9.44 -66.90
CA MET A 392 36.71 8.48 -65.83
C MET A 392 38.06 8.62 -65.14
N ASN A 393 39.11 8.68 -65.93
CA ASN A 393 40.44 8.79 -65.36
C ASN A 393 40.57 10.12 -64.63
N GLU A 394 40.01 11.16 -65.23
CA GLU A 394 40.04 12.48 -64.61
C GLU A 394 39.39 12.45 -63.24
N ASN A 395 38.20 11.87 -63.17
CA ASN A 395 37.48 11.78 -61.91
C ASN A 395 38.27 10.97 -60.91
N LEU A 396 38.90 9.89 -61.36
CA LEU A 396 39.66 9.07 -60.44
C LEU A 396 40.82 9.85 -59.86
N LYS A 397 41.56 10.52 -60.72
CA LYS A 397 42.64 11.35 -60.23
C LYS A 397 42.11 12.35 -59.21
N SER A 398 40.99 12.98 -59.53
CA SER A 398 40.44 13.98 -58.64
C SER A 398 40.07 13.41 -57.28
N GLN A 399 39.22 12.38 -57.24
CA GLN A 399 38.83 11.88 -55.92
C GLN A 399 39.99 11.23 -55.19
N GLU A 400 40.88 10.54 -55.90
CA GLU A 400 42.02 9.93 -55.23
C GLU A 400 42.95 10.97 -54.61
N GLN A 401 43.31 12.00 -55.38
CA GLN A 401 44.17 13.06 -54.87
C GLN A 401 43.52 13.77 -53.70
N GLU A 402 42.26 14.19 -53.90
CA GLU A 402 41.49 14.83 -52.87
C GLU A 402 41.45 13.96 -51.64
N PHE A 403 41.24 12.68 -51.85
CA PHE A 403 41.06 11.74 -50.78
C PHE A 403 42.34 11.56 -50.00
N LYS A 404 43.46 11.55 -50.70
CA LYS A 404 44.75 11.62 -50.04
C LYS A 404 44.77 12.80 -49.09
N ALA A 405 44.39 13.96 -49.62
CA ALA A 405 44.39 15.14 -48.80
C ALA A 405 43.49 14.95 -47.58
N HIS A 406 42.33 14.35 -47.79
CA HIS A 406 41.40 14.14 -46.69
C HIS A 406 41.90 13.07 -45.72
N CYS A 407 42.65 12.09 -46.21
CA CYS A 407 43.30 11.14 -45.31
C CYS A 407 44.19 11.87 -44.33
N ARG A 408 45.06 12.73 -44.85
CA ARG A 408 45.94 13.46 -43.96
C ARG A 408 45.12 14.34 -43.04
N GLU A 409 44.15 15.03 -43.63
CA GLU A 409 43.27 15.94 -42.91
C GLU A 409 42.60 15.26 -41.72
N GLU A 410 41.94 14.13 -41.98
CA GLU A 410 41.21 13.45 -40.93
C GLU A 410 42.14 12.78 -39.95
N MET A 411 43.32 12.34 -40.40
CA MET A 411 44.31 11.84 -39.47
C MET A 411 44.69 12.91 -38.47
N THR A 412 45.01 14.09 -38.97
CA THR A 412 45.31 15.22 -38.10
C THR A 412 44.15 15.52 -37.17
N ARG A 413 42.94 15.48 -37.71
CA ARG A 413 41.76 15.82 -36.91
C ARG A 413 41.58 14.87 -35.74
N LEU A 414 41.61 13.57 -36.01
CA LEU A 414 41.53 12.61 -34.92
C LEU A 414 42.72 12.73 -33.99
N GLN A 415 43.88 13.03 -34.54
CA GLN A 415 45.05 13.19 -33.70
C GLN A 415 44.81 14.30 -32.71
N GLN A 416 44.19 15.36 -33.18
CA GLN A 416 43.87 16.50 -32.36
C GLN A 416 42.80 16.15 -31.33
N GLU A 417 41.81 15.38 -31.76
CA GLU A 417 40.71 14.98 -30.88
C GLU A 417 41.23 14.11 -29.74
N ILE A 418 42.12 13.19 -30.07
CA ILE A 418 42.76 12.37 -29.06
C ILE A 418 43.63 13.23 -28.15
N GLU A 419 44.36 14.19 -28.74
CA GLU A 419 45.11 15.14 -27.93
C GLU A 419 44.22 15.86 -26.94
N ASN A 420 42.96 16.09 -27.31
CA ASN A 420 41.98 16.59 -26.36
C ASN A 420 41.77 15.60 -25.24
N LEU A 421 41.35 14.40 -25.59
CA LEU A 421 41.04 13.40 -24.56
C LEU A 421 42.24 13.14 -23.64
N LYS A 422 43.45 13.35 -24.15
CA LYS A 422 44.64 13.22 -23.32
C LYS A 422 44.76 14.42 -22.38
N ALA A 423 44.80 15.63 -22.93
CA ALA A 423 44.92 16.81 -22.09
C ALA A 423 43.77 16.87 -21.10
N GLU A 424 42.64 16.28 -21.47
CA GLU A 424 41.54 16.12 -20.54
C GLU A 424 41.97 15.30 -19.32
N ARG A 425 42.99 14.47 -19.47
CA ARG A 425 43.30 13.50 -18.44
C ARG A 425 44.79 13.32 -18.19
N ALA A 426 45.67 13.91 -19.00
CA ALA A 426 47.10 13.63 -18.92
C ALA A 426 47.72 14.29 -17.70
N ALA A 446 40.98 14.08 -9.03
CA ALA A 446 39.84 13.28 -8.59
C ALA A 446 40.31 12.00 -7.90
N MET A 447 41.40 11.42 -8.42
CA MET A 447 41.96 10.23 -7.81
C MET A 447 42.58 10.53 -6.47
N THR A 448 43.46 11.53 -6.41
CA THR A 448 44.04 11.91 -5.12
C THR A 448 42.94 12.43 -4.21
N HIS A 449 42.02 13.19 -4.80
CA HIS A 449 40.78 13.56 -4.14
C HIS A 449 40.08 12.32 -3.61
N ASP A 450 39.90 11.31 -4.47
CA ASP A 450 39.20 10.10 -4.06
C ASP A 450 39.88 9.43 -2.87
N GLU A 451 41.21 9.36 -2.88
CA GLU A 451 41.95 8.82 -1.75
C GLU A 451 41.68 9.60 -0.48
N ASP A 452 41.79 10.92 -0.57
CA ASP A 452 41.62 11.73 0.62
C ASP A 452 40.19 11.65 1.12
N LEU A 453 39.25 11.50 0.20
CA LEU A 453 37.85 11.27 0.54
C LEU A 453 37.66 9.96 1.26
N ASP A 454 38.34 8.91 0.79
CA ASP A 454 38.34 7.64 1.50
C ASP A 454 38.85 7.81 2.92
N ARG A 455 39.97 8.52 3.07
CA ARG A 455 40.53 8.76 4.40
C ARG A 455 39.52 9.44 5.31
N ARG A 456 38.91 10.52 4.81
CA ARG A 456 37.93 11.28 5.57
C ARG A 456 36.76 10.39 5.97
N TYR A 457 36.31 9.62 5.00
CA TYR A 457 35.22 8.67 5.14
C TYR A 457 35.52 7.65 6.22
N ASN A 458 36.74 7.14 6.22
CA ASN A 458 37.15 6.17 7.22
C ASN A 458 37.17 6.80 8.60
N MET A 459 37.65 8.03 8.68
CA MET A 459 37.67 8.75 9.94
C MET A 459 36.26 8.92 10.50
N GLU A 460 35.32 9.29 9.64
CA GLU A 460 33.93 9.43 10.06
C GLU A 460 33.35 8.12 10.58
N LYS A 461 33.52 7.04 9.82
CA LYS A 461 33.06 5.75 10.30
C LYS A 461 33.70 5.41 11.65
N GLU A 462 34.98 5.73 11.82
CA GLU A 462 35.69 5.33 13.03
C GLU A 462 35.18 6.06 14.26
N LYS A 463 35.09 7.39 14.17
CA LYS A 463 34.53 8.10 15.30
C LYS A 463 33.08 7.72 15.48
N LEU A 464 32.38 7.42 14.39
CA LEU A 464 31.02 6.95 14.49
C LEU A 464 30.93 5.67 15.30
N TYR A 465 31.89 4.76 15.14
CA TYR A 465 31.88 3.54 15.93
C TYR A 465 32.14 3.85 17.39
N LYS A 466 33.07 4.73 17.67
CA LYS A 466 33.35 5.04 19.07
C LYS A 466 32.16 5.76 19.69
N ILE A 467 31.51 6.59 18.90
CA ILE A 467 30.27 7.22 19.30
C ILE A 467 29.24 6.16 19.62
N ARG A 468 29.11 5.18 18.75
CA ARG A 468 28.18 4.09 18.98
C ARG A 468 28.53 3.33 20.24
N LEU A 469 29.81 3.24 20.57
CA LEU A 469 30.20 2.70 21.86
C LEU A 469 29.57 3.49 22.99
N LEU A 470 29.71 4.82 22.94
CA LEU A 470 29.10 5.63 23.99
C LEU A 470 27.59 5.46 23.99
N GLN A 471 26.99 5.36 22.81
CA GLN A 471 25.55 5.13 22.71
C GLN A 471 25.15 3.87 23.44
N ALA A 472 25.82 2.77 23.13
CA ALA A 472 25.51 1.51 23.78
C ALA A 472 25.65 1.65 25.29
N ARG A 473 26.74 2.24 25.75
CA ARG A 473 26.95 2.38 27.18
C ARG A 473 25.85 3.20 27.83
N ARG A 474 25.57 4.34 27.25
CA ARG A 474 24.52 5.20 27.76
C ARG A 474 23.21 4.45 27.76
N ASN A 475 22.95 3.72 26.70
CA ASN A 475 21.75 2.92 26.59
C ASN A 475 21.69 1.87 27.69
N ARG A 476 22.85 1.31 28.03
CA ARG A 476 22.90 0.35 29.13
C ARG A 476 22.40 1.02 30.38
N GLU A 477 22.92 2.21 30.64
CA GLU A 477 22.47 2.98 31.78
C GLU A 477 20.98 3.25 31.69
N ILE A 478 20.51 3.57 30.49
CA ILE A 478 19.11 3.89 30.27
C ILE A 478 18.25 2.73 30.73
N ALA A 479 18.59 1.54 30.26
CA ALA A 479 17.84 0.36 30.62
C ALA A 479 17.94 0.10 32.11
N ILE A 480 19.12 0.28 32.68
CA ILE A 480 19.31 -0.01 34.09
C ILE A 480 18.42 0.87 34.94
N LEU A 481 18.49 2.16 34.67
CA LEU A 481 17.70 3.12 35.41
C LEU A 481 16.21 2.95 35.16
N HIS A 482 15.83 2.67 33.91
CA HIS A 482 14.42 2.41 33.64
C HIS A 482 13.90 1.25 34.46
N ARG A 483 14.59 0.12 34.40
CA ARG A 483 14.15 -1.03 35.15
C ARG A 483 14.11 -0.70 36.63
N LYS A 484 15.10 0.01 37.11
CA LYS A 484 15.10 0.39 38.50
C LYS A 484 13.87 1.23 38.85
N ILE A 485 13.49 2.16 37.99
CA ILE A 485 12.27 2.89 38.23
C ILE A 485 11.12 1.94 38.37
N ASP A 486 10.97 1.12 37.38
CA ASP A 486 9.74 0.42 37.11
C ASP A 486 9.54 -0.80 37.99
N GLU A 487 10.63 -1.36 38.51
CA GLU A 487 10.56 -2.51 39.39
C GLU A 487 9.66 -2.26 40.58
N VAL A 488 9.60 -1.03 41.05
CA VAL A 488 8.67 -0.60 42.10
C VAL A 488 7.54 0.16 41.45
N PRO A 489 6.49 -0.52 40.99
CA PRO A 489 5.44 0.15 40.22
C PRO A 489 4.71 1.23 41.01
N SER A 490 4.08 2.13 40.25
CA SER A 490 3.33 3.25 40.82
C SER A 490 2.18 2.80 41.68
N ARG A 491 1.94 3.55 42.75
CA ARG A 491 0.74 3.34 43.54
C ARG A 491 -0.45 3.20 42.60
N ALA A 492 -0.50 4.04 41.57
CA ALA A 492 -1.51 3.91 40.55
C ALA A 492 -1.56 2.48 40.05
N GLU A 493 -0.40 1.92 39.76
CA GLU A 493 -0.36 0.54 39.31
C GLU A 493 -0.94 -0.39 40.36
N LEU A 494 -0.55 -0.17 41.60
CA LEU A 494 -1.06 -0.99 42.68
C LEU A 494 -2.58 -1.01 42.68
N ILE A 495 -3.18 0.06 42.18
CA ILE A 495 -4.63 0.16 42.24
C ILE A 495 -5.28 -1.03 41.59
N GLN A 496 -4.87 -1.27 40.38
CA GLN A 496 -5.46 -2.36 39.65
C GLN A 496 -5.06 -3.65 40.28
N TYR A 497 -3.84 -3.66 40.79
CA TYR A 497 -3.35 -4.85 41.46
C TYR A 497 -4.34 -5.32 42.50
N GLN A 498 -4.68 -4.45 43.43
CA GLN A 498 -5.45 -4.93 44.55
C GLN A 498 -6.87 -5.30 44.16
N LYS A 499 -7.53 -4.46 43.37
CA LYS A 499 -8.86 -4.84 42.94
C LYS A 499 -8.83 -6.21 42.28
N ARG A 500 -7.79 -6.47 41.51
CA ARG A 500 -7.64 -7.81 40.99
C ARG A 500 -7.62 -8.79 42.13
N PHE A 501 -6.77 -8.55 43.09
CA PHE A 501 -6.66 -9.45 44.22
C PHE A 501 -8.02 -9.69 44.82
N ILE A 502 -8.82 -8.65 44.80
CA ILE A 502 -10.09 -8.70 45.48
C ILE A 502 -11.02 -9.66 44.77
N GLU A 503 -11.14 -9.49 43.47
CA GLU A 503 -11.91 -10.47 42.73
C GLU A 503 -11.32 -11.84 42.94
N LEU A 504 -10.00 -11.90 42.99
CA LEU A 504 -9.34 -13.17 43.14
C LEU A 504 -9.76 -13.87 44.42
N TYR A 505 -9.84 -13.14 45.51
CA TYR A 505 -10.33 -13.76 46.74
C TYR A 505 -11.75 -14.21 46.54
N ARG A 506 -12.56 -13.34 45.95
CA ARG A 506 -13.95 -13.69 45.69
C ARG A 506 -14.03 -15.01 44.96
N GLN A 507 -13.19 -15.16 43.96
CA GLN A 507 -13.17 -16.36 43.17
C GLN A 507 -12.72 -17.52 44.00
N ILE A 508 -11.64 -17.31 44.73
CA ILE A 508 -11.08 -18.36 45.58
C ILE A 508 -12.20 -18.99 46.37
N SER A 509 -12.91 -18.14 47.07
CA SER A 509 -13.96 -18.62 47.92
C SER A 509 -15.04 -19.29 47.11
N ALA A 510 -15.56 -18.55 46.13
CA ALA A 510 -16.72 -19.04 45.43
C ALA A 510 -16.41 -20.38 44.83
N VAL A 511 -15.33 -20.43 44.11
CA VAL A 511 -14.93 -21.64 43.44
C VAL A 511 -14.77 -22.77 44.41
N HIS A 512 -13.98 -22.55 45.45
CA HIS A 512 -13.63 -23.68 46.28
C HIS A 512 -14.86 -24.22 46.96
N LYS A 513 -15.74 -23.34 47.39
CA LYS A 513 -16.95 -23.80 48.06
C LYS A 513 -17.83 -24.54 47.08
N GLU A 514 -17.98 -24.00 45.88
CA GLU A 514 -18.70 -24.70 44.84
C GLU A 514 -18.16 -26.08 44.75
N THR A 515 -16.86 -26.12 44.66
CA THR A 515 -16.11 -27.32 44.39
C THR A 515 -16.41 -28.39 45.41
N LYS A 516 -16.29 -28.04 46.68
CA LYS A 516 -16.44 -29.04 47.71
C LYS A 516 -17.90 -29.44 47.87
N GLN A 517 -18.80 -28.51 47.61
CA GLN A 517 -20.20 -28.86 47.66
C GLN A 517 -20.55 -29.81 46.54
N PHE A 518 -19.97 -29.62 45.38
CA PHE A 518 -20.18 -30.59 44.33
C PHE A 518 -19.48 -31.90 44.64
N PHE A 519 -18.40 -31.82 45.38
CA PHE A 519 -17.80 -33.04 45.91
C PHE A 519 -18.78 -33.77 46.80
N THR A 520 -19.53 -33.02 47.58
CA THR A 520 -20.60 -33.63 48.35
C THR A 520 -21.65 -34.23 47.44
N LEU A 521 -21.98 -33.51 46.38
CA LEU A 521 -22.88 -34.03 45.37
C LEU A 521 -22.37 -35.36 44.82
N TYR A 522 -21.08 -35.42 44.58
CA TYR A 522 -20.42 -36.65 44.18
C TYR A 522 -20.65 -37.74 45.20
N ASN A 523 -20.44 -37.42 46.47
CA ASN A 523 -20.66 -38.40 47.51
C ASN A 523 -22.08 -38.92 47.42
N THR A 524 -23.00 -38.03 47.11
CA THR A 524 -24.41 -38.38 47.05
C THR A 524 -24.70 -39.36 45.93
N LEU A 525 -24.28 -39.01 44.73
CA LEU A 525 -24.59 -39.84 43.60
C LEU A 525 -23.80 -41.11 43.66
N ASP A 526 -22.61 -41.03 44.24
CA ASP A 526 -21.78 -42.18 44.49
C ASP A 526 -22.51 -43.17 45.37
N ASP A 527 -23.04 -42.70 46.48
CA ASP A 527 -23.74 -43.59 47.39
C ASP A 527 -24.99 -44.14 46.74
N LYS A 528 -25.68 -43.31 45.96
CA LYS A 528 -26.86 -43.77 45.24
C LYS A 528 -26.53 -44.89 44.27
N LYS A 529 -25.44 -44.76 43.53
CA LYS A 529 -25.03 -45.82 42.63
C LYS A 529 -24.63 -47.08 43.40
N VAL A 530 -23.89 -46.92 44.48
CA VAL A 530 -23.43 -48.08 45.25
C VAL A 530 -24.59 -48.93 45.70
N TYR A 531 -25.59 -48.30 46.30
CA TYR A 531 -26.73 -49.08 46.74
C TYR A 531 -27.64 -49.51 45.60
N LEU A 532 -27.71 -48.77 44.49
CA LEU A 532 -28.38 -49.34 43.33
C LEU A 532 -27.76 -50.67 42.96
N GLU A 533 -26.44 -50.70 42.88
CA GLU A 533 -25.73 -51.94 42.54
C GLU A 533 -26.01 -53.03 43.56
N LYS A 534 -25.83 -52.71 44.84
CA LYS A 534 -26.03 -53.70 45.89
C LYS A 534 -27.47 -54.19 45.90
N GLU A 535 -28.40 -53.27 45.69
CA GLU A 535 -29.82 -53.58 45.67
C GLU A 535 -30.15 -54.56 44.54
N ILE A 536 -29.71 -54.24 43.32
CA ILE A 536 -30.01 -55.12 42.20
C ILE A 536 -29.39 -56.48 42.43
N SER A 537 -28.14 -56.49 42.88
CA SER A 537 -27.43 -57.74 43.10
C SER A 537 -28.12 -58.60 44.14
N LEU A 538 -28.40 -58.02 45.30
CA LEU A 538 -29.05 -58.78 46.36
C LEU A 538 -30.43 -59.21 45.91
N LEU A 539 -31.13 -58.34 45.18
CA LEU A 539 -32.46 -58.68 44.69
C LEU A 539 -32.40 -59.90 43.81
N ASN A 540 -31.50 -59.91 42.85
CA ASN A 540 -31.45 -61.05 41.94
C ASN A 540 -31.00 -62.31 42.67
N SER A 541 -30.02 -62.17 43.56
CA SER A 541 -29.56 -63.30 44.34
C SER A 541 -30.68 -63.89 45.17
N ILE A 542 -31.39 -63.05 45.89
CA ILE A 542 -32.44 -63.52 46.77
C ILE A 542 -33.62 -64.00 45.96
N HIS A 543 -33.85 -63.42 44.78
CA HIS A 543 -34.84 -63.92 43.86
C HIS A 543 -34.58 -65.37 43.51
N GLU A 544 -33.34 -65.66 43.14
CA GLU A 544 -33.01 -67.03 42.79
C GLU A 544 -33.02 -67.94 44.02
N ASN A 545 -32.61 -67.42 45.17
CA ASN A 545 -32.64 -68.23 46.39
C ASN A 545 -34.06 -68.53 46.81
N PHE A 546 -34.97 -67.58 46.60
CA PHE A 546 -36.40 -67.83 46.74
C PHE A 546 -36.82 -68.95 45.80
N SER A 547 -36.46 -68.82 44.52
CA SER A 547 -36.88 -69.82 43.54
C SER A 547 -36.40 -71.21 43.94
N GLN A 548 -35.15 -71.31 44.37
CA GLN A 548 -34.63 -72.58 44.90
C GLN A 548 -35.37 -73.01 46.16
N ALA A 549 -35.52 -72.10 47.13
CA ALA A 549 -36.08 -72.46 48.43
C ALA A 549 -37.56 -72.82 48.34
N MET A 550 -38.35 -72.05 47.59
CA MET A 550 -39.78 -72.31 47.48
C MET A 550 -40.07 -73.73 47.00
N ALA A 551 -39.13 -74.33 46.27
CA ALA A 551 -39.28 -75.71 45.82
C ALA A 551 -39.62 -76.67 46.95
N SER A 552 -39.13 -76.41 48.16
CA SER A 552 -39.47 -77.26 49.28
C SER A 552 -39.94 -76.41 50.45
N PRO A 553 -40.96 -76.86 51.18
CA PRO A 553 -41.45 -76.07 52.32
C PRO A 553 -40.37 -75.77 53.34
N ALA A 554 -39.51 -76.75 53.64
CA ALA A 554 -38.47 -76.53 54.64
C ALA A 554 -37.48 -75.45 54.19
N ALA A 555 -36.98 -75.56 52.95
CA ALA A 555 -36.05 -74.56 52.44
C ALA A 555 -36.73 -73.21 52.20
N ARG A 556 -38.00 -73.23 51.81
CA ARG A 556 -38.78 -72.00 51.72
C ARG A 556 -38.84 -71.27 53.05
N ASP A 557 -39.19 -71.99 54.12
CA ASP A 557 -39.21 -71.39 55.45
C ASP A 557 -37.81 -70.96 55.89
N GLN A 558 -36.80 -71.75 55.53
CA GLN A 558 -35.43 -71.36 55.80
C GLN A 558 -35.09 -70.07 55.09
N PHE A 559 -35.62 -69.89 53.89
CA PHE A 559 -35.48 -68.63 53.17
C PHE A 559 -36.24 -67.53 53.87
N LEU A 560 -37.37 -67.84 54.49
CA LEU A 560 -38.08 -66.84 55.28
C LEU A 560 -37.21 -66.35 56.44
N ARG A 561 -36.60 -67.27 57.16
CA ARG A 561 -35.76 -66.88 58.30
C ARG A 561 -34.48 -66.18 57.86
N GLN A 562 -33.79 -66.74 56.87
CA GLN A 562 -32.56 -66.12 56.38
C GLN A 562 -32.83 -64.76 55.77
N MET A 563 -33.94 -64.61 55.05
CA MET A 563 -34.29 -63.29 54.52
C MET A 563 -34.67 -62.33 55.63
N GLU A 564 -35.30 -62.81 56.70
CA GLU A 564 -35.52 -61.93 57.83
C GLU A 564 -34.19 -61.50 58.43
N GLN A 565 -33.19 -62.36 58.35
CA GLN A 565 -31.85 -61.99 58.79
C GLN A 565 -31.20 -60.98 57.84
N ILE A 566 -31.45 -61.15 56.54
CA ILE A 566 -30.87 -60.23 55.55
C ILE A 566 -31.52 -58.86 55.65
N VAL A 567 -32.84 -58.83 55.71
CA VAL A 567 -33.56 -57.58 55.97
C VAL A 567 -33.17 -57.02 57.33
N GLU A 568 -32.85 -57.89 58.30
CA GLU A 568 -32.33 -57.39 59.58
C GLU A 568 -31.02 -56.65 59.41
N GLY A 569 -30.09 -57.20 58.64
CA GLY A 569 -28.85 -56.50 58.38
C GLY A 569 -29.08 -55.23 57.58
N ILE A 570 -29.99 -55.30 56.64
CA ILE A 570 -30.39 -54.13 55.86
C ILE A 570 -30.96 -53.06 56.77
N LYS A 571 -31.86 -53.44 57.66
CA LYS A 571 -32.44 -52.53 58.62
C LYS A 571 -31.38 -52.00 59.57
N GLN A 572 -30.37 -52.82 59.87
CA GLN A 572 -29.24 -52.34 60.63
C GLN A 572 -28.50 -51.25 59.88
N SER A 573 -28.36 -51.41 58.57
CA SER A 573 -27.78 -50.36 57.76
C SER A 573 -28.66 -49.11 57.76
N ARG A 574 -29.96 -49.33 57.64
CA ARG A 574 -30.93 -48.25 57.73
C ARG A 574 -30.81 -47.52 59.06
N MET A 575 -30.73 -48.28 60.14
CA MET A 575 -30.69 -47.73 61.49
C MET A 575 -29.36 -47.05 61.75
N LYS A 576 -28.28 -47.55 61.17
CA LYS A 576 -27.01 -46.86 61.25
C LYS A 576 -27.05 -45.54 60.51
N MET A 577 -27.68 -45.53 59.34
CA MET A 577 -27.85 -44.28 58.62
C MET A 577 -28.76 -43.31 59.36
N GLU A 578 -29.84 -43.82 59.93
CA GLU A 578 -30.73 -43.00 60.75
C GLU A 578 -30.01 -42.46 61.96
N LYS A 579 -29.21 -43.29 62.62
CA LYS A 579 -28.39 -42.82 63.72
C LYS A 579 -27.47 -41.71 63.28
N LYS A 580 -26.83 -41.87 62.14
CA LYS A 580 -26.02 -40.77 61.60
C LYS A 580 -26.87 -39.56 61.34
N LYS A 581 -28.06 -39.75 60.77
CA LYS A 581 -28.99 -38.66 60.55
C LYS A 581 -29.28 -37.93 61.85
N GLN A 582 -29.54 -38.68 62.91
CA GLN A 582 -29.87 -38.08 64.18
C GLN A 582 -28.68 -37.35 64.78
N GLU A 583 -27.51 -37.95 64.71
CA GLU A 583 -26.31 -37.31 65.23
C GLU A 583 -26.01 -36.01 64.49
N ASN A 584 -26.03 -36.06 63.17
CA ASN A 584 -25.83 -34.85 62.38
C ASN A 584 -26.95 -33.87 62.64
N LYS A 585 -28.15 -34.39 62.84
CA LYS A 585 -29.28 -33.57 63.20
C LYS A 585 -29.05 -32.88 64.52
N MET A 586 -28.44 -33.59 65.46
CA MET A 586 -28.14 -33.00 66.75
C MET A 586 -27.11 -31.91 66.61
N ARG A 587 -26.05 -32.20 65.87
CA ARG A 587 -25.07 -31.16 65.58
C ARG A 587 -25.74 -29.97 64.92
N ARG A 588 -26.55 -30.24 63.90
CA ARG A 588 -27.26 -29.21 63.18
C ARG A 588 -28.17 -28.41 64.09
N ASP A 589 -28.88 -29.10 64.96
CA ASP A 589 -29.74 -28.43 65.90
C ASP A 589 -28.95 -27.53 66.82
N GLN A 590 -27.91 -28.07 67.43
CA GLN A 590 -27.12 -27.31 68.38
C GLN A 590 -26.50 -26.08 67.73
N LEU A 591 -25.87 -26.28 66.58
CA LEU A 591 -25.27 -25.16 65.88
C LEU A 591 -26.30 -24.17 65.40
N ASN A 592 -27.41 -24.66 64.87
CA ASN A 592 -28.48 -23.79 64.40
C ASN A 592 -29.02 -22.96 65.53
N ASP A 593 -29.24 -23.59 66.67
CA ASP A 593 -29.74 -22.90 67.82
C ASP A 593 -28.75 -21.86 68.29
N GLN A 594 -27.48 -22.24 68.37
CA GLN A 594 -26.43 -21.28 68.69
C GLN A 594 -26.45 -20.14 67.70
N TYR A 595 -26.67 -20.46 66.45
CA TYR A 595 -26.76 -19.47 65.40
C TYR A 595 -27.90 -18.52 65.65
N LEU A 596 -29.05 -19.04 65.98
CA LEU A 596 -30.19 -18.21 66.27
C LEU A 596 -29.96 -17.39 67.52
N GLU A 597 -29.33 -17.99 68.51
CA GLU A 597 -28.99 -17.29 69.73
C GLU A 597 -28.15 -16.09 69.39
N LEU A 598 -27.10 -16.35 68.64
CA LEU A 598 -26.17 -15.35 68.19
C LEU A 598 -26.86 -14.34 67.32
N LEU A 599 -27.87 -14.76 66.58
CA LEU A 599 -28.57 -13.83 65.73
C LEU A 599 -29.31 -12.83 66.60
N GLU A 600 -30.04 -13.36 67.55
CA GLU A 600 -30.79 -12.53 68.46
C GLU A 600 -29.85 -11.67 69.27
N LYS A 601 -28.73 -12.23 69.68
CA LYS A 601 -27.74 -11.47 70.41
C LYS A 601 -27.13 -10.39 69.55
N GLN A 602 -26.76 -10.69 68.32
CA GLN A 602 -26.26 -9.68 67.43
C GLN A 602 -27.26 -8.56 67.27
N ARG A 603 -28.53 -8.92 67.21
CA ARG A 603 -29.60 -7.94 67.23
C ARG A 603 -29.56 -7.13 68.52
N LEU A 604 -29.40 -7.79 69.66
CA LEU A 604 -29.18 -7.09 70.93
C LEU A 604 -27.98 -6.16 70.87
N TYR A 605 -26.93 -6.56 70.19
CA TYR A 605 -25.72 -5.76 70.19
C TYR A 605 -25.91 -4.52 69.35
N PHE A 606 -26.61 -4.66 68.23
CA PHE A 606 -26.99 -3.50 67.44
C PHE A 606 -28.01 -2.65 68.16
N LYS A 607 -28.92 -3.29 68.86
CA LYS A 607 -29.81 -2.57 69.75
C LYS A 607 -29.05 -1.80 70.80
N THR A 608 -28.09 -2.46 71.43
CA THR A 608 -27.29 -1.82 72.46
C THR A 608 -26.42 -0.77 71.84
N VAL A 609 -26.04 -0.98 70.60
CA VAL A 609 -25.45 0.07 69.79
C VAL A 609 -26.36 1.28 69.75
N LYS A 610 -27.63 1.03 69.44
CA LYS A 610 -28.59 2.11 69.44
C LYS A 610 -28.76 2.70 70.82
N GLU A 611 -28.79 1.84 71.84
CA GLU A 611 -28.92 2.29 73.22
C GLU A 611 -27.80 3.21 73.58
N PHE A 612 -26.58 2.82 73.27
CA PHE A 612 -25.44 3.68 73.47
C PHE A 612 -25.57 4.98 72.69
N LYS A 613 -25.99 4.90 71.44
CA LYS A 613 -26.10 6.14 70.68
C LYS A 613 -27.14 7.05 71.28
N GLU A 614 -28.20 6.46 71.79
CA GLU A 614 -29.16 7.20 72.60
C GLU A 614 -28.47 7.77 73.82
N GLU A 615 -27.58 6.99 74.43
CA GLU A 615 -26.83 7.48 75.56
C GLU A 615 -25.93 8.64 75.17
N GLY A 616 -25.44 8.62 73.94
CA GLY A 616 -24.63 9.73 73.45
C GLY A 616 -25.47 10.96 73.18
N ARG A 617 -26.60 10.76 72.51
CA ARG A 617 -27.53 11.86 72.27
C ARG A 617 -27.98 12.49 73.58
N LYS A 618 -28.47 11.67 74.50
CA LYS A 618 -28.75 12.11 75.85
C LYS A 618 -27.55 12.78 76.46
N ASN A 619 -26.38 12.18 76.26
CA ASN A 619 -25.15 12.73 76.78
C ASN A 619 -24.93 14.14 76.30
N GLU A 620 -25.02 14.35 75.01
CA GLU A 620 -24.73 15.65 74.42
C GLU A 620 -25.80 16.67 74.75
N MET A 621 -27.05 16.24 74.84
CA MET A 621 -28.11 17.12 75.30
C MET A 621 -27.85 17.59 76.72
N LEU A 622 -27.52 16.63 77.58
CA LEU A 622 -27.13 16.94 78.93
C LEU A 622 -25.92 17.84 78.94
N LEU A 623 -24.99 17.58 78.04
CA LEU A 623 -23.82 18.42 77.89
C LEU A 623 -24.19 19.84 77.54
N SER A 624 -25.18 20.02 76.67
CA SER A 624 -25.62 21.37 76.34
C SER A 624 -26.14 22.05 77.59
N LYS A 625 -26.98 21.33 78.32
CA LYS A 625 -27.50 21.81 79.58
C LYS A 625 -26.38 22.11 80.57
N VAL A 626 -25.44 21.17 80.71
CA VAL A 626 -24.35 21.26 81.67
C VAL A 626 -23.46 22.44 81.36
N LYS A 627 -23.07 22.59 80.10
CA LYS A 627 -22.19 23.70 79.76
C LYS A 627 -22.91 25.02 79.99
N ALA A 628 -24.17 25.11 79.58
CA ALA A 628 -24.90 26.35 79.83
C ALA A 628 -25.02 26.63 81.33
N LYS A 629 -25.35 25.60 82.10
CA LYS A 629 -25.59 25.75 83.53
C LYS A 629 -24.30 25.96 84.32
N ALA A 630 -23.36 25.03 84.17
CA ALA A 630 -22.14 25.04 84.97
C ALA A 630 -21.14 26.06 84.45
N SER A 631 -20.96 26.13 83.14
CA SER A 631 -19.85 26.90 82.59
C SER A 631 -20.13 28.39 82.76
N MET B 1 -7.93 -11.90 53.90
CA MET B 1 -7.70 -11.40 52.57
C MET B 1 -6.30 -10.80 52.49
N GLU B 2 -5.30 -11.67 52.64
CA GLU B 2 -3.96 -11.18 52.92
C GLU B 2 -3.44 -10.23 51.88
N GLU B 3 -3.86 -10.40 50.63
CA GLU B 3 -3.51 -9.40 49.64
C GLU B 3 -4.04 -8.04 50.05
N ALA B 4 -5.29 -8.00 50.46
CA ALA B 4 -5.80 -6.75 51.01
C ALA B 4 -4.98 -6.31 52.20
N ASP B 5 -4.46 -7.24 52.98
CA ASP B 5 -3.55 -6.82 54.04
C ASP B 5 -2.34 -6.09 53.46
N ARG B 6 -1.92 -6.52 52.30
CA ARG B 6 -0.87 -5.78 51.63
C ARG B 6 -1.39 -4.41 51.22
N ILE B 7 -2.66 -4.30 50.84
CA ILE B 7 -3.24 -2.97 50.68
C ILE B 7 -3.19 -2.17 51.95
N LEU B 8 -3.33 -2.81 53.10
CA LEU B 8 -3.16 -2.07 54.34
C LEU B 8 -1.81 -1.44 54.34
N ILE B 9 -0.80 -2.24 54.05
CA ILE B 9 0.55 -1.72 54.03
C ILE B 9 0.62 -0.55 53.08
N HIS B 10 0.00 -0.72 51.93
CA HIS B 10 -0.06 0.32 50.92
C HIS B 10 -0.67 1.58 51.49
N SER B 11 -1.78 1.42 52.18
CA SER B 11 -2.51 2.54 52.72
C SER B 11 -1.73 3.24 53.80
N LEU B 12 -1.06 2.47 54.63
CA LEU B 12 -0.22 3.04 55.67
C LEU B 12 0.92 3.85 55.09
N ARG B 13 1.56 3.29 54.07
CA ARG B 13 2.65 3.99 53.40
C ARG B 13 2.17 5.28 52.77
N GLN B 14 1.05 5.23 52.05
CA GLN B 14 0.52 6.44 51.45
C GLN B 14 0.10 7.47 52.49
N ALA B 15 -0.46 7.01 53.60
CA ALA B 15 -0.89 7.90 54.68
C ALA B 15 0.27 8.47 55.45
N GLY B 16 1.36 7.73 55.53
CA GLY B 16 2.40 8.06 56.47
C GLY B 16 2.12 7.58 57.86
N THR B 17 1.00 6.90 58.08
CA THR B 17 0.87 6.08 59.26
C THR B 17 1.86 4.93 59.17
N ALA B 18 2.51 4.65 60.29
CA ALA B 18 3.41 3.53 60.35
C ALA B 18 2.68 2.21 60.12
N VAL B 19 3.47 1.15 59.95
CA VAL B 19 3.00 -0.21 60.04
C VAL B 19 3.73 -0.83 61.22
N PRO B 20 3.25 -0.66 62.43
CA PRO B 20 3.89 -1.34 63.56
C PRO B 20 3.85 -2.84 63.35
N PRO B 21 4.67 -3.59 64.08
CA PRO B 21 5.08 -4.90 63.56
C PRO B 21 3.95 -5.89 63.35
N ASP B 22 3.06 -6.04 64.33
CA ASP B 22 1.93 -6.92 64.18
C ASP B 22 0.76 -6.22 63.51
N VAL B 23 0.94 -4.96 63.14
CA VAL B 23 -0.10 -4.18 62.49
C VAL B 23 -0.13 -4.56 61.03
N GLN B 24 -0.16 -5.85 60.78
CA GLN B 24 -0.27 -6.36 59.43
C GLN B 24 -1.71 -6.66 59.05
N THR B 25 -2.67 -6.48 59.96
CA THR B 25 -4.07 -6.73 59.68
C THR B 25 -4.92 -5.69 60.36
N LEU B 26 -6.13 -5.54 59.85
CA LEU B 26 -7.12 -4.75 60.55
C LEU B 26 -7.30 -5.23 61.96
N ARG B 27 -7.11 -6.54 62.19
CA ARG B 27 -7.33 -7.10 63.51
C ARG B 27 -6.56 -6.35 64.57
N ALA B 28 -5.39 -5.85 64.21
CA ALA B 28 -4.53 -5.22 65.20
C ALA B 28 -5.15 -3.96 65.79
N PHE B 29 -5.99 -3.27 65.04
CA PHE B 29 -6.10 -1.84 65.23
C PHE B 29 -6.84 -1.50 66.52
N THR B 30 -6.66 -0.27 66.95
CA THR B 30 -7.69 0.41 67.73
C THR B 30 -8.40 1.38 66.83
N THR B 31 -9.57 1.81 67.28
CA THR B 31 -10.37 2.76 66.54
C THR B 31 -9.59 4.01 66.18
N GLU B 32 -8.73 4.45 67.08
CA GLU B 32 -7.99 5.67 66.83
C GLU B 32 -7.18 5.52 65.58
N LEU B 33 -6.58 4.36 65.38
CA LEU B 33 -5.72 4.19 64.24
C LEU B 33 -6.46 4.53 62.97
N VAL B 34 -7.65 3.95 62.84
CA VAL B 34 -8.45 4.18 61.67
C VAL B 34 -8.87 5.63 61.60
N VAL B 35 -9.37 6.14 62.71
CA VAL B 35 -10.00 7.43 62.63
C VAL B 35 -8.95 8.49 62.38
N GLU B 36 -7.75 8.27 62.88
CA GLU B 36 -6.60 9.06 62.46
C GLU B 36 -6.45 8.98 60.98
N ALA B 37 -6.52 7.77 60.45
CA ALA B 37 -6.42 7.65 59.02
C ALA B 37 -7.47 8.50 58.35
N VAL B 38 -8.67 8.53 58.91
CA VAL B 38 -9.73 9.31 58.30
C VAL B 38 -9.38 10.78 58.33
N VAL B 39 -8.79 11.19 59.44
CA VAL B 39 -8.32 12.56 59.57
C VAL B 39 -7.37 12.86 58.45
N ARG B 40 -6.39 12.00 58.28
CA ARG B 40 -5.48 12.16 57.16
C ARG B 40 -6.26 12.15 55.86
N CYS B 41 -7.28 11.32 55.78
CA CYS B 41 -7.95 11.09 54.52
C CYS B 41 -8.58 12.36 53.99
N LEU B 42 -9.42 12.99 54.80
CA LEU B 42 -9.95 14.25 54.30
C LEU B 42 -8.95 15.37 54.40
N ARG B 43 -8.11 15.36 55.43
CA ARG B 43 -7.16 16.43 55.58
C ARG B 43 -6.30 16.50 54.34
N VAL B 44 -6.12 15.37 53.68
CA VAL B 44 -5.65 15.37 52.31
C VAL B 44 -6.76 15.82 51.37
N ILE B 45 -7.93 15.20 51.51
CA ILE B 45 -8.96 15.29 50.47
C ILE B 45 -9.93 16.44 50.71
N ASN B 46 -10.52 16.55 51.90
CA ASN B 46 -11.26 17.75 52.23
C ASN B 46 -10.68 18.33 53.50
N PRO B 47 -9.60 19.09 53.38
CA PRO B 47 -9.01 19.69 54.58
C PRO B 47 -9.97 20.60 55.32
N ALA B 48 -10.90 21.25 54.61
CA ALA B 48 -11.73 22.27 55.25
C ALA B 48 -12.38 21.71 56.50
N VAL B 49 -13.03 20.56 56.37
CA VAL B 49 -13.32 19.78 57.55
C VAL B 49 -12.07 19.07 58.02
N GLY B 50 -11.36 18.42 57.09
CA GLY B 50 -10.36 17.43 57.46
C GLY B 50 -9.26 17.98 58.34
N SER B 51 -8.93 19.26 58.17
CA SER B 51 -8.06 19.93 59.12
C SER B 51 -8.66 19.94 60.52
N GLY B 52 -9.96 19.71 60.64
CA GLY B 52 -10.67 20.07 61.86
C GLY B 52 -10.22 19.29 63.08
N LEU B 53 -10.05 17.99 62.92
CA LEU B 53 -9.89 17.12 64.09
C LEU B 53 -8.50 16.53 64.07
N SER B 54 -7.72 16.85 65.08
CA SER B 54 -6.32 16.48 65.11
C SER B 54 -6.20 14.96 65.07
N PRO B 55 -5.12 14.44 64.49
CA PRO B 55 -4.80 13.03 64.70
C PRO B 55 -4.58 12.70 66.16
N LEU B 56 -4.46 13.71 67.01
CA LEU B 56 -4.50 13.50 68.44
C LEU B 56 -5.77 12.78 68.86
N LEU B 57 -5.61 11.66 69.55
CA LEU B 57 -6.73 10.88 70.05
C LEU B 57 -7.54 11.66 71.08
N PRO B 58 -8.87 11.70 70.98
CA PRO B 58 -9.67 12.32 72.04
C PRO B 58 -9.78 11.46 73.30
N LEU B 59 -10.28 12.12 74.36
CA LEU B 59 -10.57 11.52 75.66
C LEU B 59 -11.83 12.05 76.29
N ALA B 60 -12.27 13.27 75.96
CA ALA B 60 -13.68 13.59 76.10
C ALA B 60 -14.45 12.59 75.27
N MET B 61 -15.18 11.71 75.94
CA MET B 61 -15.88 10.67 75.19
C MET B 61 -16.88 11.29 74.25
N SER B 62 -17.55 12.35 74.69
CA SER B 62 -18.42 13.12 73.81
C SER B 62 -17.68 13.56 72.56
N ALA B 63 -16.44 14.00 72.73
CA ALA B 63 -15.63 14.36 71.58
C ALA B 63 -15.35 13.13 70.73
N ARG B 64 -15.17 11.97 71.34
CA ARG B 64 -15.09 10.76 70.55
C ARG B 64 -16.34 10.55 69.70
N PHE B 65 -17.52 10.68 70.31
CA PHE B 65 -18.74 10.56 69.52
C PHE B 65 -18.71 11.56 68.40
N ARG B 66 -18.45 12.82 68.73
CA ARG B 66 -18.69 13.90 67.80
C ARG B 66 -17.65 13.89 66.69
N LEU B 67 -16.40 13.61 67.02
CA LEU B 67 -15.39 13.40 66.03
C LEU B 67 -15.77 12.23 65.14
N ALA B 68 -16.27 11.16 65.72
CA ALA B 68 -16.72 10.06 64.91
C ALA B 68 -17.86 10.49 64.02
N MET B 69 -18.73 11.35 64.53
CA MET B 69 -19.83 11.87 63.74
C MET B 69 -19.28 12.69 62.59
N SER B 70 -18.16 13.35 62.84
CA SER B 70 -17.44 13.98 61.76
C SER B 70 -16.93 12.94 60.77
N LEU B 71 -16.58 11.74 61.22
CA LEU B 71 -16.24 10.68 60.27
C LEU B 71 -17.41 10.30 59.39
N ALA B 72 -18.58 10.16 60.01
CA ALA B 72 -19.77 9.90 59.22
C ALA B 72 -19.98 10.99 58.19
N GLN B 73 -19.84 12.24 58.62
CA GLN B 73 -19.84 13.38 57.72
C GLN B 73 -18.79 13.25 56.63
N ALA B 74 -17.63 12.73 56.98
CA ALA B 74 -16.58 12.50 55.99
C ALA B 74 -17.05 11.52 54.94
N CYS B 75 -17.78 10.50 55.37
CA CYS B 75 -18.38 9.64 54.36
C CYS B 75 -19.39 10.43 53.56
N MET B 76 -20.16 11.23 54.27
CA MET B 76 -21.10 12.12 53.63
C MET B 76 -20.38 13.04 52.66
N ASP B 77 -19.05 13.22 52.81
CA ASP B 77 -18.29 13.93 51.79
C ASP B 77 -18.56 13.34 50.40
N LEU B 78 -18.88 12.04 50.33
CA LEU B 78 -19.29 11.44 49.06
C LEU B 78 -20.42 10.43 49.21
N GLY B 79 -20.51 9.70 50.32
CA GLY B 79 -21.54 8.70 50.49
C GLY B 79 -21.09 7.35 49.99
N TYR B 80 -20.06 6.84 50.63
CA TYR B 80 -19.86 5.42 50.67
C TYR B 80 -21.17 4.76 51.10
N PRO B 81 -21.60 3.70 50.42
CA PRO B 81 -23.04 3.39 50.35
C PRO B 81 -23.63 2.90 51.64
N LEU B 82 -22.84 2.63 52.67
CA LEU B 82 -23.34 1.89 53.81
C LEU B 82 -23.60 2.82 54.99
N GLU B 83 -24.07 2.24 56.09
CA GLU B 83 -24.36 3.02 57.29
C GLU B 83 -23.09 3.57 57.92
N LEU B 84 -23.26 4.70 58.60
CA LEU B 84 -22.16 5.45 59.17
C LEU B 84 -22.37 5.60 60.67
N GLY B 85 -21.29 5.64 61.41
CA GLY B 85 -21.36 6.27 62.72
C GLY B 85 -20.45 5.62 63.73
N TYR B 86 -20.37 6.29 64.88
CA TYR B 86 -19.41 5.94 65.93
C TYR B 86 -19.57 4.50 66.33
N GLN B 87 -20.80 4.00 66.27
CA GLN B 87 -21.02 2.60 66.50
C GLN B 87 -20.14 1.81 65.55
N ASN B 88 -20.21 2.14 64.28
CA ASN B 88 -19.28 1.52 63.36
C ASN B 88 -17.90 1.91 63.78
N PHE B 89 -17.72 3.20 64.01
CA PHE B 89 -16.40 3.72 64.31
C PHE B 89 -15.84 3.10 65.56
N LEU B 90 -16.69 2.66 66.47
CA LEU B 90 -16.21 1.65 67.40
C LEU B 90 -16.08 0.32 66.68
N TYR B 91 -14.84 -0.08 66.41
CA TYR B 91 -14.46 -1.47 66.32
C TYR B 91 -15.34 -2.43 65.50
N PRO B 92 -15.70 -2.06 64.29
CA PRO B 92 -16.63 -2.86 63.51
C PRO B 92 -16.01 -4.16 63.06
N SER B 93 -16.76 -4.97 62.33
CA SER B 93 -16.15 -6.06 61.60
C SER B 93 -15.14 -5.54 60.59
N GLU B 94 -14.03 -6.28 60.48
CA GLU B 94 -12.98 -5.88 59.55
C GLU B 94 -13.45 -5.76 58.11
N PRO B 95 -14.38 -6.55 57.60
CA PRO B 95 -14.80 -6.29 56.22
C PRO B 95 -15.24 -4.87 56.08
N ASP B 96 -16.09 -4.43 56.98
CA ASP B 96 -16.68 -3.10 56.90
C ASP B 96 -15.59 -2.04 56.89
N LEU B 97 -14.68 -2.17 57.84
CA LEU B 97 -13.58 -1.24 57.96
C LEU B 97 -12.76 -1.21 56.70
N ARG B 98 -12.40 -2.39 56.23
CA ARG B 98 -11.63 -2.52 55.02
C ARG B 98 -12.29 -1.77 53.90
N ASP B 99 -13.59 -2.00 53.75
CA ASP B 99 -14.31 -1.43 52.64
C ASP B 99 -14.26 0.08 52.70
N LEU B 100 -14.54 0.61 53.88
CA LEU B 100 -14.55 2.04 54.01
C LEU B 100 -13.16 2.62 53.80
N LEU B 101 -12.16 1.97 54.38
CA LEU B 101 -10.79 2.41 54.20
C LEU B 101 -10.44 2.49 52.73
N LEU B 102 -10.92 1.53 51.97
CA LEU B 102 -10.67 1.52 50.54
C LEU B 102 -11.34 2.72 49.90
N PHE B 103 -12.56 2.99 50.35
CA PHE B 103 -13.28 4.16 49.88
C PHE B 103 -12.42 5.39 50.08
N LEU B 104 -11.70 5.41 51.18
CA LEU B 104 -10.82 6.54 51.46
C LEU B 104 -9.62 6.54 50.53
N ALA B 105 -8.92 5.42 50.49
CA ALA B 105 -7.66 5.34 49.78
C ALA B 105 -7.83 5.70 48.32
N GLU B 106 -8.98 5.39 47.76
CA GLU B 106 -9.18 5.63 46.34
C GLU B 106 -9.05 7.10 45.98
N ARG B 107 -9.69 7.98 46.73
CA ARG B 107 -9.81 9.34 46.24
C ARG B 107 -8.52 10.13 46.33
N LEU B 108 -7.57 9.66 47.12
CA LEU B 108 -6.28 10.30 47.27
C LEU B 108 -5.64 10.74 45.97
N ARG B 320 -4.37 102.10 -49.98
CA ARG B 320 -3.84 103.37 -49.51
C ARG B 320 -3.11 103.20 -48.21
N ARG B 321 -2.46 102.05 -48.08
CA ARG B 321 -1.81 101.69 -46.85
C ARG B 321 -0.50 100.94 -47.09
N PRO B 322 0.46 101.08 -46.17
CA PRO B 322 1.84 100.66 -46.48
C PRO B 322 2.03 99.16 -46.63
N GLU B 323 1.24 98.35 -45.92
CA GLU B 323 1.40 96.91 -46.00
C GLU B 323 1.12 96.43 -47.40
N GLN B 324 -0.02 96.83 -47.91
CA GLN B 324 -0.41 96.46 -49.26
C GLN B 324 0.48 97.09 -50.33
N VAL B 325 1.39 97.99 -49.95
CA VAL B 325 2.36 98.47 -50.93
C VAL B 325 3.64 97.67 -50.87
N THR B 326 4.20 97.49 -49.68
CA THR B 326 5.56 96.98 -49.57
C THR B 326 5.62 95.58 -49.00
N TRP B 327 4.60 95.19 -48.23
CA TRP B 327 4.58 93.88 -47.64
C TRP B 327 4.62 92.86 -48.75
N ALA B 328 3.95 93.20 -49.86
CA ALA B 328 3.97 92.38 -51.05
C ALA B 328 5.39 92.17 -51.52
N ALA B 329 6.17 93.24 -51.53
CA ALA B 329 7.51 93.15 -52.06
C ALA B 329 8.36 92.32 -51.13
N GLN B 330 7.97 92.30 -49.87
CA GLN B 330 8.63 91.45 -48.90
C GLN B 330 8.26 89.98 -49.10
N GLU B 331 6.98 89.71 -49.22
CA GLU B 331 6.52 88.34 -49.36
C GLU B 331 6.94 87.75 -50.70
N GLN B 332 7.13 88.62 -51.68
CA GLN B 332 7.77 88.27 -52.93
C GLN B 332 9.09 87.57 -52.69
N GLU B 333 9.79 87.96 -51.63
CA GLU B 333 11.08 87.38 -51.33
C GLU B 333 10.91 85.93 -50.90
N LEU B 334 9.80 85.63 -50.22
CA LEU B 334 9.44 84.26 -49.93
C LEU B 334 9.18 83.47 -51.19
N GLU B 335 8.28 83.99 -52.02
CA GLU B 335 7.86 83.28 -53.22
C GLU B 335 9.04 82.95 -54.12
N SER B 336 9.97 83.90 -54.25
CA SER B 336 11.14 83.69 -55.08
C SER B 336 11.88 82.42 -54.68
N LEU B 337 11.99 82.16 -53.39
CA LEU B 337 12.69 80.97 -52.93
C LEU B 337 11.81 79.74 -52.96
N ARG B 338 10.52 79.91 -52.70
CA ARG B 338 9.60 78.79 -52.70
C ARG B 338 9.57 78.05 -54.03
N GLU B 339 9.58 78.80 -55.14
CA GLU B 339 9.59 78.16 -56.45
C GLU B 339 10.86 77.34 -56.70
N GLN B 340 12.02 77.92 -56.40
CA GLN B 340 13.27 77.20 -56.59
C GLN B 340 13.34 75.97 -55.69
N LEU B 341 12.82 76.09 -54.47
CA LEU B 341 12.75 74.95 -53.58
C LEU B 341 11.98 73.80 -54.22
N GLU B 342 10.77 74.07 -54.73
CA GLU B 342 10.02 73.00 -55.37
C GLU B 342 10.72 72.45 -56.61
N GLY B 343 11.36 73.30 -57.40
CA GLY B 343 12.08 72.81 -58.56
C GLY B 343 13.27 71.92 -58.20
N VAL B 344 13.99 72.28 -57.14
CA VAL B 344 15.07 71.44 -56.65
C VAL B 344 14.52 70.10 -56.19
N ASN B 345 13.41 70.12 -55.46
CA ASN B 345 12.79 68.88 -55.02
C ASN B 345 12.39 68.01 -56.21
N ARG B 346 11.85 68.63 -57.26
CA ARG B 346 11.57 67.91 -58.49
C ARG B 346 12.80 67.23 -59.04
N SER B 347 13.90 67.96 -59.10
CA SER B 347 15.11 67.40 -59.66
C SER B 347 15.62 66.26 -58.79
N ILE B 348 15.49 66.41 -57.47
CA ILE B 348 15.94 65.36 -56.55
C ILE B 348 15.17 64.09 -56.78
N GLU B 349 13.85 64.20 -56.84
CA GLU B 349 13.02 63.03 -57.09
C GLU B 349 13.40 62.40 -58.41
N GLU B 350 13.71 63.23 -59.41
CA GLU B 350 14.12 62.73 -60.71
C GLU B 350 15.39 61.90 -60.60
N VAL B 351 16.37 62.43 -59.88
CA VAL B 351 17.65 61.75 -59.73
C VAL B 351 17.45 60.47 -58.94
N GLU B 352 16.53 60.50 -57.98
CA GLU B 352 16.22 59.32 -57.19
C GLU B 352 15.68 58.23 -58.09
N ALA B 353 14.76 58.59 -58.99
CA ALA B 353 14.25 57.64 -59.95
C ALA B 353 15.37 57.10 -60.83
N ASP B 354 16.25 57.99 -61.27
CA ASP B 354 17.37 57.58 -62.11
C ASP B 354 18.25 56.56 -61.40
N MET B 355 18.58 56.85 -60.14
CA MET B 355 19.40 55.93 -59.37
C MET B 355 18.71 54.60 -59.19
N LYS B 356 17.39 54.61 -58.97
CA LYS B 356 16.66 53.36 -58.84
C LYS B 356 16.76 52.52 -60.10
N THR B 357 16.39 53.14 -61.23
CA THR B 357 16.42 52.44 -62.51
C THR B 357 17.80 51.92 -62.82
N LEU B 358 18.81 52.78 -62.65
CA LEU B 358 20.16 52.37 -62.94
C LEU B 358 20.66 51.29 -62.02
N GLY B 359 20.22 51.27 -60.76
CA GLY B 359 20.63 50.21 -59.87
C GLY B 359 20.04 48.88 -60.30
N VAL B 360 18.75 48.88 -60.62
CA VAL B 360 18.12 47.69 -61.17
C VAL B 360 18.85 47.23 -62.42
N SER B 361 19.11 48.16 -63.35
CA SER B 361 19.80 47.82 -64.57
C SER B 361 21.19 47.27 -64.29
N PHE B 362 21.86 47.86 -63.32
CA PHE B 362 23.18 47.41 -62.94
C PHE B 362 23.16 45.98 -62.43
N VAL B 363 22.24 45.70 -61.51
CA VAL B 363 22.08 44.34 -61.00
C VAL B 363 21.75 43.40 -62.15
N GLN B 364 20.90 43.84 -63.06
CA GLN B 364 20.57 43.09 -64.26
C GLN B 364 21.82 42.72 -65.03
N ALA B 365 22.68 43.70 -65.29
CA ALA B 365 23.92 43.45 -66.00
C ALA B 365 24.79 42.48 -65.21
N GLU B 366 24.74 42.60 -63.90
CA GLU B 366 25.46 41.70 -63.01
C GLU B 366 25.01 40.27 -63.19
N SER B 367 23.69 40.06 -63.21
CA SER B 367 23.12 38.73 -63.39
C SER B 367 23.51 38.15 -64.74
N GLU B 368 23.40 38.97 -65.79
CA GLU B 368 23.76 38.49 -67.11
C GLU B 368 25.24 38.16 -67.17
N CYS B 369 26.06 38.97 -66.50
CA CYS B 369 27.49 38.72 -66.46
C CYS B 369 27.79 37.40 -65.78
N ARG B 370 27.11 37.12 -64.67
CA ARG B 370 27.33 35.87 -63.96
C ARG B 370 26.97 34.69 -64.84
N HIS B 371 25.80 34.75 -65.46
CA HIS B 371 25.39 33.66 -66.34
C HIS B 371 26.34 33.51 -67.52
N SER B 372 26.77 34.62 -68.11
CA SER B 372 27.71 34.56 -69.23
C SER B 372 29.00 33.88 -68.80
N LYS B 373 29.52 34.25 -67.64
CA LYS B 373 30.70 33.60 -67.10
C LYS B 373 30.47 32.10 -67.00
N LEU B 374 29.30 31.73 -66.51
CA LEU B 374 28.94 30.32 -66.37
C LEU B 374 29.00 29.61 -67.73
N SER B 375 28.39 30.23 -68.73
CA SER B 375 28.41 29.68 -70.08
C SER B 375 29.83 29.57 -70.61
N THR B 376 30.65 30.58 -70.31
CA THR B 376 32.04 30.58 -70.75
C THR B 376 32.81 29.42 -70.12
N ALA B 377 32.58 29.17 -68.84
CA ALA B 377 33.24 28.06 -68.16
C ALA B 377 32.81 26.73 -68.77
N GLU B 378 31.52 26.59 -69.07
CA GLU B 378 31.03 25.39 -69.70
C GLU B 378 31.67 25.17 -71.07
N ARG B 379 31.78 26.25 -71.85
CA ARG B 379 32.44 26.16 -73.14
C ARG B 379 33.90 25.76 -72.98
N GLU B 380 34.56 26.27 -71.95
CA GLU B 380 35.96 25.93 -71.73
C GLU B 380 36.12 24.45 -71.44
N GLN B 381 35.29 23.92 -70.55
CA GLN B 381 35.35 22.51 -70.24
C GLN B 381 35.02 21.64 -71.44
N ALA B 382 33.94 21.96 -72.15
CA ALA B 382 33.55 21.19 -73.34
C ALA B 382 34.63 21.24 -74.41
N LEU B 383 35.20 22.42 -74.62
CA LEU B 383 36.28 22.58 -75.59
C LEU B 383 37.49 21.74 -75.20
N ARG B 384 37.87 21.79 -73.92
CA ARG B 384 39.00 21.00 -73.45
C ARG B 384 38.77 19.52 -73.70
N LEU B 385 37.58 19.04 -73.37
CA LEU B 385 37.24 17.64 -73.59
C LEU B 385 37.29 17.29 -75.08
N LYS B 386 36.73 18.16 -75.91
CA LYS B 386 36.73 17.93 -77.35
C LYS B 386 38.15 17.85 -77.88
N SER B 387 39.00 18.78 -77.45
CA SER B 387 40.41 18.70 -77.81
C SER B 387 41.00 17.37 -77.38
N ARG B 388 40.65 16.94 -76.18
CA ARG B 388 41.13 15.67 -75.64
C ARG B 388 40.77 14.53 -76.57
N ALA B 389 39.50 14.50 -76.99
CA ALA B 389 39.04 13.48 -77.93
C ALA B 389 39.78 13.55 -79.24
N VAL B 390 40.12 14.77 -79.68
CA VAL B 390 40.87 14.91 -80.91
C VAL B 390 42.25 14.31 -80.72
N GLU B 391 42.82 14.55 -79.54
CA GLU B 391 44.14 14.03 -79.20
C GLU B 391 44.16 12.52 -79.27
N LEU B 392 43.08 11.88 -78.85
CA LEU B 392 42.93 10.44 -78.82
C LEU B 392 42.63 9.82 -80.18
N LEU B 393 42.37 10.64 -81.20
CA LEU B 393 41.82 10.10 -82.44
C LEU B 393 42.76 9.14 -83.17
N PRO B 394 44.06 9.42 -83.34
CA PRO B 394 44.91 8.47 -84.10
C PRO B 394 44.92 7.01 -83.61
N ASP B 395 45.09 6.78 -82.30
CA ASP B 395 45.12 5.43 -81.75
C ASP B 395 43.90 5.05 -80.92
N GLY B 396 42.71 5.21 -81.47
CA GLY B 396 41.51 5.06 -80.65
C GLY B 396 41.42 3.75 -79.89
N THR B 397 41.60 2.62 -80.59
CA THR B 397 41.48 1.33 -79.92
C THR B 397 42.59 1.11 -78.90
N ALA B 398 43.84 1.29 -79.32
CA ALA B 398 44.96 1.09 -78.42
C ALA B 398 44.92 2.07 -77.26
N ASN B 399 44.59 3.34 -77.53
CA ASN B 399 44.48 4.31 -76.46
C ASN B 399 43.36 3.94 -75.51
N LEU B 400 42.25 3.45 -76.05
CA LEU B 400 41.12 3.01 -75.24
C LEU B 400 41.53 1.91 -74.27
N ALA B 401 42.16 0.85 -74.79
CA ALA B 401 42.58 -0.25 -73.93
C ALA B 401 43.60 0.19 -72.89
N LYS B 402 44.60 0.96 -73.33
CA LYS B 402 45.64 1.43 -72.41
C LYS B 402 45.04 2.25 -71.29
N LEU B 403 44.21 3.21 -71.64
CA LEU B 403 43.61 4.10 -70.66
C LEU B 403 42.68 3.34 -69.70
N GLN B 404 41.88 2.40 -70.22
CA GLN B 404 41.02 1.61 -69.36
C GLN B 404 41.85 0.85 -68.34
N LEU B 405 42.93 0.23 -68.81
CA LEU B 405 43.82 -0.48 -67.90
C LEU B 405 44.41 0.47 -66.88
N VAL B 406 44.82 1.67 -67.33
CA VAL B 406 45.38 2.67 -66.42
C VAL B 406 44.38 3.05 -65.35
N VAL B 407 43.14 3.32 -65.77
CA VAL B 407 42.10 3.68 -64.82
C VAL B 407 41.92 2.57 -63.79
N GLU B 408 41.90 1.33 -64.26
CA GLU B 408 41.64 0.24 -63.33
C GLU B 408 42.78 0.05 -62.35
N ASN B 409 44.02 0.18 -62.82
CA ASN B 409 45.16 0.14 -61.90
C ASN B 409 45.15 1.28 -60.91
N SER B 410 44.81 2.48 -61.37
CA SER B 410 44.71 3.61 -60.47
C SER B 410 43.67 3.36 -59.41
N ALA B 411 42.59 2.68 -59.78
CA ALA B 411 41.59 2.31 -58.80
C ALA B 411 42.15 1.29 -57.83
N GLN B 412 42.99 0.39 -58.31
CA GLN B 412 43.68 -0.50 -57.40
C GLN B 412 44.56 0.27 -56.44
N ARG B 413 45.13 1.37 -56.92
CA ARG B 413 46.01 2.17 -56.10
C ARG B 413 45.21 2.93 -55.06
N VAL B 414 44.04 3.36 -55.47
CA VAL B 414 43.06 3.89 -54.56
C VAL B 414 42.73 2.87 -53.47
N ILE B 415 42.51 1.63 -53.89
CA ILE B 415 42.20 0.57 -52.93
C ILE B 415 43.34 0.41 -51.93
N HIS B 416 44.57 0.46 -52.43
CA HIS B 416 45.74 0.46 -51.57
C HIS B 416 45.66 1.56 -50.52
N LEU B 417 45.40 2.78 -50.97
CA LEU B 417 45.46 3.87 -50.02
C LEU B 417 44.33 3.75 -49.01
N ALA B 418 43.18 3.25 -49.47
CA ALA B 418 42.06 3.03 -48.57
C ALA B 418 42.43 2.04 -47.48
N GLY B 419 43.17 1.00 -47.84
CA GLY B 419 43.68 0.10 -46.83
C GLY B 419 44.66 0.77 -45.87
N GLN B 420 45.60 1.55 -46.42
CA GLN B 420 46.53 2.24 -45.54
C GLN B 420 45.82 3.17 -44.59
N TRP B 421 44.90 3.94 -45.14
CA TRP B 421 44.21 4.95 -44.36
C TRP B 421 43.28 4.32 -43.33
N GLU B 422 42.56 3.26 -43.71
CA GLU B 422 41.89 2.42 -42.74
C GLU B 422 42.79 2.08 -41.57
N LYS B 423 43.95 1.51 -41.88
CA LYS B 423 44.76 0.89 -40.84
C LYS B 423 45.39 1.96 -39.97
N HIS B 424 45.78 3.08 -40.57
CA HIS B 424 46.14 4.27 -39.80
C HIS B 424 45.00 4.68 -38.88
N ARG B 425 43.76 4.63 -39.40
CA ARG B 425 42.61 5.15 -38.68
C ARG B 425 42.29 4.39 -37.41
N VAL B 426 42.32 3.06 -37.49
CA VAL B 426 41.78 2.25 -36.38
C VAL B 426 42.42 2.57 -35.04
N PRO B 427 43.75 2.68 -34.92
CA PRO B 427 44.34 2.97 -33.59
C PRO B 427 43.80 4.23 -32.96
N LEU B 428 43.56 5.24 -33.78
CA LEU B 428 43.08 6.50 -33.27
C LEU B 428 41.75 6.30 -32.56
N LEU B 429 40.83 5.59 -33.20
CA LEU B 429 39.54 5.30 -32.60
C LEU B 429 39.65 4.42 -31.35
N ALA B 430 40.48 3.39 -31.40
CA ALA B 430 40.64 2.55 -30.21
C ALA B 430 41.13 3.36 -29.02
N GLU B 431 42.05 4.30 -29.26
CA GLU B 431 42.53 5.11 -28.17
C GLU B 431 41.43 6.03 -27.68
N TYR B 432 40.71 6.63 -28.62
CA TYR B 432 39.57 7.47 -28.27
C TYR B 432 38.64 6.73 -27.33
N ARG B 433 38.23 5.54 -27.74
CA ARG B 433 37.37 4.68 -26.94
C ARG B 433 37.90 4.49 -25.54
N HIS B 434 39.18 4.14 -25.45
CA HIS B 434 39.85 3.97 -24.17
C HIS B 434 39.71 5.19 -23.27
N LEU B 435 40.03 6.37 -23.81
CA LEU B 435 39.94 7.57 -23.00
C LEU B 435 38.51 7.89 -22.59
N ARG B 436 37.54 7.61 -23.45
CA ARG B 436 36.14 7.81 -23.06
C ARG B 436 35.75 6.90 -21.90
N LYS B 437 36.14 5.64 -22.02
CA LYS B 437 35.78 4.68 -21.00
C LYS B 437 36.34 5.07 -19.64
N LEU B 438 37.62 5.48 -19.63
CA LEU B 438 38.21 5.92 -18.37
C LEU B 438 37.61 7.23 -17.89
N GLN B 439 37.14 8.07 -18.81
CA GLN B 439 36.44 9.27 -18.41
C GLN B 439 35.20 8.92 -17.62
N ASP B 440 34.38 8.03 -18.16
CA ASP B 440 33.14 7.70 -17.49
C ASP B 440 33.42 7.06 -16.15
N CYS B 441 34.38 6.13 -16.12
CA CYS B 441 34.66 5.41 -14.89
C CYS B 441 35.05 6.39 -13.79
N ARG B 442 35.93 7.35 -14.13
CA ARG B 442 36.29 8.41 -13.19
C ARG B 442 35.05 9.15 -12.71
N GLU B 443 34.16 9.46 -13.63
CA GLU B 443 33.06 10.36 -13.31
C GLU B 443 32.10 9.69 -12.36
N LEU B 444 31.82 8.43 -12.62
CA LEU B 444 31.00 7.63 -11.73
C LEU B 444 31.66 7.44 -10.38
N GLU B 445 32.96 7.11 -10.37
CA GLU B 445 33.71 6.91 -9.15
C GLU B 445 33.63 8.13 -8.23
N SER B 446 33.94 9.29 -8.80
CA SER B 446 33.89 10.54 -8.05
C SER B 446 32.50 10.76 -7.48
N SER B 447 31.47 10.55 -8.32
CA SER B 447 30.10 10.74 -7.86
C SER B 447 29.80 9.85 -6.66
N ARG B 448 30.30 8.62 -6.71
CA ARG B 448 29.99 7.66 -5.66
C ARG B 448 30.68 8.01 -4.35
N ARG B 449 31.99 8.29 -4.38
CA ARG B 449 32.65 8.70 -3.15
C ARG B 449 32.02 9.93 -2.55
N LEU B 450 31.68 10.89 -3.39
CA LEU B 450 31.04 12.10 -2.89
C LEU B 450 29.75 11.77 -2.16
N ALA B 451 28.87 11.02 -2.81
CA ALA B 451 27.61 10.64 -2.17
C ALA B 451 27.85 9.91 -0.85
N GLU B 452 28.82 9.00 -0.85
CA GLU B 452 29.13 8.23 0.34
C GLU B 452 29.45 9.14 1.50
N ILE B 453 30.33 10.08 1.25
CA ILE B 453 30.81 10.90 2.34
C ILE B 453 29.76 11.89 2.79
N GLN B 454 28.91 12.33 1.85
CA GLN B 454 27.76 13.15 2.23
C GLN B 454 26.90 12.44 3.27
N GLU B 455 26.52 11.20 2.94
CA GLU B 455 25.66 10.42 3.82
C GLU B 455 26.32 10.18 5.17
N LEU B 456 27.58 9.74 5.14
CA LEU B 456 28.26 9.44 6.40
C LEU B 456 28.36 10.66 7.28
N HIS B 457 28.65 11.81 6.69
CA HIS B 457 28.68 13.04 7.45
C HIS B 457 27.33 13.35 8.10
N GLN B 458 26.26 13.26 7.31
CA GLN B 458 24.94 13.54 7.84
C GLN B 458 24.58 12.62 9.00
N SER B 459 24.88 11.33 8.85
CA SER B 459 24.59 10.37 9.90
C SER B 459 25.39 10.69 11.15
N VAL B 460 26.67 10.98 10.99
CA VAL B 460 27.52 11.34 12.12
C VAL B 460 26.93 12.54 12.86
N ARG B 461 26.44 13.52 12.11
CA ARG B 461 25.80 14.68 12.72
C ARG B 461 24.63 14.28 13.60
N ALA B 462 23.74 13.46 13.04
CA ALA B 462 22.59 13.01 13.81
C ALA B 462 23.01 12.25 15.06
N ALA B 463 24.06 11.44 14.94
CA ALA B 463 24.55 10.68 16.08
C ALA B 463 25.06 11.60 17.18
N ALA B 464 25.72 12.69 16.80
CA ALA B 464 26.16 13.64 17.82
C ALA B 464 24.97 14.28 18.51
N GLU B 465 23.94 14.62 17.75
CA GLU B 465 22.72 15.17 18.33
C GLU B 465 22.17 14.24 19.39
N GLU B 466 22.04 12.97 19.02
CA GLU B 466 21.54 11.96 19.95
C GLU B 466 22.44 11.83 21.16
N ALA B 467 23.76 11.95 20.97
CA ALA B 467 24.67 11.88 22.10
C ALA B 467 24.39 12.98 23.10
N ARG B 468 24.15 14.19 22.62
CA ARG B 468 23.83 15.28 23.53
C ARG B 468 22.58 14.95 24.32
N ARG B 469 21.55 14.56 23.60
CA ARG B 469 20.27 14.24 24.23
C ARG B 469 20.45 13.14 25.27
N LYS B 470 21.13 12.06 24.88
CA LYS B 470 21.34 10.94 25.77
C LYS B 470 22.09 11.34 27.02
N GLU B 471 23.14 12.12 26.88
CA GLU B 471 23.96 12.45 28.03
C GLU B 471 23.14 13.24 29.04
N GLU B 472 22.42 14.26 28.56
CA GLU B 472 21.64 15.08 29.48
C GLU B 472 20.54 14.26 30.14
N VAL B 473 19.85 13.43 29.36
CA VAL B 473 18.85 12.58 29.95
C VAL B 473 19.46 11.69 31.01
N TYR B 474 20.65 11.14 30.73
CA TYR B 474 21.33 10.28 31.69
C TYR B 474 21.52 10.96 33.02
N LYS B 475 21.94 12.22 33.01
CA LYS B 475 22.03 12.90 34.31
C LYS B 475 20.66 13.07 34.95
N GLN B 476 19.63 13.29 34.14
CA GLN B 476 18.29 13.27 34.71
C GLN B 476 18.08 11.95 35.43
N LEU B 477 18.48 10.88 34.78
CA LEU B 477 18.33 9.57 35.35
C LEU B 477 19.11 9.43 36.62
N MET B 478 20.23 10.13 36.71
CA MET B 478 20.97 10.14 37.96
C MET B 478 20.11 10.74 39.05
N SER B 479 19.48 11.87 38.75
CA SER B 479 18.56 12.48 39.71
C SER B 479 17.43 11.53 40.07
N GLU B 480 16.97 10.76 39.09
CA GLU B 480 15.85 9.89 39.35
C GLU B 480 16.25 8.77 40.28
N LEU B 481 17.41 8.16 40.01
CA LEU B 481 17.96 7.17 40.92
C LEU B 481 18.04 7.72 42.33
N GLU B 482 18.45 8.98 42.42
CA GLU B 482 18.52 9.62 43.73
C GLU B 482 17.16 9.63 44.39
N THR B 483 16.13 9.95 43.61
CA THR B 483 14.80 10.12 44.18
C THR B 483 14.14 8.80 44.58
N LEU B 484 14.35 7.75 43.80
CA LEU B 484 13.41 6.64 43.79
C LEU B 484 13.41 5.81 45.07
N PRO B 485 12.24 5.34 45.50
CA PRO B 485 12.12 4.43 46.66
C PRO B 485 12.55 3.01 46.28
N ARG B 486 12.51 2.11 47.27
CA ARG B 486 13.04 0.76 47.12
C ARG B 486 12.05 -0.33 47.53
N ASP B 487 10.76 -0.12 47.29
CA ASP B 487 9.76 -1.04 47.81
C ASP B 487 9.83 -2.41 47.13
N VAL B 488 9.02 -3.32 47.67
CA VAL B 488 8.69 -4.64 47.13
C VAL B 488 8.25 -4.52 45.68
N SER B 489 8.53 -5.54 44.87
CA SER B 489 8.61 -5.33 43.44
C SER B 489 7.34 -5.78 42.72
N ARG B 490 7.19 -5.22 41.53
CA ARG B 490 6.20 -5.63 40.55
C ARG B 490 6.17 -7.15 40.44
N LEU B 491 7.36 -7.73 40.33
CA LEU B 491 7.51 -9.17 40.20
C LEU B 491 6.82 -9.91 41.32
N ALA B 492 6.99 -9.43 42.55
CA ALA B 492 6.49 -10.18 43.68
C ALA B 492 5.00 -10.42 43.56
N TYR B 493 4.27 -9.35 43.29
CA TYR B 493 2.85 -9.47 43.12
C TYR B 493 2.53 -10.28 41.89
N THR B 494 3.35 -10.13 40.86
CA THR B 494 3.17 -10.93 39.67
C THR B 494 3.17 -12.40 40.03
N GLN B 495 4.17 -12.80 40.79
CA GLN B 495 4.28 -14.17 41.23
C GLN B 495 3.05 -14.56 42.02
N ARG B 496 2.68 -13.72 42.99
CA ARG B 496 1.56 -14.05 43.84
C ARG B 496 0.31 -14.30 43.03
N ILE B 497 0.05 -13.39 42.12
CA ILE B 497 -1.09 -13.54 41.23
C ILE B 497 -1.01 -14.86 40.52
N LEU B 498 0.12 -15.14 39.90
CA LEU B 498 0.23 -16.35 39.11
C LEU B 498 -0.06 -17.56 39.98
N GLU B 499 0.44 -17.53 41.20
CA GLU B 499 0.17 -18.62 42.12
C GLU B 499 -1.32 -18.79 42.20
N ILE B 500 -1.99 -17.68 42.37
CA ILE B 500 -3.41 -17.70 42.55
C ILE B 500 -4.06 -18.22 41.31
N VAL B 501 -3.50 -17.82 40.19
CA VAL B 501 -3.95 -18.27 38.89
C VAL B 501 -3.93 -19.77 38.85
N GLY B 502 -2.80 -20.33 39.20
CA GLY B 502 -2.68 -21.77 39.25
C GLY B 502 -3.75 -22.36 40.12
N ASN B 503 -3.99 -21.74 41.26
CA ASN B 503 -4.99 -22.23 42.17
C ASN B 503 -6.31 -22.33 41.45
N ILE B 504 -6.63 -21.26 40.76
CA ILE B 504 -7.88 -21.18 40.03
C ILE B 504 -7.94 -22.28 39.02
N ARG B 505 -6.88 -22.41 38.26
CA ARG B 505 -6.86 -23.42 37.23
C ARG B 505 -7.10 -24.77 37.85
N LYS B 506 -6.34 -25.08 38.87
CA LYS B 506 -6.38 -26.42 39.40
C LYS B 506 -7.74 -26.76 39.92
N GLN B 507 -8.29 -25.92 40.78
CA GLN B 507 -9.58 -26.31 41.29
C GLN B 507 -10.66 -26.21 40.24
N LYS B 508 -10.54 -25.31 39.27
CA LYS B 508 -11.49 -25.30 38.18
C LYS B 508 -11.44 -26.62 37.45
N GLU B 509 -10.25 -27.09 37.21
CA GLU B 509 -10.03 -28.33 36.51
C GLU B 509 -10.50 -29.52 37.32
N GLU B 510 -10.35 -29.42 38.62
CA GLU B 510 -10.84 -30.47 39.49
C GLU B 510 -12.34 -30.51 39.45
N ILE B 511 -12.94 -29.35 39.47
CA ILE B 511 -14.35 -29.25 39.22
C ILE B 511 -14.68 -29.85 37.87
N THR B 512 -13.78 -29.71 36.93
CA THR B 512 -14.06 -30.19 35.60
C THR B 512 -14.06 -31.71 35.54
N LYS B 513 -13.09 -32.32 36.21
CA LYS B 513 -13.12 -33.76 36.31
C LYS B 513 -14.41 -34.17 36.98
N ILE B 514 -14.75 -33.47 38.04
CA ILE B 514 -15.97 -33.75 38.78
C ILE B 514 -17.17 -33.65 37.87
N LEU B 515 -17.13 -32.71 36.93
CA LEU B 515 -18.22 -32.59 35.97
C LEU B 515 -18.37 -33.88 35.21
N SER B 516 -17.25 -34.37 34.71
CA SER B 516 -17.29 -35.65 34.05
C SER B 516 -17.83 -36.72 34.98
N ASP B 517 -17.23 -36.80 36.17
CA ASP B 517 -17.53 -37.84 37.12
C ASP B 517 -19.02 -37.91 37.35
N THR B 518 -19.62 -36.75 37.49
CA THR B 518 -21.06 -36.67 37.65
C THR B 518 -21.75 -37.25 36.43
N LYS B 519 -21.29 -36.85 35.26
CA LYS B 519 -21.97 -37.28 34.04
C LYS B 519 -21.99 -38.79 33.91
N GLU B 520 -20.82 -39.39 34.04
CA GLU B 520 -20.74 -40.83 33.93
C GLU B 520 -21.46 -41.50 35.08
N LEU B 521 -21.23 -41.03 36.30
CA LEU B 521 -21.86 -41.62 37.47
C LEU B 521 -23.36 -41.65 37.33
N GLN B 522 -23.95 -40.56 36.82
CA GLN B 522 -25.39 -40.54 36.61
C GLN B 522 -25.81 -41.51 35.53
N LYS B 523 -25.06 -41.62 34.43
CA LYS B 523 -25.50 -42.58 33.42
C LYS B 523 -25.37 -44.01 33.91
N GLU B 524 -24.38 -44.28 34.76
CA GLU B 524 -24.28 -45.56 35.45
C GLU B 524 -25.52 -45.80 36.28
N ILE B 525 -25.89 -44.81 37.08
CA ILE B 525 -27.09 -44.88 37.90
C ILE B 525 -28.32 -45.10 37.04
N ASN B 526 -28.35 -44.48 35.86
CA ASN B 526 -29.47 -44.64 34.94
C ASN B 526 -29.59 -46.08 34.50
N SER B 527 -28.48 -46.64 34.05
CA SER B 527 -28.49 -48.03 33.65
C SER B 527 -28.93 -48.91 34.81
N LEU B 528 -28.40 -48.63 35.99
CA LEU B 528 -28.80 -49.36 37.18
C LEU B 528 -30.28 -49.26 37.44
N SER B 529 -30.84 -48.07 37.30
CA SER B 529 -32.25 -47.89 37.58
C SER B 529 -33.10 -48.69 36.61
N GLY B 530 -32.76 -48.65 35.32
CA GLY B 530 -33.49 -49.46 34.37
C GLY B 530 -33.39 -50.95 34.66
N LYS B 531 -32.17 -51.41 34.93
CA LYS B 531 -31.97 -52.82 35.25
C LYS B 531 -32.69 -53.20 36.53
N LEU B 532 -32.71 -52.29 37.50
CA LEU B 532 -33.42 -52.53 38.76
C LEU B 532 -34.91 -52.67 38.55
N ASP B 533 -35.51 -51.75 37.80
CA ASP B 533 -36.94 -51.78 37.56
C ASP B 533 -37.35 -53.06 36.83
N ARG B 534 -36.64 -53.39 35.75
CA ARG B 534 -36.94 -54.61 35.02
C ARG B 534 -36.67 -55.85 35.85
N THR B 535 -35.58 -55.83 36.62
CA THR B 535 -35.26 -56.90 37.54
C THR B 535 -36.40 -57.13 38.52
N PHE B 536 -36.90 -56.06 39.13
CA PHE B 536 -37.96 -56.24 40.12
C PHE B 536 -39.24 -56.68 39.46
N ALA B 537 -39.54 -56.18 38.26
CA ALA B 537 -40.72 -56.64 37.56
C ALA B 537 -40.67 -58.15 37.35
N VAL B 538 -39.57 -58.65 36.79
CA VAL B 538 -39.45 -60.07 36.51
C VAL B 538 -39.44 -60.89 37.80
N THR B 539 -38.62 -60.47 38.77
CA THR B 539 -38.49 -61.18 40.03
C THR B 539 -39.80 -61.24 40.78
N ASP B 540 -40.45 -60.09 40.96
CA ASP B 540 -41.68 -60.01 41.71
C ASP B 540 -42.79 -60.79 41.02
N GLU B 541 -42.80 -60.79 39.68
CA GLU B 541 -43.75 -61.61 38.95
C GLU B 541 -43.56 -63.09 39.29
N LEU B 542 -42.32 -63.57 39.21
CA LEU B 542 -42.08 -64.97 39.51
C LEU B 542 -42.40 -65.29 40.97
N VAL B 543 -42.02 -64.39 41.87
CA VAL B 543 -42.23 -64.61 43.28
C VAL B 543 -43.72 -64.70 43.62
N PHE B 544 -44.52 -63.81 43.04
CA PHE B 544 -45.96 -63.88 43.26
C PHE B 544 -46.52 -65.16 42.66
N LYS B 545 -46.07 -65.50 41.46
CA LYS B 545 -46.50 -66.75 40.84
C LYS B 545 -46.21 -67.93 41.77
N ASP B 546 -45.05 -67.89 42.42
CA ASP B 546 -44.73 -68.89 43.44
C ASP B 546 -45.52 -68.68 44.72
N ALA B 547 -45.75 -67.43 45.10
CA ALA B 547 -46.48 -67.16 46.34
C ALA B 547 -47.87 -67.77 46.31
N LYS B 548 -48.52 -67.77 45.16
CA LYS B 548 -49.83 -68.39 45.01
C LYS B 548 -49.86 -69.81 45.52
N LYS B 549 -48.73 -70.51 45.46
CA LYS B 549 -48.68 -71.90 45.87
C LYS B 549 -48.93 -72.06 47.36
N ASP B 550 -48.39 -71.15 48.17
CA ASP B 550 -48.32 -71.41 49.59
C ASP B 550 -48.18 -70.12 50.39
N ASP B 551 -48.84 -70.12 51.55
CA ASP B 551 -48.84 -68.96 52.42
C ASP B 551 -47.44 -68.53 52.84
N ALA B 552 -46.54 -69.49 53.11
CA ALA B 552 -45.19 -69.10 53.48
C ALA B 552 -44.37 -68.59 52.29
N VAL B 553 -44.65 -69.09 51.09
CA VAL B 553 -44.07 -68.45 49.91
C VAL B 553 -44.60 -67.02 49.77
N ARG B 554 -45.86 -66.82 50.12
CA ARG B 554 -46.42 -65.48 50.20
C ARG B 554 -45.72 -64.64 51.25
N LYS B 555 -45.28 -65.26 52.35
CA LYS B 555 -44.48 -64.57 53.35
C LYS B 555 -43.13 -64.12 52.78
N ALA B 556 -42.53 -64.98 51.95
CA ALA B 556 -41.30 -64.58 51.26
C ALA B 556 -41.55 -63.41 50.33
N TYR B 557 -42.68 -63.43 49.63
CA TYR B 557 -43.05 -62.31 48.78
C TYR B 557 -43.24 -61.03 49.59
N LYS B 558 -43.85 -61.16 50.77
CA LYS B 558 -43.95 -60.06 51.70
C LYS B 558 -42.57 -59.50 52.01
N TYR B 559 -41.63 -60.40 52.27
CA TYR B 559 -40.27 -59.94 52.53
C TYR B 559 -39.65 -59.28 51.30
N LEU B 560 -40.02 -59.73 50.10
CA LEU B 560 -39.53 -59.04 48.90
C LEU B 560 -39.96 -57.58 48.88
N ALA B 561 -41.26 -57.35 49.05
CA ALA B 561 -41.75 -55.98 48.98
C ALA B 561 -41.20 -55.15 50.12
N ALA B 562 -41.25 -55.69 51.34
CA ALA B 562 -40.75 -54.96 52.51
C ALA B 562 -39.27 -54.66 52.40
N LEU B 563 -38.49 -55.59 51.87
CA LEU B 563 -37.07 -55.36 51.69
C LEU B 563 -36.83 -54.21 50.74
N HIS B 564 -37.46 -54.24 49.58
CA HIS B 564 -37.22 -53.16 48.63
C HIS B 564 -37.69 -51.84 49.20
N GLU B 565 -38.77 -51.87 49.96
CA GLU B 565 -39.21 -50.69 50.70
C GLU B 565 -38.13 -50.18 51.63
N ASN B 566 -37.56 -51.08 52.42
CA ASN B 566 -36.54 -50.67 53.35
C ASN B 566 -35.35 -50.10 52.61
N CYS B 567 -35.10 -50.62 51.41
CA CYS B 567 -34.08 -50.04 50.55
C CYS B 567 -34.39 -48.59 50.24
N SER B 568 -35.62 -48.34 49.82
CA SER B 568 -36.03 -46.96 49.56
C SER B 568 -35.90 -46.10 50.81
N GLN B 569 -36.25 -46.67 51.95
CA GLN B 569 -36.14 -45.96 53.22
C GLN B 569 -34.71 -45.52 53.50
N LEU B 570 -33.78 -46.46 53.42
CA LEU B 570 -32.38 -46.17 53.69
C LEU B 570 -31.85 -45.14 52.71
N ILE B 571 -32.17 -45.34 51.43
CA ILE B 571 -31.76 -44.40 50.41
C ILE B 571 -32.21 -43.00 50.78
N GLN B 572 -33.49 -42.88 51.10
CA GLN B 572 -34.04 -41.59 51.48
C GLN B 572 -33.31 -41.00 52.67
N THR B 573 -33.07 -41.82 53.69
CA THR B 573 -32.39 -41.34 54.88
C THR B 573 -31.03 -40.78 54.53
N ILE B 574 -30.34 -41.44 53.61
CA ILE B 574 -29.06 -40.97 53.13
C ILE B 574 -29.21 -39.60 52.49
N GLU B 575 -30.23 -39.47 51.65
CA GLU B 575 -30.51 -38.20 51.00
C GLU B 575 -30.66 -37.11 52.03
N ASP B 576 -31.50 -37.39 53.02
CA ASP B 576 -31.77 -36.46 54.09
C ASP B 576 -30.50 -36.05 54.77
N THR B 577 -29.63 -37.02 55.02
CA THR B 577 -28.37 -36.75 55.66
C THR B 577 -27.57 -35.75 54.85
N GLY B 578 -27.50 -35.98 53.55
CA GLY B 578 -26.82 -35.04 52.68
C GLY B 578 -27.39 -33.65 52.82
N THR B 579 -28.71 -33.55 52.73
CA THR B 579 -29.35 -32.26 52.85
C THR B 579 -29.03 -31.58 54.16
N ILE B 580 -29.08 -32.35 55.23
CA ILE B 580 -28.82 -31.79 56.55
C ILE B 580 -27.40 -31.29 56.63
N MET B 581 -26.48 -32.03 56.08
CA MET B 581 -25.10 -31.59 56.09
C MET B 581 -24.90 -30.36 55.23
N ARG B 582 -25.70 -30.21 54.19
CA ARG B 582 -25.73 -28.94 53.48
C ARG B 582 -26.17 -27.83 54.41
N GLU B 583 -27.22 -28.10 55.17
CA GLU B 583 -27.66 -27.16 56.19
C GLU B 583 -26.51 -26.83 57.12
N VAL B 584 -25.74 -27.84 57.48
CA VAL B 584 -24.60 -27.67 58.35
C VAL B 584 -23.62 -26.69 57.75
N ARG B 585 -23.35 -26.86 56.46
CA ARG B 585 -22.52 -25.90 55.76
C ARG B 585 -23.07 -24.50 55.95
N ASP B 586 -24.37 -24.36 55.73
CA ASP B 586 -24.98 -23.04 55.77
C ASP B 586 -24.81 -22.42 57.14
N LEU B 587 -25.18 -23.19 58.14
CA LEU B 587 -25.10 -22.72 59.51
C LEU B 587 -23.67 -22.34 59.86
N GLU B 588 -22.71 -23.16 59.45
CA GLU B 588 -21.32 -22.88 59.76
C GLU B 588 -20.85 -21.61 59.06
N GLU B 589 -21.34 -21.38 57.86
CA GLU B 589 -21.08 -20.13 57.18
C GLU B 589 -21.61 -18.97 57.99
N GLN B 590 -22.80 -19.11 58.50
CA GLN B 590 -23.41 -18.02 59.24
C GLN B 590 -22.65 -17.78 60.53
N ILE B 591 -22.22 -18.85 61.17
CA ILE B 591 -21.37 -18.77 62.34
C ILE B 591 -20.12 -17.98 62.02
N GLU B 592 -19.49 -18.36 60.92
CA GLU B 592 -18.34 -17.63 60.44
C GLU B 592 -18.67 -16.16 60.27
N THR B 593 -19.85 -15.89 59.76
CA THR B 593 -20.25 -14.52 59.54
C THR B 593 -20.28 -13.75 60.85
N GLU B 594 -20.95 -14.33 61.81
CA GLU B 594 -21.17 -13.64 63.06
C GLU B 594 -19.90 -13.54 63.89
N LEU B 595 -19.04 -14.53 63.81
CA LEU B 595 -17.77 -14.39 64.49
C LEU B 595 -16.92 -13.36 63.79
N GLY B 596 -17.10 -13.21 62.49
CA GLY B 596 -16.50 -12.09 61.82
C GLY B 596 -17.15 -10.82 62.29
N LYS B 597 -18.40 -10.89 62.62
CA LYS B 597 -18.93 -9.83 63.41
C LYS B 597 -18.35 -9.76 64.81
N LYS B 598 -17.36 -10.57 65.19
CA LYS B 598 -16.75 -10.49 66.51
C LYS B 598 -17.83 -10.46 67.57
N THR B 599 -18.87 -11.22 67.30
CA THR B 599 -20.21 -10.89 67.79
C THR B 599 -20.28 -10.78 69.31
N LEU B 600 -19.85 -11.83 70.02
CA LEU B 600 -19.85 -11.79 71.47
C LEU B 600 -18.96 -10.68 71.99
N SER B 601 -17.76 -10.57 71.44
CA SER B 601 -16.86 -9.54 71.92
C SER B 601 -17.49 -8.18 71.75
N ASN B 602 -18.20 -8.00 70.64
CA ASN B 602 -18.87 -6.73 70.41
C ASN B 602 -20.01 -6.54 71.38
N LEU B 603 -20.65 -7.63 71.81
CA LEU B 603 -21.50 -7.57 72.98
C LEU B 603 -20.78 -6.98 74.17
N GLU B 604 -19.60 -7.51 74.44
CA GLU B 604 -18.91 -7.11 75.65
C GLU B 604 -18.53 -5.64 75.54
N LYS B 605 -18.18 -5.26 74.32
CA LYS B 605 -17.80 -3.90 74.03
C LYS B 605 -18.96 -2.96 74.29
N ILE B 606 -20.10 -3.21 73.66
CA ILE B 606 -21.23 -2.32 73.82
C ILE B 606 -21.78 -2.35 75.22
N ARG B 607 -21.72 -3.48 75.91
CA ARG B 607 -22.13 -3.48 77.30
C ARG B 607 -21.30 -2.52 78.12
N GLU B 608 -19.97 -2.64 78.02
CA GLU B 608 -19.17 -1.76 78.86
C GLU B 608 -19.28 -0.32 78.39
N ASP B 609 -19.43 -0.11 77.09
CA ASP B 609 -19.54 1.24 76.59
C ASP B 609 -20.82 1.90 77.05
N TYR B 610 -21.94 1.22 76.82
CA TYR B 610 -23.23 1.76 77.21
C TYR B 610 -23.31 1.92 78.71
N ARG B 611 -22.69 1.00 79.45
CA ARG B 611 -22.57 1.19 80.90
C ARG B 611 -21.88 2.50 81.22
N ALA B 612 -20.71 2.70 80.64
CA ALA B 612 -19.95 3.91 80.92
C ALA B 612 -20.76 5.16 80.57
N LEU B 613 -21.39 5.16 79.40
CA LEU B 613 -22.12 6.35 78.96
C LEU B 613 -23.44 6.56 79.67
N ARG B 614 -24.15 5.49 80.02
CA ARG B 614 -25.30 5.63 80.92
C ARG B 614 -24.89 6.28 82.22
N GLN B 615 -23.80 5.79 82.80
CA GLN B 615 -23.29 6.35 84.04
C GLN B 615 -22.88 7.81 83.85
N GLU B 616 -22.20 8.08 82.75
CA GLU B 616 -21.82 9.42 82.37
C GLU B 616 -23.03 10.33 82.22
N ASN B 617 -24.05 9.87 81.52
CA ASN B 617 -25.27 10.64 81.33
C ASN B 617 -26.00 10.84 82.63
N ALA B 618 -25.95 9.88 83.55
CA ALA B 618 -26.53 10.11 84.86
C ALA B 618 -25.77 11.20 85.59
N GLY B 619 -24.45 11.21 85.48
CA GLY B 619 -23.68 12.30 86.03
C GLY B 619 -23.99 13.63 85.37
N LEU B 620 -24.21 13.59 84.07
CA LEU B 620 -24.60 14.80 83.33
C LEU B 620 -25.97 15.31 83.77
N LEU B 621 -26.95 14.42 83.94
CA LEU B 621 -28.24 14.80 84.49
C LEU B 621 -28.10 15.43 85.86
N GLY B 622 -27.28 14.82 86.71
CA GLY B 622 -26.98 15.42 88.00
C GLY B 622 -26.44 16.82 87.88
N ARG B 623 -25.46 17.01 86.98
CA ARG B 623 -24.90 18.34 86.76
C ARG B 623 -25.94 19.32 86.20
N VAL B 624 -26.85 18.84 85.34
CA VAL B 624 -27.91 19.69 84.81
C VAL B 624 -28.80 20.20 85.91
N ARG B 625 -29.17 19.32 86.82
CA ARG B 625 -30.00 19.76 87.93
C ARG B 625 -29.22 20.61 88.91
N GLU B 626 -27.94 20.29 89.13
CA GLU B 626 -27.12 21.01 90.09
C GLU B 626 -26.77 22.40 89.57
N ALA B 627 -26.32 22.47 88.32
CA ALA B 627 -25.71 23.68 87.80
C ALA B 627 -26.79 24.55 87.19
N MET C 1 24.43 4.33 -73.77
CA MET C 1 24.25 3.83 -72.42
C MET C 1 25.40 4.28 -71.50
N ALA C 2 26.61 3.88 -71.86
CA ALA C 2 27.76 4.01 -70.97
C ALA C 2 28.02 5.45 -70.55
N ALA C 3 27.71 6.42 -71.42
CA ALA C 3 27.87 7.83 -71.06
C ALA C 3 27.06 8.17 -69.83
N ALA C 4 25.84 7.64 -69.73
CA ALA C 4 25.04 7.85 -68.54
C ALA C 4 25.69 7.22 -67.32
N GLU C 5 26.30 6.04 -67.46
CA GLU C 5 26.98 5.43 -66.33
C GLU C 5 28.19 6.23 -65.89
N VAL C 6 28.89 6.86 -66.84
CA VAL C 6 30.05 7.68 -66.47
C VAL C 6 29.62 8.97 -65.77
N ALA C 7 28.55 9.60 -66.26
CA ALA C 7 27.93 10.68 -65.51
C ALA C 7 27.54 10.24 -64.09
N ASP C 8 26.77 9.16 -63.99
CA ASP C 8 26.32 8.68 -62.69
C ASP C 8 27.47 8.37 -61.74
N THR C 9 28.55 7.76 -62.25
CA THR C 9 29.71 7.46 -61.43
C THR C 9 30.48 8.71 -61.08
N GLN C 10 30.21 9.81 -61.78
CA GLN C 10 30.58 11.10 -61.21
C GLN C 10 29.60 11.51 -60.11
N LEU C 11 28.30 11.36 -60.37
CA LEU C 11 27.27 11.86 -59.47
C LEU C 11 27.31 11.15 -58.13
N MET C 12 27.47 9.84 -58.15
CA MET C 12 27.61 8.97 -56.98
C MET C 12 28.89 9.24 -56.21
N LEU C 13 29.04 10.47 -55.76
CA LEU C 13 30.32 10.94 -55.27
C LEU C 13 30.79 10.23 -54.00
N GLY C 14 29.99 9.40 -53.35
CA GLY C 14 30.55 8.35 -52.53
C GLY C 14 29.80 8.15 -51.24
N VAL C 15 30.37 7.31 -50.39
CA VAL C 15 29.67 6.74 -49.24
C VAL C 15 29.93 7.48 -47.95
N GLY C 16 28.86 7.68 -47.17
CA GLY C 16 28.99 8.15 -45.82
C GLY C 16 28.76 7.03 -44.81
N LEU C 17 29.31 7.20 -43.61
CA LEU C 17 29.02 6.29 -42.50
C LEU C 17 29.16 6.96 -41.14
N ILE C 18 28.22 6.66 -40.25
CA ILE C 18 28.28 7.01 -38.82
C ILE C 18 27.82 5.79 -38.04
N GLU C 19 28.37 5.64 -36.83
CA GLU C 19 28.05 4.50 -35.95
C GLU C 19 28.09 4.96 -34.49
N LYS C 20 27.95 3.99 -33.58
CA LYS C 20 28.19 4.22 -32.16
C LYS C 20 29.07 3.13 -31.56
N ASP C 21 29.87 3.54 -30.57
CA ASP C 21 30.80 2.68 -29.85
C ASP C 21 30.30 2.41 -28.43
N THR C 22 30.94 1.43 -27.78
CA THR C 22 30.61 1.05 -26.41
C THR C 22 31.14 1.97 -25.32
N ASN C 23 32.18 2.76 -25.59
CA ASN C 23 32.66 3.72 -24.59
C ASN C 23 31.53 4.65 -24.15
N GLY C 24 30.66 5.01 -25.09
CA GLY C 24 29.38 5.59 -24.71
C GLY C 24 28.70 6.35 -25.82
N GLU C 25 29.36 6.52 -26.95
CA GLU C 25 29.02 7.58 -27.87
C GLU C 25 28.78 7.06 -29.28
N VAL C 26 27.82 7.68 -29.95
CA VAL C 26 27.65 7.53 -31.39
C VAL C 26 28.74 8.33 -32.09
N LEU C 27 29.24 7.82 -33.21
CA LEU C 27 30.38 8.44 -33.84
C LEU C 27 30.27 8.30 -35.34
N TRP C 28 30.76 9.30 -36.06
CA TRP C 28 31.11 9.08 -37.46
C TRP C 28 32.22 8.03 -37.55
N VAL C 29 32.14 7.18 -38.55
CA VAL C 29 33.21 6.25 -38.88
C VAL C 29 33.48 6.34 -40.38
N TRP C 30 34.75 6.25 -40.75
CA TRP C 30 35.22 6.60 -42.09
C TRP C 30 34.61 5.74 -43.18
N CYS C 31 34.67 6.26 -44.39
CA CYS C 31 33.94 5.81 -45.57
C CYS C 31 34.63 6.45 -46.77
N TYR C 32 33.95 6.55 -47.91
CA TYR C 32 34.63 6.79 -49.18
C TYR C 32 33.85 7.68 -50.14
N PRO C 33 33.98 8.96 -49.98
CA PRO C 33 33.51 9.89 -51.00
C PRO C 33 34.48 11.03 -51.26
N SER C 34 34.05 12.06 -51.99
CA SER C 34 34.59 13.42 -51.89
C SER C 34 33.92 14.20 -50.75
N THR C 35 34.55 14.19 -49.58
CA THR C 35 33.96 14.78 -48.37
C THR C 35 33.77 16.28 -48.51
N THR C 36 32.73 16.80 -47.86
CA THR C 36 32.70 18.22 -47.50
C THR C 36 32.35 18.35 -46.03
N ALA C 37 33.31 18.85 -45.25
CA ALA C 37 33.17 18.81 -43.79
C ALA C 37 31.96 19.58 -43.33
N THR C 38 31.69 20.71 -43.98
CA THR C 38 30.46 21.44 -43.73
C THR C 38 29.27 20.59 -44.11
N LEU C 39 29.28 20.13 -45.35
CA LEU C 39 28.21 19.28 -45.83
C LEU C 39 28.19 18.00 -45.04
N ARG C 40 29.35 17.64 -44.49
CA ARG C 40 29.46 16.45 -43.67
C ARG C 40 28.71 16.65 -42.37
N ASN C 41 28.87 17.82 -41.79
CA ASN C 41 28.09 18.22 -40.63
C ASN C 41 26.61 18.25 -40.96
N LEU C 42 26.27 18.74 -42.15
CA LEU C 42 24.89 18.74 -42.57
C LEU C 42 24.31 17.35 -42.61
N LEU C 43 25.08 16.41 -43.13
CA LEU C 43 24.62 15.04 -43.24
C LEU C 43 24.50 14.40 -41.88
N LEU C 44 25.44 14.71 -41.02
CA LEU C 44 25.32 14.33 -39.63
C LEU C 44 24.01 14.85 -39.08
N ARG C 45 23.63 16.05 -39.48
CA ARG C 45 22.35 16.57 -39.03
C ARG C 45 21.22 15.79 -39.66
N LYS C 46 21.46 15.26 -40.85
CA LYS C 46 20.53 14.30 -41.40
C LYS C 46 20.51 13.03 -40.57
N CYS C 47 21.63 12.68 -39.96
CA CYS C 47 21.77 11.34 -39.39
C CYS C 47 20.67 11.06 -38.37
N CYS C 48 19.82 10.09 -38.68
CA CYS C 48 18.81 9.66 -37.71
C CYS C 48 19.46 9.10 -36.45
N LEU C 49 20.57 8.39 -36.61
CA LEU C 49 21.25 7.82 -35.46
C LEU C 49 21.75 8.91 -34.50
N THR C 50 21.77 10.16 -34.96
CA THR C 50 22.21 11.25 -34.09
C THR C 50 21.36 11.30 -32.82
N ASP C 51 20.11 10.84 -32.89
CA ASP C 51 19.30 10.55 -31.70
C ASP C 51 19.08 9.05 -31.64
N GLU C 52 19.67 8.40 -30.64
CA GLU C 52 19.89 6.96 -30.73
C GLU C 52 18.58 6.22 -30.99
N ASN C 53 17.48 6.67 -30.38
CA ASN C 53 16.17 6.35 -30.93
C ASN C 53 15.17 7.43 -30.58
N LYS C 54 15.27 8.57 -31.25
CA LYS C 54 14.11 9.44 -31.41
C LYS C 54 13.09 8.66 -32.22
N LEU C 55 13.45 8.42 -33.48
CA LEU C 55 12.82 7.39 -34.31
C LEU C 55 13.96 6.85 -35.17
N LEU C 56 14.51 5.70 -34.80
CA LEU C 56 15.70 5.18 -35.49
C LEU C 56 15.30 4.62 -36.84
N HIS C 57 14.89 5.54 -37.71
CA HIS C 57 14.42 5.17 -39.03
C HIS C 57 15.54 4.40 -39.71
N PRO C 58 15.31 3.16 -40.14
CA PRO C 58 16.44 2.33 -40.56
C PRO C 58 16.97 2.65 -41.95
N PHE C 59 16.22 3.38 -42.76
CA PHE C 59 16.70 3.83 -44.06
C PHE C 59 16.23 5.23 -44.38
N VAL C 60 17.15 6.01 -44.93
CA VAL C 60 16.80 7.30 -45.50
C VAL C 60 17.47 7.46 -46.84
N PHE C 61 16.77 8.12 -47.75
CA PHE C 61 17.35 8.68 -48.95
C PHE C 61 17.11 10.18 -49.00
N GLY C 62 18.00 10.89 -49.69
CA GLY C 62 18.07 12.33 -49.54
C GLY C 62 18.74 12.99 -50.72
N GLN C 63 18.47 14.28 -50.88
CA GLN C 63 19.20 15.07 -51.87
C GLN C 63 19.47 16.45 -51.29
N TYR C 64 20.63 16.98 -51.67
CA TYR C 64 21.18 18.25 -51.21
C TYR C 64 21.76 19.01 -52.37
N ARG C 65 21.35 20.25 -52.56
CA ARG C 65 21.93 21.10 -53.59
C ARG C 65 22.11 20.32 -54.87
N ARG C 66 21.00 19.70 -55.29
CA ARG C 66 20.96 18.73 -56.37
C ARG C 66 21.74 17.43 -56.13
N THR C 67 22.67 17.42 -55.16
CA THR C 67 23.38 16.20 -54.82
C THR C 67 22.52 15.27 -53.96
N TRP C 68 22.29 14.07 -54.47
CA TRP C 68 21.47 13.14 -53.74
C TRP C 68 22.32 12.45 -52.69
N PHE C 69 21.66 11.93 -51.67
CA PHE C 69 22.35 11.14 -50.66
C PHE C 69 21.46 10.08 -50.05
N TYR C 70 22.08 8.98 -49.67
CA TYR C 70 21.35 7.74 -49.47
C TYR C 70 21.90 7.05 -48.24
N ILE C 71 21.02 6.46 -47.44
CA ILE C 71 21.33 6.21 -46.04
C ILE C 71 20.69 4.91 -45.58
N THR C 72 21.44 4.13 -44.81
CA THR C 72 20.89 2.98 -44.11
C THR C 72 21.37 2.87 -42.66
N THR C 73 20.43 2.55 -41.77
CA THR C 73 20.69 2.36 -40.35
C THR C 73 20.02 1.09 -39.86
N ILE C 74 20.76 0.26 -39.16
CA ILE C 74 20.16 -0.96 -38.62
C ILE C 74 20.68 -1.14 -37.21
N GLU C 75 21.07 -0.02 -36.61
CA GLU C 75 21.81 -0.08 -35.36
C GLU C 75 22.97 -1.03 -35.57
N VAL C 76 22.90 -2.20 -34.96
CA VAL C 76 23.69 -3.33 -35.41
C VAL C 76 22.83 -4.58 -35.45
N PRO C 77 22.55 -5.14 -36.63
CA PRO C 77 21.93 -6.46 -36.72
C PRO C 77 22.98 -7.56 -36.62
N ASP C 78 22.48 -8.79 -36.51
CA ASP C 78 23.36 -9.95 -36.36
C ASP C 78 24.31 -10.13 -37.54
N SER C 79 25.61 -10.06 -37.26
CA SER C 79 26.66 -9.97 -38.27
C SER C 79 27.98 -10.23 -37.58
N SER C 80 29.02 -10.47 -38.38
CA SER C 80 30.36 -10.74 -37.86
C SER C 80 31.22 -9.51 -37.84
N ILE C 81 30.62 -8.33 -37.86
CA ILE C 81 31.32 -7.07 -37.74
C ILE C 81 31.91 -6.96 -36.35
N LEU C 82 32.81 -6.00 -36.17
CA LEU C 82 33.41 -5.75 -34.87
C LEU C 82 32.35 -5.33 -33.86
N LYS C 83 32.28 -6.05 -32.74
CA LYS C 83 31.19 -5.87 -31.79
C LYS C 83 31.25 -4.54 -31.06
N LYS C 84 32.37 -3.82 -31.13
CA LYS C 84 32.38 -2.42 -30.73
C LYS C 84 31.27 -1.63 -31.41
N VAL C 85 30.97 -1.97 -32.66
CA VAL C 85 29.85 -1.32 -33.33
C VAL C 85 28.60 -1.70 -32.55
N THR C 86 28.04 -0.73 -31.85
CA THR C 86 26.75 -0.86 -31.18
C THR C 86 25.62 -0.43 -32.09
N HIS C 87 25.89 0.57 -32.92
CA HIS C 87 24.92 1.07 -33.86
C HIS C 87 25.67 1.34 -35.15
N PHE C 88 24.93 1.44 -36.25
CA PHE C 88 25.58 1.75 -37.51
C PHE C 88 24.59 2.53 -38.35
N SER C 89 25.12 3.36 -39.23
CA SER C 89 24.29 4.13 -40.13
C SER C 89 25.09 4.34 -41.40
N ILE C 90 24.85 3.48 -42.36
CA ILE C 90 25.57 3.58 -43.62
C ILE C 90 24.90 4.56 -44.56
N VAL C 91 25.72 5.29 -45.32
CA VAL C 91 25.23 6.35 -46.16
C VAL C 91 25.98 6.37 -47.47
N LEU C 92 25.34 6.92 -48.47
CA LEU C 92 26.01 7.31 -49.68
C LEU C 92 25.49 8.64 -50.16
N THR C 93 26.27 9.19 -51.07
CA THR C 93 26.18 10.55 -51.54
C THR C 93 26.39 10.56 -53.04
N ALA C 94 25.64 11.42 -53.71
CA ALA C 94 25.27 11.17 -55.08
C ALA C 94 24.90 12.49 -55.72
N LYS C 95 24.55 12.41 -56.98
CA LYS C 95 23.87 13.51 -57.64
C LYS C 95 22.75 12.94 -58.51
N ASP C 96 22.18 11.84 -58.07
CA ASP C 96 21.42 10.96 -58.95
C ASP C 96 20.30 10.27 -58.18
N PHE C 97 19.26 9.86 -58.91
CA PHE C 97 18.09 9.20 -58.35
C PHE C 97 17.90 7.78 -58.88
N ASN C 98 17.99 6.81 -57.97
CA ASN C 98 17.61 5.41 -58.09
C ASN C 98 17.64 4.83 -56.69
N PRO C 99 16.79 5.33 -55.80
CA PRO C 99 16.94 4.99 -54.39
C PRO C 99 16.89 3.51 -54.18
N GLU C 100 16.08 2.86 -54.98
CA GLU C 100 15.95 1.42 -54.88
C GLU C 100 17.23 0.74 -55.33
N LYS C 101 17.75 1.15 -56.48
CA LYS C 101 19.01 0.56 -56.92
C LYS C 101 20.12 0.87 -55.94
N TYR C 102 20.01 2.00 -55.27
CA TYR C 102 20.97 2.25 -54.23
C TYR C 102 20.72 1.35 -53.05
N ALA C 103 19.47 1.14 -52.70
CA ALA C 103 19.14 0.19 -51.65
C ALA C 103 19.75 -1.17 -51.94
N ALA C 104 19.67 -1.60 -53.19
CA ALA C 104 20.30 -2.85 -53.58
C ALA C 104 21.79 -2.81 -53.39
N PHE C 105 22.46 -1.83 -53.99
CA PHE C 105 23.91 -1.85 -53.93
C PHE C 105 24.39 -1.68 -52.50
N THR C 106 23.69 -0.86 -51.76
CA THR C 106 23.96 -0.73 -50.35
C THR C 106 23.72 -2.00 -49.58
N ARG C 107 22.62 -2.69 -49.84
CA ARG C 107 22.41 -3.95 -49.17
C ARG C 107 23.53 -4.92 -49.47
N ILE C 108 24.01 -4.91 -50.71
CA ILE C 108 25.18 -5.70 -51.08
C ILE C 108 26.37 -5.30 -50.21
N LEU C 109 26.72 -4.02 -50.29
CA LEU C 109 27.82 -3.46 -49.52
C LEU C 109 27.72 -3.83 -48.04
N CYS C 110 26.53 -3.61 -47.48
CA CYS C 110 26.32 -3.80 -46.06
C CYS C 110 26.49 -5.24 -45.67
N ARG C 111 25.83 -6.15 -46.38
CA ARG C 111 25.92 -7.56 -46.02
C ARG C 111 27.32 -8.08 -46.21
N MET C 112 28.00 -7.64 -47.26
CA MET C 112 29.40 -7.99 -47.44
C MET C 112 30.20 -7.55 -46.22
N TYR C 113 29.99 -6.31 -45.81
CA TYR C 113 30.61 -5.79 -44.61
C TYR C 113 30.15 -6.50 -43.35
N LEU C 114 28.93 -7.01 -43.37
CA LEU C 114 28.37 -7.69 -42.22
C LEU C 114 29.02 -9.04 -42.03
N LYS C 115 29.43 -9.65 -43.13
CA LYS C 115 30.28 -10.84 -43.06
C LYS C 115 31.71 -10.48 -42.65
N HIS C 116 32.35 -9.59 -43.41
CA HIS C 116 33.78 -9.37 -43.22
C HIS C 116 34.05 -8.48 -42.02
N GLY C 117 33.32 -7.37 -41.91
CA GLY C 117 33.69 -6.26 -41.08
C GLY C 117 34.51 -5.21 -41.80
N SER C 118 35.33 -5.61 -42.77
CA SER C 118 36.19 -4.64 -43.44
C SER C 118 35.35 -3.73 -44.33
N PRO C 119 35.49 -2.41 -44.19
CA PRO C 119 34.86 -1.52 -45.17
C PRO C 119 35.64 -1.41 -46.46
N VAL C 120 36.91 -1.79 -46.47
CA VAL C 120 37.75 -1.67 -47.66
C VAL C 120 37.31 -2.61 -48.78
N LYS C 121 36.91 -3.84 -48.46
CA LYS C 121 36.31 -4.70 -49.50
C LYS C 121 35.02 -4.09 -50.03
N MET C 122 34.21 -3.57 -49.14
CA MET C 122 33.02 -2.85 -49.54
C MET C 122 33.39 -1.68 -50.44
N MET C 123 34.54 -1.06 -50.18
CA MET C 123 35.06 -0.03 -51.07
C MET C 123 35.53 -0.60 -52.38
N GLU C 124 36.01 -1.83 -52.37
CA GLU C 124 36.24 -2.51 -53.64
C GLU C 124 34.96 -2.54 -54.44
N SER C 125 33.85 -2.80 -53.76
CA SER C 125 32.55 -2.74 -54.45
C SER C 125 32.22 -1.33 -54.91
N TYR C 126 32.56 -0.34 -54.10
CA TYR C 126 32.43 1.05 -54.54
C TYR C 126 33.20 1.26 -55.83
N ILE C 127 34.44 0.76 -55.87
CA ILE C 127 35.27 0.83 -57.05
C ILE C 127 34.67 0.06 -58.22
N ALA C 128 34.11 -1.11 -57.95
CA ALA C 128 33.51 -1.92 -59.00
C ALA C 128 32.36 -1.19 -59.68
N VAL C 129 31.43 -0.68 -58.89
CA VAL C 129 30.34 0.10 -59.46
C VAL C 129 30.90 1.31 -60.18
N LEU C 130 31.88 1.95 -59.57
CA LEU C 130 32.57 3.06 -60.21
C LEU C 130 33.06 2.70 -61.60
N THR C 131 33.68 1.56 -61.73
CA THR C 131 34.33 1.20 -62.97
C THR C 131 33.34 0.69 -63.98
N LYS C 132 32.23 0.13 -63.51
CA LYS C 132 31.37 -0.61 -64.40
C LYS C 132 29.92 -0.16 -64.37
N GLY C 133 29.51 0.63 -63.38
CA GLY C 133 28.09 0.85 -63.12
C GLY C 133 27.35 -0.41 -62.72
N ILE C 134 28.08 -1.45 -62.31
CA ILE C 134 27.52 -2.76 -62.01
C ILE C 134 28.35 -3.32 -60.87
N CYS C 135 27.76 -4.22 -60.08
CA CYS C 135 28.57 -5.04 -59.19
C CYS C 135 28.01 -6.44 -59.01
N GLN C 136 28.91 -7.43 -59.02
CA GLN C 136 28.64 -8.72 -58.37
C GLN C 136 28.64 -8.55 -56.85
N SER C 137 28.02 -9.51 -56.15
CA SER C 137 28.27 -9.68 -54.73
C SER C 137 28.59 -11.11 -54.40
N GLU C 138 29.48 -11.29 -53.42
CA GLU C 138 29.61 -12.60 -52.79
C GLU C 138 28.38 -12.92 -51.96
N GLU C 139 27.80 -11.91 -51.32
CA GLU C 139 26.68 -12.13 -50.43
C GLU C 139 25.36 -12.18 -51.16
N ASN C 140 25.33 -11.79 -52.43
CA ASN C 140 24.05 -11.57 -53.09
C ASN C 140 24.15 -11.87 -54.58
N GLY C 141 23.00 -12.10 -55.18
CA GLY C 141 22.87 -11.95 -56.63
C GLY C 141 23.29 -10.57 -57.08
N SER C 142 23.84 -10.52 -58.29
CA SER C 142 24.51 -9.31 -58.77
C SER C 142 23.52 -8.16 -58.93
N PHE C 143 24.09 -6.96 -59.08
CA PHE C 143 23.36 -5.73 -59.32
C PHE C 143 23.91 -5.07 -60.57
N LEU C 144 23.01 -4.60 -61.44
CA LEU C 144 23.36 -3.80 -62.60
C LEU C 144 22.55 -2.52 -62.58
N SER C 145 23.18 -1.41 -62.95
CA SER C 145 22.38 -0.23 -63.26
C SER C 145 21.43 -0.53 -64.42
N LYS C 146 21.81 -1.46 -65.28
CA LYS C 146 20.92 -1.93 -66.33
C LYS C 146 19.67 -2.56 -65.76
N ASP C 147 19.78 -3.12 -64.54
CA ASP C 147 18.60 -3.62 -63.85
C ASP C 147 17.54 -2.54 -63.69
N PHE C 148 17.96 -1.29 -63.47
CA PHE C 148 17.11 -0.29 -62.82
C PHE C 148 17.34 1.07 -63.50
N ASP C 149 16.73 1.22 -64.67
CA ASP C 149 16.64 2.53 -65.30
C ASP C 149 15.94 3.52 -64.38
N ALA C 150 16.36 4.79 -64.49
CA ALA C 150 15.76 5.83 -63.68
C ALA C 150 14.23 5.86 -63.83
N ARG C 151 13.73 5.50 -65.00
CA ARG C 151 12.28 5.56 -65.20
C ARG C 151 11.58 4.47 -64.42
N LYS C 152 12.28 3.38 -64.11
CA LYS C 152 11.76 2.41 -63.15
C LYS C 152 11.60 3.06 -61.78
N ALA C 153 12.61 3.79 -61.35
CA ALA C 153 12.51 4.55 -60.10
C ALA C 153 11.37 5.54 -60.16
N TYR C 154 11.11 6.11 -61.33
CA TYR C 154 10.02 7.05 -61.48
C TYR C 154 8.66 6.38 -61.44
N LEU C 155 8.56 5.13 -61.88
CA LEU C 155 7.26 4.48 -61.94
C LEU C 155 6.68 4.21 -60.55
N ALA C 156 7.54 4.03 -59.55
CA ALA C 156 7.11 3.58 -58.23
C ALA C 156 6.03 4.44 -57.57
N GLY C 157 5.83 5.68 -57.99
CA GLY C 157 4.87 6.55 -57.31
C GLY C 157 3.43 6.29 -57.71
N SER C 158 2.57 6.04 -56.72
CA SER C 158 1.13 5.93 -56.94
C SER C 158 0.48 7.30 -56.77
N ILE C 159 0.05 7.86 -57.89
CA ILE C 159 -0.69 9.11 -57.89
C ILE C 159 -2.16 8.89 -57.50
N LYS C 160 -2.75 7.78 -57.93
CA LYS C 160 -4.08 7.40 -57.50
C LYS C 160 -4.24 7.40 -55.99
N ASP C 161 -3.34 6.74 -55.28
CA ASP C 161 -3.42 6.66 -53.82
C ASP C 161 -3.43 8.05 -53.17
N ILE C 162 -2.55 8.92 -53.63
CA ILE C 162 -2.48 10.28 -53.11
C ILE C 162 -3.74 11.07 -53.45
N VAL C 163 -4.15 11.07 -54.71
CA VAL C 163 -5.28 11.89 -55.13
C VAL C 163 -6.57 11.41 -54.46
N SER C 164 -6.71 10.11 -54.28
CA SER C 164 -7.82 9.57 -53.50
C SER C 164 -7.73 9.97 -52.03
N GLN C 165 -6.52 10.22 -51.54
CA GLN C 165 -6.36 10.72 -50.17
C GLN C 165 -6.59 12.23 -50.03
N PHE C 166 -6.36 13.03 -51.09
CA PHE C 166 -6.31 14.49 -50.95
C PHE C 166 -7.27 15.31 -51.76
N GLY C 167 -8.04 14.73 -52.67
CA GLY C 167 -9.14 15.47 -53.28
C GLY C 167 -8.78 16.88 -53.71
N MET C 168 -9.57 17.87 -53.26
CA MET C 168 -9.26 19.26 -53.55
C MET C 168 -8.03 19.79 -52.82
N GLU C 169 -7.59 19.16 -51.73
CA GLU C 169 -6.26 19.51 -51.26
C GLU C 169 -5.25 19.25 -52.35
N THR C 170 -5.47 18.20 -53.14
CA THR C 170 -4.65 18.03 -54.32
C THR C 170 -4.87 19.09 -55.37
N VAL C 171 -6.03 19.79 -55.39
CA VAL C 171 -6.13 20.94 -56.29
C VAL C 171 -5.25 22.08 -55.82
N ILE C 172 -5.11 22.21 -54.49
CA ILE C 172 -4.16 23.17 -53.92
C ILE C 172 -2.75 22.77 -54.32
N LEU C 173 -2.42 21.50 -54.10
CA LEU C 173 -1.11 20.96 -54.44
C LEU C 173 -0.79 21.18 -55.92
N HIS C 174 -1.72 20.84 -56.80
CA HIS C 174 -1.53 21.05 -58.23
C HIS C 174 -1.22 22.50 -58.55
N THR C 175 -1.99 23.41 -58.00
CA THR C 175 -1.85 24.76 -58.49
C THR C 175 -0.52 25.33 -58.02
N ALA C 176 -0.06 24.92 -56.85
CA ALA C 176 1.32 25.27 -56.47
C ALA C 176 2.34 24.58 -57.37
N LEU C 177 2.16 23.29 -57.64
CA LEU C 177 3.15 22.50 -58.36
C LEU C 177 3.44 23.05 -59.75
N MET C 178 2.41 23.31 -60.55
CA MET C 178 2.65 23.67 -61.94
C MET C 178 3.35 25.01 -62.04
N LEU C 179 2.92 25.96 -61.29
CA LEU C 179 3.36 27.34 -61.35
C LEU C 179 4.76 27.57 -60.76
N LYS C 180 5.57 26.55 -60.53
CA LYS C 180 6.84 26.67 -59.81
C LYS C 180 6.67 27.41 -58.48
N LYS C 181 6.00 26.73 -57.56
CA LYS C 181 5.69 27.32 -56.26
C LYS C 181 6.19 26.42 -55.13
N ARG C 182 6.33 27.04 -53.95
CA ARG C 182 7.15 26.51 -52.86
C ARG C 182 6.30 25.51 -52.08
N ILE C 183 6.60 24.22 -52.23
CA ILE C 183 5.77 23.16 -51.67
C ILE C 183 6.48 22.52 -50.48
N VAL C 184 5.78 22.48 -49.34
CA VAL C 184 6.27 21.86 -48.11
C VAL C 184 5.37 20.66 -47.76
N VAL C 185 5.97 19.59 -47.25
CA VAL C 185 5.26 18.39 -46.78
C VAL C 185 5.72 18.04 -45.37
N TYR C 186 4.76 17.95 -44.43
CA TYR C 186 5.02 17.52 -43.05
C TYR C 186 4.31 16.21 -42.74
N HIS C 187 5.08 15.20 -42.36
CA HIS C 187 4.61 14.09 -41.52
C HIS C 187 5.78 13.69 -40.62
N PRO C 188 5.54 13.41 -39.35
CA PRO C 188 6.65 12.95 -38.49
C PRO C 188 7.30 11.63 -38.92
N LYS C 189 6.61 10.78 -39.68
CA LYS C 189 7.20 9.55 -40.22
C LYS C 189 8.02 9.86 -41.47
N ILE C 190 9.35 9.89 -41.32
CA ILE C 190 10.21 10.09 -42.48
C ILE C 190 9.98 9.03 -43.54
N GLU C 191 9.59 7.82 -43.15
CA GLU C 191 9.28 6.80 -44.14
C GLU C 191 8.10 7.21 -45.02
N ALA C 192 7.01 7.66 -44.39
CA ALA C 192 5.86 8.14 -45.14
C ALA C 192 6.19 9.39 -45.93
N VAL C 193 6.92 10.33 -45.32
CA VAL C 193 7.36 11.52 -46.03
C VAL C 193 8.17 11.13 -47.27
N GLN C 194 9.12 10.22 -47.09
CA GLN C 194 9.94 9.74 -48.20
C GLN C 194 9.06 9.22 -49.33
N GLU C 195 8.10 8.36 -48.99
CA GLU C 195 7.24 7.76 -50.02
C GLU C 195 6.39 8.81 -50.74
N PHE C 196 5.67 9.61 -49.97
CA PHE C 196 4.80 10.64 -50.54
C PHE C 196 5.58 11.65 -51.35
N THR C 197 6.58 12.26 -50.74
CA THR C 197 7.36 13.29 -51.39
C THR C 197 8.04 12.77 -52.64
N ARG C 198 8.62 11.57 -52.61
CA ARG C 198 9.22 11.04 -53.83
C ARG C 198 8.17 10.77 -54.89
N THR C 199 6.95 10.43 -54.48
CA THR C 199 5.86 10.37 -55.44
C THR C 199 5.59 11.76 -56.05
N LEU C 200 5.86 12.81 -55.31
CA LEU C 200 5.52 14.13 -55.82
C LEU C 200 6.26 14.61 -57.07
N PRO C 201 7.55 14.30 -57.27
CA PRO C 201 8.13 14.51 -58.60
C PRO C 201 7.49 13.68 -59.70
N ALA C 202 6.93 12.51 -59.38
CA ALA C 202 6.20 11.74 -60.38
C ALA C 202 5.03 12.54 -60.95
N LEU C 203 4.29 13.22 -60.09
CA LEU C 203 3.22 14.08 -60.57
C LEU C 203 3.79 15.10 -61.56
N VAL C 204 3.12 15.24 -62.71
CA VAL C 204 3.46 16.12 -63.82
C VAL C 204 4.82 15.79 -64.43
N TRP C 205 5.34 14.60 -64.13
CA TRP C 205 6.77 14.34 -64.32
C TRP C 205 7.26 14.68 -65.73
N HIS C 206 6.40 14.54 -66.75
CA HIS C 206 6.83 14.91 -68.10
C HIS C 206 7.36 16.34 -68.13
N ARG C 207 6.85 17.20 -67.27
CA ARG C 207 7.51 18.46 -66.95
C ARG C 207 8.70 18.15 -66.06
N GLN C 208 9.70 17.52 -66.66
CA GLN C 208 10.77 16.86 -65.93
C GLN C 208 11.64 17.84 -65.15
N ASP C 209 11.70 17.64 -63.83
CA ASP C 209 12.87 18.05 -63.06
C ASP C 209 12.89 17.22 -61.78
N TRP C 210 13.71 16.16 -61.77
CA TRP C 210 13.76 15.29 -60.60
C TRP C 210 14.67 15.80 -59.50
N THR C 211 15.63 16.66 -59.84
CA THR C 211 16.57 17.20 -58.88
C THR C 211 15.87 17.91 -57.73
N ILE C 212 14.63 18.31 -57.94
CA ILE C 212 13.83 18.97 -56.92
C ILE C 212 13.77 18.18 -55.61
N LEU C 213 13.85 16.86 -55.71
CA LEU C 213 13.54 15.96 -54.59
C LEU C 213 14.63 15.95 -53.51
N HIS C 214 14.66 17.02 -52.70
CA HIS C 214 15.48 17.11 -51.48
C HIS C 214 14.70 16.60 -50.27
N SER C 215 14.63 15.26 -50.18
CA SER C 215 13.78 14.55 -49.22
C SER C 215 14.06 14.84 -47.75
N TYR C 216 15.15 15.50 -47.40
CA TYR C 216 15.36 15.90 -46.01
C TYR C 216 16.05 17.24 -45.95
N VAL C 217 15.26 18.26 -45.71
CA VAL C 217 15.78 19.60 -45.51
C VAL C 217 15.71 19.86 -44.01
N HIS C 218 16.77 20.44 -43.46
CA HIS C 218 16.73 20.99 -42.12
C HIS C 218 16.39 22.48 -42.19
N LEU C 219 15.94 23.01 -41.06
CA LEU C 219 15.63 24.43 -40.97
C LEU C 219 16.87 25.30 -40.88
N ASN C 220 18.06 24.71 -40.93
CA ASN C 220 19.26 25.52 -40.87
C ASN C 220 19.30 26.55 -41.98
N ALA C 221 19.93 27.68 -41.64
CA ALA C 221 19.99 28.80 -42.55
C ALA C 221 20.54 28.36 -43.89
N ASP C 222 21.65 27.64 -43.87
CA ASP C 222 22.22 27.19 -45.13
C ASP C 222 21.28 26.26 -45.86
N GLU C 223 20.55 25.42 -45.11
CA GLU C 223 19.62 24.52 -45.75
C GLU C 223 18.40 25.27 -46.27
N LEU C 224 17.89 26.21 -45.48
CA LEU C 224 16.78 26.99 -45.98
C LEU C 224 17.19 27.80 -47.20
N GLU C 225 18.40 28.34 -47.19
CA GLU C 225 18.95 29.02 -48.35
C GLU C 225 18.99 28.11 -49.57
N ALA C 226 19.49 26.90 -49.38
CA ALA C 226 19.53 25.97 -50.51
C ALA C 226 18.15 25.75 -51.07
N LEU C 227 17.16 25.60 -50.20
CA LEU C 227 15.81 25.46 -50.71
C LEU C 227 15.36 26.74 -51.38
N GLN C 228 15.86 27.88 -50.92
CA GLN C 228 15.60 29.14 -51.59
C GLN C 228 16.19 29.15 -52.98
N MET C 229 17.29 28.45 -53.18
CA MET C 229 17.80 28.30 -54.53
C MET C 229 16.72 27.75 -55.42
N CYS C 230 15.90 26.87 -54.87
CA CYS C 230 14.74 26.35 -55.56
C CYS C 230 13.61 27.35 -55.43
N THR C 231 12.67 27.28 -56.37
CA THR C 231 11.52 28.16 -56.29
C THR C 231 10.23 27.36 -56.42
N GLY C 232 10.05 26.73 -57.57
CA GLY C 232 9.21 25.55 -57.58
C GLY C 232 9.98 24.52 -56.80
N TYR C 233 9.51 24.21 -55.60
CA TYR C 233 10.26 23.28 -54.76
C TYR C 233 9.35 22.45 -53.88
N VAL C 234 9.84 21.26 -53.55
CA VAL C 234 9.21 20.32 -52.63
C VAL C 234 10.31 19.86 -51.65
N ALA C 235 10.23 20.30 -50.41
CA ALA C 235 11.16 19.90 -49.36
C ALA C 235 10.36 19.24 -48.25
N GLY C 236 10.91 18.18 -47.67
CA GLY C 236 10.19 17.34 -46.71
C GLY C 236 10.61 17.56 -45.27
N PHE C 237 9.64 17.48 -44.37
CA PHE C 237 9.81 17.87 -42.98
C PHE C 237 8.92 17.01 -42.09
N VAL C 238 9.32 16.89 -40.83
CA VAL C 238 8.68 15.99 -39.88
C VAL C 238 8.20 16.74 -38.64
N ASP C 239 8.07 18.06 -38.72
CA ASP C 239 7.51 18.83 -37.62
C ASP C 239 6.67 19.98 -38.17
N LEU C 240 5.77 20.46 -37.30
CA LEU C 240 4.77 21.42 -37.72
C LEU C 240 5.35 22.78 -38.06
N GLU C 241 6.48 23.15 -37.45
CA GLU C 241 6.94 24.55 -37.45
C GLU C 241 7.00 25.15 -38.85
N VAL C 242 7.22 24.32 -39.86
CA VAL C 242 7.21 24.83 -41.23
C VAL C 242 5.84 25.36 -41.64
N SER C 243 4.77 24.78 -41.07
CA SER C 243 3.44 25.34 -41.28
C SER C 243 3.37 26.79 -40.89
N ASN C 244 4.20 27.21 -39.92
CA ASN C 244 4.21 28.60 -39.49
C ASN C 244 4.44 29.53 -40.68
N ARG C 245 5.09 29.04 -41.72
CA ARG C 245 5.81 29.95 -42.60
C ARG C 245 5.29 30.05 -44.04
N PRO C 246 4.05 30.47 -44.28
CA PRO C 246 3.65 30.75 -45.67
C PRO C 246 4.49 31.84 -46.33
N ASP C 247 5.12 32.73 -45.57
CA ASP C 247 6.16 33.56 -46.16
C ASP C 247 7.23 32.69 -46.79
N LEU C 248 7.66 31.66 -46.07
CA LEU C 248 8.59 30.67 -46.59
C LEU C 248 7.92 29.69 -47.56
N TYR C 249 6.66 29.34 -47.35
CA TYR C 249 6.03 28.30 -48.17
C TYR C 249 4.88 28.86 -49.00
N ASP C 250 4.78 28.38 -50.22
CA ASP C 250 3.56 28.63 -50.97
C ASP C 250 2.51 27.61 -50.62
N VAL C 251 2.93 26.43 -50.18
CA VAL C 251 2.01 25.43 -49.63
C VAL C 251 2.63 24.76 -48.41
N PHE C 252 1.82 24.53 -47.40
CA PHE C 252 2.21 23.66 -46.30
C PHE C 252 1.34 22.42 -46.37
N VAL C 253 1.97 21.28 -46.61
CA VAL C 253 1.30 20.00 -46.56
C VAL C 253 1.62 19.40 -45.20
N ASN C 254 0.60 19.11 -44.41
CA ASN C 254 0.75 18.16 -43.31
C ASN C 254 0.30 16.78 -43.80
N LEU C 255 1.28 15.94 -44.13
CA LEU C 255 1.01 14.54 -44.44
C LEU C 255 0.60 13.77 -43.21
N ALA C 256 1.06 14.17 -42.04
CA ALA C 256 0.40 13.73 -40.82
C ALA C 256 -1.10 14.04 -40.84
N GLU C 257 -1.53 15.09 -41.54
CA GLU C 257 -2.95 15.42 -41.58
C GLU C 257 -3.71 14.93 -42.81
N SER C 258 -3.06 14.73 -43.95
CA SER C 258 -3.72 14.76 -45.26
C SER C 258 -4.30 16.14 -45.55
N GLU C 259 -3.46 17.15 -45.42
CA GLU C 259 -3.88 18.54 -45.62
C GLU C 259 -2.83 19.31 -46.41
N ILE C 260 -3.31 20.31 -47.15
CA ILE C 260 -2.52 21.08 -48.09
C ILE C 260 -2.93 22.54 -47.96
N THR C 261 -1.96 23.46 -47.96
CA THR C 261 -2.14 24.79 -47.41
C THR C 261 -1.90 25.82 -48.50
N ILE C 262 -2.72 26.86 -48.52
CA ILE C 262 -2.67 27.89 -49.56
C ILE C 262 -1.89 29.10 -49.06
N ALA C 263 -0.94 29.56 -49.86
CA ALA C 263 -0.19 30.78 -49.56
C ALA C 263 -1.03 32.02 -49.87
N PRO C 264 -0.59 33.21 -49.45
CA PRO C 264 -1.52 34.36 -49.45
C PRO C 264 -2.00 34.77 -50.84
N LEU C 265 -1.08 35.01 -51.78
CA LEU C 265 -1.48 35.31 -53.15
C LEU C 265 -2.00 34.08 -53.88
N ALA C 266 -1.48 32.89 -53.51
CA ALA C 266 -2.00 31.65 -54.06
C ALA C 266 -3.50 31.52 -53.87
N LYS C 267 -4.05 32.12 -52.81
CA LYS C 267 -5.49 32.11 -52.62
C LYS C 267 -6.25 32.81 -53.75
N GLU C 268 -5.57 33.55 -54.63
CA GLU C 268 -6.13 33.90 -55.92
C GLU C 268 -5.52 33.07 -57.05
N ALA C 269 -4.19 32.97 -57.09
CA ALA C 269 -3.52 32.23 -58.15
C ALA C 269 -3.96 30.77 -58.16
N MET C 270 -4.49 30.29 -57.04
CA MET C 270 -5.01 28.94 -56.92
C MET C 270 -6.49 28.96 -56.55
N ALA C 271 -7.14 30.10 -56.71
CA ALA C 271 -8.56 30.18 -56.45
C ALA C 271 -9.33 29.36 -57.48
N MET C 272 -10.46 28.82 -57.03
CA MET C 272 -11.19 27.77 -57.75
C MET C 272 -11.95 28.27 -58.97
N GLY C 273 -11.47 29.31 -59.63
CA GLY C 273 -12.04 29.69 -60.91
C GLY C 273 -11.73 28.67 -61.99
N LYS C 274 -11.99 29.06 -63.24
CA LYS C 274 -12.32 28.10 -64.28
C LYS C 274 -11.26 27.01 -64.42
N LEU C 275 -9.99 27.38 -64.54
CA LEU C 275 -8.98 26.34 -64.71
C LEU C 275 -8.86 25.49 -63.45
N HIS C 276 -8.95 26.11 -62.27
CA HIS C 276 -8.86 25.36 -61.02
C HIS C 276 -10.11 24.54 -60.75
N LYS C 277 -11.25 24.90 -61.36
CA LYS C 277 -12.41 24.00 -61.39
C LYS C 277 -12.17 22.83 -62.32
N GLU C 278 -11.62 23.10 -63.49
CA GLU C 278 -11.17 22.05 -64.39
C GLU C 278 -10.25 21.08 -63.67
N MET C 279 -9.35 21.62 -62.85
CA MET C 279 -8.45 20.78 -62.06
C MET C 279 -9.16 20.06 -60.92
N GLY C 280 -10.12 20.71 -60.28
CA GLY C 280 -10.96 20.00 -59.33
C GLY C 280 -11.64 18.82 -59.97
N GLN C 281 -12.16 19.00 -61.17
CA GLN C 281 -12.73 17.91 -61.96
C GLN C 281 -11.71 16.82 -62.28
N LEU C 282 -10.56 17.21 -62.79
CA LEU C 282 -9.52 16.23 -63.14
C LEU C 282 -9.04 15.43 -61.94
N ILE C 283 -8.91 16.08 -60.78
CA ILE C 283 -8.44 15.40 -59.58
C ILE C 283 -9.52 14.54 -58.94
N VAL C 284 -10.77 15.00 -58.95
CA VAL C 284 -11.87 14.11 -58.59
C VAL C 284 -11.86 12.86 -59.46
N GLN C 285 -11.67 13.02 -60.78
CA GLN C 285 -11.48 11.84 -61.63
C GLN C 285 -10.21 11.05 -61.31
N SER C 286 -9.12 11.73 -60.97
CA SER C 286 -7.88 11.03 -60.62
C SER C 286 -8.01 10.20 -59.36
N ALA C 287 -8.94 10.53 -58.48
CA ALA C 287 -9.38 9.54 -57.51
C ALA C 287 -10.32 8.56 -58.18
N GLU C 288 -11.39 9.09 -58.78
CA GLU C 288 -12.57 8.35 -59.19
C GLU C 288 -12.40 7.68 -60.54
N ASP C 289 -11.85 8.37 -61.53
CA ASP C 289 -11.74 7.75 -62.84
C ASP C 289 -10.67 6.68 -62.77
N PRO C 290 -11.02 5.42 -63.04
CA PRO C 290 -10.09 4.31 -62.88
C PRO C 290 -9.25 4.02 -64.10
N GLU C 291 -9.49 4.69 -65.23
CA GLU C 291 -9.06 4.16 -66.52
C GLU C 291 -7.56 4.22 -66.71
N LYS C 292 -6.88 5.05 -65.93
CA LYS C 292 -5.52 5.45 -66.24
C LYS C 292 -4.69 5.39 -64.98
N SER C 293 -3.53 4.76 -65.07
CA SER C 293 -2.65 4.62 -63.92
C SER C 293 -1.90 5.92 -63.66
N GLU C 294 -0.99 5.86 -62.68
CA GLU C 294 -0.25 7.04 -62.28
C GLU C 294 0.48 7.65 -63.47
N SER C 295 1.20 6.83 -64.23
CA SER C 295 1.87 7.36 -65.41
C SER C 295 0.87 7.79 -66.47
N HIS C 296 -0.26 7.07 -66.60
CA HIS C 296 -1.32 7.53 -67.51
C HIS C 296 -1.97 8.81 -67.00
N VAL C 297 -2.07 8.96 -65.68
CA VAL C 297 -2.56 10.22 -65.14
C VAL C 297 -1.58 11.33 -65.46
N ILE C 298 -0.29 11.00 -65.46
CA ILE C 298 0.74 11.94 -65.91
C ILE C 298 0.52 12.29 -67.37
N GLN C 299 0.10 11.32 -68.17
CA GLN C 299 -0.17 11.58 -69.59
C GLN C 299 -1.35 12.53 -69.79
N ASP C 300 -2.41 12.38 -69.00
CA ASP C 300 -3.55 13.30 -69.15
C ASP C 300 -3.30 14.67 -68.56
N ILE C 301 -2.48 14.73 -67.51
CA ILE C 301 -1.95 16.01 -67.06
C ILE C 301 -1.01 16.61 -68.11
N ALA C 302 -0.31 15.77 -68.86
CA ALA C 302 0.46 16.28 -70.00
C ALA C 302 -0.46 16.80 -71.09
N LEU C 303 -1.65 16.22 -71.22
CA LEU C 303 -2.64 16.79 -72.15
C LEU C 303 -3.01 18.20 -71.73
N LYS C 304 -3.31 18.40 -70.45
CA LYS C 304 -3.55 19.76 -69.96
C LYS C 304 -2.32 20.65 -70.11
N THR C 305 -1.13 20.10 -69.92
CA THR C 305 0.09 20.89 -70.05
C THR C 305 0.30 21.36 -71.47
N ARG C 306 0.13 20.46 -72.44
CA ARG C 306 0.16 20.86 -73.84
C ARG C 306 -0.94 21.86 -74.17
N GLU C 307 -2.11 21.72 -73.55
CA GLU C 307 -3.14 22.74 -73.74
C GLU C 307 -2.64 24.12 -73.35
N ILE C 308 -2.05 24.24 -72.16
CA ILE C 308 -1.61 25.54 -71.68
C ILE C 308 -0.40 26.04 -72.47
N PHE C 309 0.54 25.14 -72.76
CA PHE C 309 1.70 25.51 -73.57
C PHE C 309 1.28 26.01 -74.94
N THR C 310 0.33 25.33 -75.59
CA THR C 310 -0.13 25.76 -76.90
C THR C 310 -0.97 27.03 -76.80
N ASN C 311 -1.66 27.25 -75.68
CA ASN C 311 -2.27 28.54 -75.44
C ASN C 311 -1.22 29.65 -75.47
N LEU C 312 -0.12 29.44 -74.75
CA LEU C 312 1.00 30.37 -74.81
C LEU C 312 1.63 30.47 -76.19
N ALA C 313 1.64 29.37 -76.95
CA ALA C 313 2.61 29.21 -78.04
C ALA C 313 2.47 30.19 -79.21
N PRO C 314 1.32 30.33 -79.89
CA PRO C 314 1.26 31.32 -80.97
C PRO C 314 1.16 32.74 -80.44
N PHE C 315 0.49 32.88 -79.30
CA PHE C 315 0.46 34.16 -78.60
C PHE C 315 1.84 34.61 -78.16
N SER C 316 2.81 33.69 -78.09
CA SER C 316 4.16 34.02 -77.69
C SER C 316 5.15 33.89 -78.85
N GLU C 317 6.14 34.79 -78.87
CA GLU C 317 7.22 34.75 -79.84
C GLU C 317 8.45 34.16 -79.19
N VAL C 318 9.32 33.57 -80.01
CA VAL C 318 10.50 32.87 -79.53
C VAL C 318 11.66 33.84 -79.62
N SER C 319 12.26 34.14 -78.48
CA SER C 319 13.06 35.34 -78.35
C SER C 319 14.37 35.20 -79.13
N ALA C 320 15.09 36.31 -79.23
CA ALA C 320 16.46 36.27 -79.73
C ALA C 320 17.36 35.41 -78.86
N ASP C 321 16.97 35.13 -77.63
CA ASP C 321 17.71 34.17 -76.82
C ASP C 321 17.49 32.73 -77.28
N GLY C 322 16.48 32.49 -78.13
CA GLY C 322 16.38 31.22 -78.84
C GLY C 322 15.78 30.05 -78.08
N GLU C 323 16.18 29.85 -76.82
CA GLU C 323 15.74 28.68 -76.08
C GLU C 323 14.25 28.72 -75.79
N LYS C 324 13.70 29.91 -75.52
CA LYS C 324 12.38 30.02 -74.94
C LYS C 324 11.64 31.19 -75.55
N ARG C 325 10.35 31.23 -75.27
CA ARG C 325 9.38 32.10 -75.90
C ARG C 325 9.12 33.31 -75.02
N VAL C 326 8.65 34.39 -75.65
CA VAL C 326 8.23 35.59 -74.94
C VAL C 326 6.74 35.76 -75.19
N LEU C 327 5.97 35.87 -74.11
CA LEU C 327 4.52 35.73 -74.18
C LEU C 327 3.89 37.10 -74.24
N ASN C 328 3.09 37.34 -75.27
CA ASN C 328 2.18 38.47 -75.28
C ASN C 328 1.05 38.12 -74.33
N LEU C 329 1.30 38.34 -73.05
CA LEU C 329 0.29 38.06 -72.05
C LEU C 329 -0.92 38.95 -72.24
N GLU C 330 -0.71 40.16 -72.77
CA GLU C 330 -1.83 41.02 -73.11
C GLU C 330 -2.71 40.41 -74.18
N ALA C 331 -2.11 39.78 -75.21
CA ALA C 331 -2.90 39.07 -76.20
C ALA C 331 -3.57 37.84 -75.59
N LEU C 332 -2.88 37.18 -74.66
CA LEU C 332 -3.49 36.05 -73.95
C LEU C 332 -4.73 36.49 -73.17
N LYS C 333 -4.69 37.70 -72.61
CA LYS C 333 -5.90 38.27 -72.01
C LYS C 333 -6.91 38.69 -73.06
N GLN C 334 -6.44 39.11 -74.24
CA GLN C 334 -7.36 39.35 -75.35
C GLN C 334 -8.04 38.07 -75.78
N LYS C 335 -7.36 36.93 -75.61
CA LYS C 335 -8.04 35.65 -75.71
C LYS C 335 -9.20 35.57 -74.72
N ARG C 336 -9.12 36.32 -73.62
CA ARG C 336 -10.18 36.35 -72.63
C ARG C 336 -10.44 34.96 -72.08
N PHE C 337 -9.37 34.31 -71.65
CA PHE C 337 -9.55 33.16 -70.80
C PHE C 337 -10.34 33.60 -69.56
N PRO C 338 -11.35 32.85 -69.15
CA PRO C 338 -11.98 33.10 -67.87
C PRO C 338 -10.92 33.13 -66.78
N PRO C 339 -11.10 33.99 -65.77
CA PRO C 339 -9.94 34.56 -65.08
C PRO C 339 -8.96 33.55 -64.51
N ALA C 340 -9.41 32.46 -63.90
CA ALA C 340 -8.45 31.51 -63.34
C ALA C 340 -7.63 30.79 -64.40
N THR C 341 -8.20 30.51 -65.57
CA THR C 341 -7.40 29.91 -66.64
C THR C 341 -6.33 30.88 -67.12
N GLU C 342 -6.69 32.14 -67.30
CA GLU C 342 -5.72 33.15 -67.73
C GLU C 342 -4.65 33.38 -66.67
N ASN C 343 -5.05 33.39 -65.40
CA ASN C 343 -4.10 33.52 -64.30
C ASN C 343 -3.12 32.36 -64.26
N PHE C 344 -3.63 31.14 -64.37
CA PHE C 344 -2.77 29.96 -64.40
C PHE C 344 -1.83 30.00 -65.60
N LEU C 345 -2.32 30.51 -66.73
CA LEU C 345 -1.45 30.71 -67.90
C LEU C 345 -0.30 31.66 -67.59
N TYR C 346 -0.60 32.80 -66.97
CA TYR C 346 0.45 33.74 -66.59
C TYR C 346 1.43 33.12 -65.61
N HIS C 347 0.93 32.53 -64.54
CA HIS C 347 1.80 31.97 -63.52
C HIS C 347 2.63 30.82 -64.06
N LEU C 348 2.11 30.05 -65.01
CA LEU C 348 2.91 29.00 -65.63
C LEU C 348 3.92 29.55 -66.62
N ALA C 349 3.60 30.66 -67.30
CA ALA C 349 4.61 31.32 -68.12
C ALA C 349 5.74 31.83 -67.26
N ALA C 350 5.44 32.27 -66.03
CA ALA C 350 6.48 32.49 -65.04
C ALA C 350 7.19 31.18 -64.72
N ALA C 351 6.40 30.11 -64.51
CA ALA C 351 6.96 28.79 -64.22
C ALA C 351 7.74 28.27 -65.42
N GLU C 352 7.33 28.67 -66.63
CA GLU C 352 8.11 28.33 -67.81
C GLU C 352 9.23 29.32 -68.07
N GLN C 353 9.32 30.38 -67.28
CA GLN C 353 10.35 31.39 -67.47
C GLN C 353 10.24 31.97 -68.87
N MET C 354 9.02 32.36 -69.22
CA MET C 354 8.66 32.78 -70.57
C MET C 354 7.82 34.04 -70.51
N LEU C 355 8.01 34.83 -69.46
CA LEU C 355 7.25 36.05 -69.25
C LEU C 355 7.66 37.12 -70.27
N LYS C 356 6.87 38.19 -70.32
CA LYS C 356 7.31 39.47 -70.85
C LYS C 356 7.01 40.55 -69.82
N ILE C 357 7.92 41.51 -69.70
CA ILE C 357 7.87 42.46 -68.59
C ILE C 357 8.09 43.87 -69.09
N MET D 1 -12.83 -5.08 -15.40
CA MET D 1 -13.53 -5.77 -14.32
C MET D 1 -13.22 -5.12 -12.96
N LEU D 2 -14.24 -4.86 -12.15
CA LEU D 2 -14.08 -4.14 -10.90
C LEU D 2 -13.99 -5.13 -9.76
N VAL D 3 -12.88 -5.09 -9.03
CA VAL D 3 -12.61 -6.06 -7.96
C VAL D 3 -12.12 -5.30 -6.73
N LEU D 4 -12.57 -5.73 -5.55
CA LEU D 4 -12.24 -5.05 -4.30
C LEU D 4 -11.31 -5.89 -3.45
N VAL D 5 -10.24 -5.27 -2.97
CA VAL D 5 -9.21 -5.94 -2.19
C VAL D 5 -9.03 -5.15 -0.90
N LEU D 6 -8.96 -5.88 0.21
CA LEU D 6 -8.97 -5.29 1.54
C LEU D 6 -8.22 -6.20 2.50
N GLY D 7 -7.77 -5.63 3.60
CA GLY D 7 -7.10 -6.41 4.62
C GLY D 7 -7.18 -5.81 6.00
N ASP D 8 -7.12 -6.67 7.01
CA ASP D 8 -6.81 -6.26 8.38
C ASP D 8 -7.77 -5.17 8.83
N LEU D 9 -9.05 -5.49 8.77
CA LEU D 9 -10.06 -4.53 9.16
C LEU D 9 -10.11 -4.31 10.67
N HIS D 10 -9.74 -5.31 11.46
CA HIS D 10 -9.67 -5.14 12.92
C HIS D 10 -10.97 -4.64 13.53
N ILE D 11 -12.08 -5.00 12.89
CA ILE D 11 -13.33 -4.28 13.13
C ILE D 11 -13.70 -4.22 14.60
N PRO D 12 -13.80 -5.33 15.30
CA PRO D 12 -14.44 -5.25 16.61
C PRO D 12 -13.51 -4.57 17.58
N HIS D 13 -12.27 -5.01 17.62
CA HIS D 13 -11.39 -4.37 18.57
C HIS D 13 -10.96 -3.00 18.10
N ARG D 14 -10.55 -2.87 16.86
CA ARG D 14 -9.97 -1.58 16.51
C ARG D 14 -10.90 -0.65 15.76
N CYS D 15 -11.93 -1.16 15.10
CA CYS D 15 -12.42 -0.38 13.96
C CYS D 15 -13.85 -0.73 13.66
N ASN D 16 -14.73 -0.46 14.60
CA ASN D 16 -16.04 -1.05 14.61
C ASN D 16 -16.99 -0.40 13.61
N SER D 17 -16.60 0.72 12.99
CA SER D 17 -17.15 1.12 11.70
C SER D 17 -16.03 1.58 10.77
N LEU D 18 -16.25 1.38 9.48
CA LEU D 18 -15.53 2.13 8.46
C LEU D 18 -15.98 3.60 8.46
N PRO D 19 -15.07 4.52 8.13
CA PRO D 19 -15.45 5.94 8.10
C PRO D 19 -16.46 6.27 7.01
N ALA D 20 -17.02 7.46 7.13
CA ALA D 20 -18.14 7.91 6.33
C ALA D 20 -17.93 7.87 4.83
N LYS D 21 -17.05 8.73 4.31
CA LYS D 21 -16.90 8.79 2.86
C LYS D 21 -16.32 7.53 2.27
N PHE D 22 -15.45 6.83 3.01
CA PHE D 22 -14.98 5.53 2.53
C PHE D 22 -16.13 4.55 2.41
N LYS D 23 -16.97 4.44 3.44
CA LYS D 23 -18.19 3.64 3.33
C LYS D 23 -18.96 4.06 2.10
N LYS D 24 -19.13 5.37 1.93
CA LYS D 24 -19.93 5.90 0.83
C LYS D 24 -19.37 5.41 -0.50
N LEU D 25 -18.05 5.47 -0.64
CA LEU D 25 -17.38 4.99 -1.84
C LEU D 25 -17.69 3.52 -2.12
N LEU D 26 -17.92 2.75 -1.08
CA LEU D 26 -18.42 1.39 -1.29
C LEU D 26 -19.84 1.40 -1.81
N VAL D 27 -20.02 1.79 -3.05
CA VAL D 27 -21.28 1.41 -3.69
C VAL D 27 -21.27 -0.10 -3.88
N PRO D 28 -22.34 -0.78 -3.50
CA PRO D 28 -22.48 -2.20 -3.87
C PRO D 28 -22.45 -2.40 -5.37
N GLY D 29 -22.26 -3.66 -5.75
CA GLY D 29 -22.59 -4.15 -7.07
C GLY D 29 -21.69 -3.79 -8.22
N LYS D 30 -21.11 -2.60 -8.20
CA LYS D 30 -20.07 -2.25 -9.17
C LYS D 30 -18.71 -2.78 -8.76
N ILE D 31 -18.69 -3.97 -8.18
CA ILE D 31 -17.47 -4.70 -7.90
C ILE D 31 -17.75 -6.14 -8.28
N GLN D 32 -16.78 -6.79 -8.92
CA GLN D 32 -16.95 -8.18 -9.30
C GLN D 32 -16.44 -9.16 -8.25
N HIS D 33 -15.22 -8.95 -7.74
CA HIS D 33 -14.64 -9.89 -6.79
C HIS D 33 -14.19 -9.15 -5.53
N ILE D 34 -14.16 -9.86 -4.41
CA ILE D 34 -13.70 -9.30 -3.14
C ILE D 34 -12.67 -10.22 -2.49
N LEU D 35 -11.50 -9.65 -2.17
CA LEU D 35 -10.38 -10.42 -1.67
C LEU D 35 -9.88 -9.78 -0.39
N CYS D 36 -9.81 -10.56 0.69
CA CYS D 36 -9.38 -10.06 1.99
C CYS D 36 -8.18 -10.84 2.50
N THR D 37 -7.08 -10.14 2.79
CA THR D 37 -5.90 -10.83 3.29
C THR D 37 -6.06 -11.31 4.73
N GLY D 38 -7.15 -10.97 5.40
CA GLY D 38 -7.36 -11.40 6.77
C GLY D 38 -7.37 -10.26 7.78
N ASN D 39 -7.59 -10.66 9.03
CA ASN D 39 -7.83 -9.79 10.18
C ASN D 39 -8.92 -8.75 9.93
N LEU D 40 -9.85 -9.07 9.04
CA LEU D 40 -11.12 -8.37 9.08
C LEU D 40 -11.86 -8.75 10.34
N CYS D 41 -11.49 -9.90 10.91
CA CYS D 41 -11.91 -10.42 12.20
C CYS D 41 -13.29 -11.04 12.28
N THR D 42 -14.34 -10.42 11.74
CA THR D 42 -15.68 -10.89 12.06
C THR D 42 -16.43 -11.36 10.83
N LYS D 43 -17.23 -12.40 11.08
CA LYS D 43 -18.17 -12.92 10.10
C LYS D 43 -19.18 -11.87 9.66
N GLU D 44 -19.58 -10.97 10.57
CA GLU D 44 -20.52 -9.92 10.22
C GLU D 44 -19.89 -8.83 9.38
N SER D 45 -18.63 -8.54 9.62
CA SER D 45 -17.93 -7.66 8.70
C SER D 45 -17.90 -8.29 7.32
N TYR D 46 -17.58 -9.59 7.27
CA TYR D 46 -17.65 -10.33 6.03
C TYR D 46 -19.06 -10.26 5.43
N ASP D 47 -20.09 -10.29 6.28
CA ASP D 47 -21.45 -10.11 5.79
C ASP D 47 -21.59 -8.80 5.07
N TYR D 48 -21.07 -7.74 5.69
CA TYR D 48 -21.12 -6.42 5.07
C TYR D 48 -20.37 -6.41 3.75
N LEU D 49 -19.25 -7.12 3.70
CA LEU D 49 -18.51 -7.25 2.46
C LEU D 49 -19.29 -8.02 1.40
N LYS D 50 -19.90 -9.13 1.80
CA LYS D 50 -20.56 -10.01 0.85
C LYS D 50 -21.78 -9.31 0.30
N THR D 51 -22.35 -8.43 1.10
CA THR D 51 -23.40 -7.55 0.65
C THR D 51 -22.85 -6.42 -0.19
N LEU D 52 -21.56 -6.10 -0.07
CA LEU D 52 -20.95 -5.16 -0.99
C LEU D 52 -20.67 -5.80 -2.34
N ALA D 53 -20.17 -7.03 -2.36
CA ALA D 53 -20.20 -7.86 -3.56
C ALA D 53 -20.12 -9.30 -3.12
N GLY D 54 -20.73 -10.18 -3.91
CA GLY D 54 -20.79 -11.58 -3.52
C GLY D 54 -19.46 -12.30 -3.58
N ASP D 55 -18.59 -11.92 -4.51
CA ASP D 55 -17.41 -12.72 -4.81
C ASP D 55 -16.29 -12.42 -3.83
N VAL D 56 -16.44 -12.95 -2.64
CA VAL D 56 -15.54 -12.67 -1.54
C VAL D 56 -14.58 -13.84 -1.40
N HIS D 57 -13.31 -13.55 -1.20
CA HIS D 57 -12.39 -14.55 -0.70
C HIS D 57 -11.53 -13.98 0.41
N ILE D 58 -11.29 -14.80 1.43
CA ILE D 58 -10.56 -14.41 2.62
C ILE D 58 -9.52 -15.48 2.94
N VAL D 59 -8.29 -15.04 3.19
CA VAL D 59 -7.26 -15.93 3.72
C VAL D 59 -7.10 -15.67 5.21
N ARG D 60 -6.84 -16.74 5.95
CA ARG D 60 -6.70 -16.65 7.41
C ARG D 60 -5.56 -15.74 7.85
N GLY D 61 -5.87 -14.63 8.52
CA GLY D 61 -4.92 -13.86 9.29
C GLY D 61 -4.86 -14.26 10.76
N ASP D 62 -4.53 -13.30 11.61
CA ASP D 62 -4.53 -13.58 13.05
C ASP D 62 -5.92 -13.72 13.62
N PHE D 63 -6.67 -12.64 13.59
CA PHE D 63 -7.78 -12.58 14.52
C PHE D 63 -9.04 -13.18 13.93
N ASP D 64 -9.00 -13.48 12.66
CA ASP D 64 -10.12 -14.12 12.01
C ASP D 64 -10.36 -15.50 12.62
N GLU D 65 -11.38 -15.55 13.45
CA GLU D 65 -11.69 -16.75 14.20
C GLU D 65 -12.07 -17.91 13.29
N ASN D 66 -12.59 -17.63 12.09
CA ASN D 66 -12.74 -18.69 11.10
C ASN D 66 -11.39 -19.18 10.63
N LEU D 67 -10.81 -20.13 11.36
CA LEU D 67 -9.52 -20.68 10.98
C LEU D 67 -9.58 -21.38 9.65
N ASN D 68 -10.78 -21.67 9.16
CA ASN D 68 -10.96 -22.35 7.89
C ASN D 68 -10.59 -21.48 6.70
N TYR D 69 -10.36 -20.19 6.88
CA TYR D 69 -9.79 -19.43 5.77
C TYR D 69 -8.40 -19.94 5.44
N PRO D 70 -8.08 -20.06 4.15
CA PRO D 70 -6.78 -20.58 3.76
C PRO D 70 -5.70 -19.58 4.10
N GLU D 71 -4.50 -20.08 4.29
CA GLU D 71 -3.42 -19.17 4.64
C GLU D 71 -3.17 -18.20 3.51
N GLN D 72 -3.41 -18.65 2.28
CA GLN D 72 -3.03 -17.96 1.07
C GLN D 72 -3.94 -18.40 -0.04
N LYS D 73 -3.98 -17.60 -1.11
CA LYS D 73 -4.73 -17.98 -2.29
C LYS D 73 -4.10 -17.34 -3.52
N VAL D 74 -4.25 -18.02 -4.65
CA VAL D 74 -3.85 -17.50 -5.96
C VAL D 74 -5.14 -17.14 -6.69
N VAL D 75 -5.50 -15.91 -6.63
CA VAL D 75 -6.67 -15.45 -7.37
C VAL D 75 -6.20 -14.92 -8.71
N THR D 76 -7.10 -14.93 -9.69
CA THR D 76 -6.73 -14.56 -11.05
C THR D 76 -7.83 -13.71 -11.66
N VAL D 77 -7.46 -12.53 -12.15
CA VAL D 77 -8.35 -11.57 -12.78
C VAL D 77 -7.59 -10.90 -13.90
N GLY D 78 -8.31 -10.53 -14.95
CA GLY D 78 -7.62 -10.13 -16.17
C GLY D 78 -6.80 -11.29 -16.67
N GLN D 79 -5.51 -11.06 -16.93
CA GLN D 79 -4.58 -12.14 -17.24
C GLN D 79 -3.59 -12.44 -16.12
N PHE D 80 -3.81 -11.92 -14.92
CA PHE D 80 -2.83 -12.00 -13.84
C PHE D 80 -3.21 -13.06 -12.80
N LYS D 81 -2.27 -13.95 -12.51
CA LYS D 81 -2.32 -14.61 -11.20
C LYS D 81 -1.98 -13.61 -10.12
N ILE D 82 -2.61 -13.81 -8.98
CA ILE D 82 -2.60 -12.83 -7.90
C ILE D 82 -2.55 -13.59 -6.60
N GLY D 83 -1.49 -13.39 -5.85
CA GLY D 83 -1.21 -14.17 -4.67
C GLY D 83 -1.71 -13.38 -3.46
N LEU D 84 -2.25 -14.10 -2.48
CA LEU D 84 -2.85 -13.47 -1.33
C LEU D 84 -2.15 -13.98 -0.08
N ILE D 85 -1.78 -13.05 0.80
CA ILE D 85 -1.24 -13.40 2.10
C ILE D 85 -1.62 -12.35 3.13
N HIS D 86 -1.79 -12.80 4.37
CA HIS D 86 -1.62 -11.92 5.51
C HIS D 86 -0.14 -11.84 5.82
N GLY D 87 0.42 -10.64 5.78
CA GLY D 87 1.84 -10.50 5.96
C GLY D 87 2.36 -10.91 7.32
N HIS D 88 1.46 -11.31 8.22
CA HIS D 88 1.91 -11.97 9.42
C HIS D 88 2.65 -13.24 9.09
N GLN D 89 2.55 -13.68 7.86
CA GLN D 89 3.33 -14.76 7.31
C GLN D 89 4.64 -14.29 6.69
N VAL D 90 4.89 -12.99 6.66
CA VAL D 90 5.99 -12.42 5.91
C VAL D 90 7.17 -12.14 6.81
N ILE D 91 8.30 -12.73 6.46
CA ILE D 91 9.30 -13.08 7.43
C ILE D 91 9.92 -11.80 7.99
N PRO D 92 10.89 -11.15 7.36
CA PRO D 92 10.95 -9.71 7.63
C PRO D 92 9.70 -9.17 7.00
N TRP D 93 8.82 -8.63 7.81
CA TRP D 93 7.62 -8.08 7.22
C TRP D 93 8.03 -7.17 6.09
N GLY D 94 7.50 -7.45 4.90
CA GLY D 94 7.72 -6.64 3.72
C GLY D 94 8.93 -6.93 2.85
N ASP D 95 9.75 -7.95 3.13
CA ASP D 95 10.94 -8.12 2.28
C ASP D 95 10.55 -8.41 0.85
N MET D 96 10.97 -7.50 -0.02
CA MET D 96 10.76 -7.68 -1.43
C MET D 96 11.33 -9.02 -1.85
N ALA D 97 12.51 -9.34 -1.33
CA ALA D 97 13.13 -10.60 -1.71
C ALA D 97 12.26 -11.75 -1.30
N SER D 98 11.72 -11.68 -0.10
CA SER D 98 10.80 -12.71 0.33
C SER D 98 9.55 -12.69 -0.52
N LEU D 99 9.13 -11.50 -0.95
CA LEU D 99 7.95 -11.40 -1.78
C LEU D 99 8.14 -12.14 -3.09
N ALA D 100 9.31 -12.01 -3.68
CA ALA D 100 9.61 -12.74 -4.91
C ALA D 100 9.79 -14.20 -4.62
N LEU D 101 10.29 -14.52 -3.44
CA LEU D 101 10.32 -15.90 -3.00
C LEU D 101 8.91 -16.48 -3.08
N LEU D 102 7.95 -15.72 -2.60
CA LEU D 102 6.57 -16.17 -2.66
C LEU D 102 6.12 -16.33 -4.10
N GLN D 103 6.44 -15.34 -4.92
CA GLN D 103 6.03 -15.40 -6.32
C GLN D 103 6.58 -16.64 -6.98
N ARG D 104 7.85 -16.93 -6.73
CA ARG D 104 8.50 -18.06 -7.35
C ARG D 104 7.92 -19.35 -6.81
N GLN D 105 7.47 -19.33 -5.57
CA GLN D 105 6.73 -20.47 -5.06
C GLN D 105 5.47 -20.68 -5.88
N PHE D 106 4.75 -19.59 -6.15
CA PHE D 106 3.40 -19.70 -6.66
C PHE D 106 3.25 -19.20 -8.08
N ASP D 107 4.31 -18.63 -8.66
CA ASP D 107 4.32 -18.13 -10.02
C ASP D 107 3.09 -17.26 -10.29
N VAL D 108 2.98 -16.19 -9.51
CA VAL D 108 1.83 -15.29 -9.56
C VAL D 108 2.31 -13.91 -9.98
N ASP D 109 1.42 -13.16 -10.62
CA ASP D 109 1.82 -11.86 -11.12
C ASP D 109 1.60 -10.74 -10.10
N ILE D 110 0.71 -10.93 -9.14
CA ILE D 110 0.41 -9.91 -8.14
C ILE D 110 0.33 -10.54 -6.77
N LEU D 111 0.61 -9.74 -5.74
CA LEU D 111 0.51 -10.18 -4.36
C LEU D 111 0.09 -9.03 -3.46
N ILE D 112 -0.66 -9.38 -2.40
CA ILE D 112 -1.32 -8.41 -1.52
C ILE D 112 -1.21 -8.92 -0.08
N SER D 113 -0.96 -8.01 0.87
CA SER D 113 -0.29 -8.36 2.12
C SER D 113 -1.07 -8.03 3.39
N GLY D 114 -1.53 -6.80 3.54
CA GLY D 114 -2.37 -6.42 4.67
C GLY D 114 -1.72 -6.32 6.03
N HIS D 115 -0.99 -7.36 6.47
CA HIS D 115 -0.38 -7.31 7.79
C HIS D 115 0.71 -6.24 7.86
N THR D 116 1.46 -6.07 6.78
CA THR D 116 2.34 -4.93 6.71
C THR D 116 1.54 -3.65 6.89
N HIS D 117 2.19 -2.65 7.47
CA HIS D 117 1.43 -1.50 7.90
C HIS D 117 2.23 -0.25 7.59
N LYS D 118 2.43 -0.10 6.30
CA LYS D 118 2.66 1.14 5.58
C LYS D 118 1.74 1.03 4.38
N PHE D 119 1.50 2.12 3.66
CA PHE D 119 1.00 1.89 2.31
C PHE D 119 2.09 1.35 1.42
N GLU D 120 1.86 0.20 0.82
CA GLU D 120 2.89 -0.40 0.00
C GLU D 120 2.33 -0.81 -1.34
N ALA D 121 3.11 -0.55 -2.39
CA ALA D 121 2.76 -1.01 -3.73
C ALA D 121 4.06 -0.97 -4.55
N PHE D 122 4.82 -2.06 -4.51
CA PHE D 122 6.03 -2.16 -5.31
C PHE D 122 5.81 -3.18 -6.41
N GLU D 123 6.17 -2.81 -7.63
CA GLU D 123 6.37 -3.77 -8.71
C GLU D 123 7.81 -3.73 -9.17
N HIS D 124 8.50 -4.85 -9.01
CA HIS D 124 9.87 -5.01 -9.45
C HIS D 124 10.09 -6.51 -9.61
N GLU D 125 11.07 -6.84 -10.45
CA GLU D 125 11.13 -8.14 -11.13
C GLU D 125 9.97 -8.33 -12.08
N ASN D 126 9.34 -7.22 -12.48
CA ASN D 126 8.15 -7.24 -13.30
C ASN D 126 7.01 -7.99 -12.64
N LYS D 127 7.08 -8.13 -11.32
CA LYS D 127 6.02 -8.70 -10.52
C LYS D 127 5.62 -7.68 -9.49
N PHE D 128 4.34 -7.70 -9.12
CA PHE D 128 3.76 -6.59 -8.40
C PHE D 128 3.34 -7.04 -7.00
N TYR D 129 3.42 -6.09 -6.07
CA TYR D 129 3.32 -6.34 -4.65
C TYR D 129 2.64 -5.14 -4.01
N ILE D 130 1.70 -5.43 -3.12
CA ILE D 130 0.71 -4.45 -2.70
C ILE D 130 0.56 -4.50 -1.19
N ASN D 131 0.55 -3.33 -0.56
CA ASN D 131 -0.17 -3.22 0.69
C ASN D 131 -1.13 -2.05 0.55
N PRO D 132 -2.45 -2.28 0.56
CA PRO D 132 -3.39 -1.16 0.62
C PRO D 132 -3.27 -0.33 1.88
N GLY D 133 -2.66 -0.89 2.92
CA GLY D 133 -2.91 -0.44 4.26
C GLY D 133 -4.24 -0.95 4.78
N SER D 134 -4.44 -0.79 6.09
CA SER D 134 -5.75 -1.03 6.66
C SER D 134 -6.70 0.02 6.14
N ALA D 135 -7.78 -0.44 5.51
CA ALA D 135 -8.77 0.50 5.03
C ALA D 135 -9.54 1.13 6.17
N THR D 136 -9.37 0.62 7.37
CA THR D 136 -9.93 1.23 8.56
C THR D 136 -8.89 2.02 9.34
N GLY D 137 -7.66 2.07 8.86
CA GLY D 137 -6.60 2.75 9.58
C GLY D 137 -6.31 2.19 10.95
N ALA D 138 -6.55 0.90 11.15
CA ALA D 138 -6.17 0.24 12.40
C ALA D 138 -4.72 0.53 12.74
N TYR D 139 -4.47 0.89 13.99
CA TYR D 139 -3.18 1.45 14.37
C TYR D 139 -2.05 0.52 14.00
N ASN D 140 -0.95 1.09 13.52
CA ASN D 140 0.27 0.33 13.30
C ASN D 140 1.14 0.46 14.53
N ALA D 141 1.35 -0.66 15.19
CA ALA D 141 2.13 -0.64 16.41
C ALA D 141 3.52 -0.10 16.17
N LEU D 142 4.01 -0.23 14.96
CA LEU D 142 5.35 0.27 14.71
C LEU D 142 5.37 1.75 14.39
N GLU D 143 4.22 2.41 14.38
CA GLU D 143 4.14 3.69 13.69
C GLU D 143 3.21 4.64 14.41
N THR D 144 3.41 5.93 14.15
CA THR D 144 2.69 6.98 14.86
C THR D 144 1.31 7.23 14.27
N ASN D 145 1.17 7.25 12.94
CA ASN D 145 -0.14 7.45 12.34
C ASN D 145 -0.18 6.71 11.02
N ILE D 146 -1.34 6.15 10.70
CA ILE D 146 -1.64 5.70 9.35
C ILE D 146 -3.02 6.21 8.97
N ILE D 147 -3.09 6.96 7.87
CA ILE D 147 -4.40 7.19 7.25
C ILE D 147 -4.96 5.87 6.74
N PRO D 148 -6.25 5.59 6.88
CA PRO D 148 -6.84 4.43 6.21
C PRO D 148 -6.80 4.59 4.70
N SER D 149 -6.43 3.52 4.02
CA SER D 149 -6.29 3.56 2.57
C SER D 149 -6.70 2.24 1.95
N PHE D 150 -7.21 2.33 0.71
CA PHE D 150 -7.71 1.16 0.02
C PHE D 150 -7.68 1.46 -1.47
N VAL D 151 -7.60 0.39 -2.25
CA VAL D 151 -7.46 0.48 -3.69
C VAL D 151 -8.51 -0.38 -4.36
N LEU D 152 -9.06 0.13 -5.45
CA LEU D 152 -9.69 -0.70 -6.48
C LEU D 152 -8.87 -0.49 -7.74
N MET D 153 -8.83 -1.53 -8.57
CA MET D 153 -8.03 -1.50 -9.78
C MET D 153 -8.84 -1.98 -10.97
N ASP D 154 -8.64 -1.35 -12.11
CA ASP D 154 -9.23 -1.83 -13.36
C ASP D 154 -8.29 -2.87 -13.92
N ILE D 155 -8.54 -4.12 -13.56
CA ILE D 155 -7.82 -5.26 -14.13
C ILE D 155 -8.45 -5.58 -15.48
N GLN D 156 -7.66 -5.49 -16.54
CA GLN D 156 -8.17 -5.73 -17.89
C GLN D 156 -7.16 -6.61 -18.60
N ALA D 157 -7.46 -7.91 -18.67
CA ALA D 157 -6.61 -8.89 -19.32
C ALA D 157 -5.16 -8.73 -18.87
N SER D 158 -4.26 -8.45 -19.81
CA SER D 158 -2.85 -8.26 -19.53
C SER D 158 -2.55 -6.95 -18.87
N THR D 159 -3.52 -6.17 -18.42
CA THR D 159 -3.26 -4.85 -17.87
C THR D 159 -4.14 -4.64 -16.65
N VAL D 160 -3.68 -3.77 -15.75
CA VAL D 160 -4.43 -3.38 -14.57
C VAL D 160 -4.24 -1.89 -14.34
N VAL D 161 -5.35 -1.18 -14.17
CA VAL D 161 -5.31 0.24 -13.84
C VAL D 161 -5.64 0.39 -12.37
N THR D 162 -4.75 1.06 -11.63
CA THR D 162 -4.89 1.22 -10.19
C THR D 162 -5.76 2.42 -9.85
N TYR D 163 -6.45 2.34 -8.72
CA TYR D 163 -7.15 3.48 -8.16
C TYR D 163 -6.87 3.51 -6.67
N VAL D 164 -6.03 4.43 -6.21
CA VAL D 164 -5.41 4.30 -4.90
C VAL D 164 -6.06 5.28 -3.92
N TYR D 165 -7.15 4.85 -3.30
CA TYR D 165 -7.98 5.73 -2.50
C TYR D 165 -7.32 6.06 -1.16
N GLN D 166 -7.35 7.35 -0.80
CA GLN D 166 -6.95 7.79 0.54
C GLN D 166 -8.01 8.73 1.07
N LEU D 167 -8.45 8.51 2.31
CA LEU D 167 -9.38 9.40 3.00
C LEU D 167 -8.59 10.36 3.89
N ILE D 168 -8.76 11.66 3.65
CA ILE D 168 -7.99 12.66 4.39
C ILE D 168 -8.98 13.67 4.92
N GLY D 169 -9.58 13.38 6.06
CA GLY D 169 -10.79 14.10 6.40
C GLY D 169 -11.84 13.81 5.36
N ASP D 170 -12.52 14.85 4.92
CA ASP D 170 -13.42 14.71 3.78
C ASP D 170 -12.66 14.54 2.46
N ASP D 171 -11.33 14.57 2.47
CA ASP D 171 -10.54 14.43 1.24
C ASP D 171 -10.35 12.96 0.93
N VAL D 172 -10.97 12.48 -0.16
CA VAL D 172 -10.72 11.14 -0.68
C VAL D 172 -9.71 11.31 -1.81
N LYS D 173 -8.42 11.16 -1.48
CA LYS D 173 -7.42 11.21 -2.52
C LYS D 173 -7.28 9.85 -3.18
N VAL D 174 -6.86 9.87 -4.45
CA VAL D 174 -6.74 8.66 -5.25
C VAL D 174 -5.51 8.78 -6.13
N GLU D 175 -4.83 7.66 -6.35
CA GLU D 175 -3.67 7.59 -7.24
C GLU D 175 -3.87 6.48 -8.26
N ARG D 176 -3.29 6.67 -9.44
CA ARG D 176 -3.41 5.65 -10.47
C ARG D 176 -2.05 5.22 -10.99
N ILE D 177 -1.95 3.92 -11.29
CA ILE D 177 -0.94 3.36 -12.17
C ILE D 177 -1.69 2.44 -13.12
N GLU D 178 -1.07 2.11 -14.24
CA GLU D 178 -1.42 0.87 -14.92
C GLU D 178 -0.27 -0.13 -14.82
N TYR D 179 -0.56 -1.25 -14.20
CA TYR D 179 0.29 -2.43 -14.24
C TYR D 179 -0.08 -3.20 -15.50
N LYS D 180 0.89 -3.95 -16.02
CA LYS D 180 0.69 -4.67 -17.26
C LYS D 180 1.31 -6.05 -17.18
N LYS D 181 0.91 -6.90 -18.11
CA LYS D 181 1.51 -8.22 -18.27
C LYS D 181 2.47 -8.22 -19.45
N PRO D 182 3.69 -7.69 -19.30
CA PRO D 182 4.65 -7.83 -20.39
C PRO D 182 5.01 -9.29 -20.59
N MET E 1 34.16 -29.61 3.66
CA MET E 1 33.40 -28.43 4.02
C MET E 1 33.26 -28.30 5.54
N ALA E 2 33.97 -27.33 6.11
CA ALA E 2 33.94 -27.10 7.55
C ALA E 2 32.67 -26.34 7.94
N VAL E 3 32.62 -25.87 9.18
CA VAL E 3 31.49 -25.08 9.66
C VAL E 3 31.65 -23.69 9.08
N PHE E 4 31.58 -23.59 7.77
CA PHE E 4 31.89 -22.33 7.10
C PHE E 4 30.93 -21.25 7.55
N PRO E 5 31.42 -20.13 8.06
CA PRO E 5 30.54 -19.18 8.73
C PRO E 5 29.74 -18.40 7.69
N TRP E 6 28.43 -18.40 7.86
CA TRP E 6 27.60 -17.55 7.03
C TRP E 6 28.01 -16.11 7.15
N HIS E 7 28.00 -15.41 6.03
CA HIS E 7 28.13 -13.98 6.07
C HIS E 7 27.12 -13.42 5.08
N SER E 8 26.71 -12.19 5.34
CA SER E 8 25.51 -11.68 4.71
C SER E 8 25.78 -10.65 3.64
N ARG E 9 24.90 -10.70 2.66
CA ARG E 9 24.56 -9.54 1.86
C ARG E 9 24.34 -8.31 2.70
N ASN E 10 24.59 -7.15 2.14
CA ASN E 10 24.12 -5.90 2.71
C ASN E 10 23.11 -5.23 1.80
N ARG E 11 22.10 -4.66 2.42
CA ARG E 11 20.94 -4.19 1.70
C ARG E 11 20.56 -2.82 2.24
N ASN E 12 20.20 -1.90 1.36
CA ASN E 12 19.57 -0.64 1.77
C ASN E 12 18.09 -0.73 1.45
N TYR E 13 17.30 -1.09 2.44
CA TYR E 13 15.88 -1.23 2.20
C TYR E 13 15.30 0.04 1.60
N LYS E 14 15.88 1.19 1.90
CA LYS E 14 15.40 2.44 1.32
C LYS E 14 15.70 2.51 -0.17
N ALA E 15 16.93 2.15 -0.54
CA ALA E 15 17.26 2.11 -1.95
C ALA E 15 16.45 1.04 -2.66
N GLU E 16 16.32 -0.12 -2.02
CA GLU E 16 15.47 -1.17 -2.57
C GLU E 16 14.05 -0.67 -2.78
N PHE E 17 13.52 0.07 -1.80
CA PHE E 17 12.22 0.70 -1.96
C PHE E 17 12.18 1.58 -3.19
N ALA E 18 13.17 2.43 -3.36
CA ALA E 18 13.06 3.41 -4.42
C ALA E 18 13.11 2.72 -5.76
N SER E 19 13.89 1.65 -5.84
CA SER E 19 13.95 0.86 -7.07
C SER E 19 12.65 0.11 -7.31
N CYS E 20 12.17 -0.63 -6.32
CA CYS E 20 11.04 -1.52 -6.51
C CYS E 20 9.70 -0.79 -6.54
N ARG E 21 9.56 0.25 -5.73
CA ARG E 21 8.35 1.08 -5.75
C ARG E 21 7.94 1.47 -7.17
N LEU E 22 6.64 1.42 -7.42
CA LEU E 22 6.02 2.20 -8.50
C LEU E 22 5.53 3.53 -7.96
N GLU E 23 5.77 4.60 -8.72
CA GLU E 23 5.25 5.93 -8.38
C GLU E 23 3.90 6.14 -9.05
N ALA E 24 2.82 6.09 -8.27
CA ALA E 24 1.49 6.39 -8.75
C ALA E 24 1.31 7.89 -8.93
N VAL E 25 0.55 8.24 -9.95
CA VAL E 25 0.22 9.65 -10.21
C VAL E 25 -0.90 10.08 -9.26
N PRO E 26 -0.76 11.22 -8.59
CA PRO E 26 -1.90 11.78 -7.84
C PRO E 26 -2.95 12.24 -8.82
N LEU E 27 -4.14 11.68 -8.67
CA LEU E 27 -5.19 11.81 -9.68
C LEU E 27 -5.90 13.15 -9.58
N GLU E 28 -6.53 13.54 -10.69
CA GLU E 28 -6.97 14.91 -10.90
C GLU E 28 -8.29 15.16 -10.19
N PHE E 29 -8.51 16.42 -9.83
CA PHE E 29 -9.68 16.83 -9.08
C PHE E 29 -10.97 16.37 -9.76
N GLY E 30 -11.76 15.58 -9.04
CA GLY E 30 -13.00 15.08 -9.58
C GLY E 30 -12.87 14.11 -10.73
N ASP E 31 -11.68 13.60 -11.00
CA ASP E 31 -11.50 12.80 -12.21
C ASP E 31 -12.16 11.43 -12.07
N TYR E 32 -12.34 10.78 -13.22
CA TYR E 32 -13.00 9.48 -13.25
C TYR E 32 -12.27 8.43 -12.41
N HIS E 33 -13.06 7.56 -11.80
CA HIS E 33 -12.66 6.21 -11.43
C HIS E 33 -13.91 5.35 -11.40
N PRO E 34 -13.77 4.02 -11.46
CA PRO E 34 -14.93 3.18 -11.79
C PRO E 34 -16.09 3.26 -10.81
N LEU E 35 -15.85 3.60 -9.55
CA LEU E 35 -16.93 3.96 -8.63
C LEU E 35 -16.75 5.33 -8.03
N LYS E 36 -16.35 6.32 -8.81
CA LYS E 36 -16.68 7.67 -8.43
C LYS E 36 -18.19 7.84 -8.36
N PRO E 37 -18.73 8.31 -7.26
CA PRO E 37 -20.14 8.71 -7.19
C PRO E 37 -20.32 10.09 -7.79
N ILE E 38 -20.25 10.16 -9.11
CA ILE E 38 -20.31 11.44 -9.82
C ILE E 38 -21.58 12.22 -9.50
N PHE E 459 -73.47 -11.90 29.27
CA PHE E 459 -72.27 -11.89 28.44
C PHE E 459 -71.21 -11.09 29.19
N PRO E 460 -70.25 -11.80 29.79
CA PRO E 460 -69.26 -11.14 30.67
C PRO E 460 -68.56 -9.96 30.02
N LYS E 461 -68.14 -9.03 30.89
CA LYS E 461 -67.50 -7.79 30.47
C LYS E 461 -66.26 -8.02 29.63
N HIS E 462 -65.36 -8.87 30.10
CA HIS E 462 -64.06 -9.03 29.44
C HIS E 462 -64.20 -9.50 27.99
N LEU E 463 -65.19 -10.32 27.69
CA LEU E 463 -65.34 -10.80 26.31
C LEU E 463 -65.56 -9.65 25.35
N LEU E 464 -66.56 -8.82 25.63
CA LEU E 464 -66.76 -7.62 24.83
C LEU E 464 -65.54 -6.73 24.88
N PHE E 465 -64.91 -6.62 26.05
CA PHE E 465 -63.74 -5.76 26.19
C PHE E 465 -62.71 -6.12 25.14
N ARG E 466 -62.33 -7.39 25.10
CA ARG E 466 -61.35 -7.86 24.15
C ARG E 466 -61.85 -7.70 22.70
N SER E 467 -63.10 -8.08 22.44
CA SER E 467 -63.66 -7.91 21.09
C SER E 467 -63.55 -6.47 20.64
N LEU E 468 -63.80 -5.55 21.56
CA LEU E 468 -63.70 -4.15 21.28
C LEU E 468 -62.26 -3.76 21.06
N GLY E 469 -61.33 -4.40 21.77
CA GLY E 469 -59.93 -4.13 21.51
C GLY E 469 -59.55 -4.48 20.09
N LEU E 470 -60.07 -5.60 19.58
CA LEU E 470 -59.83 -5.96 18.19
C LEU E 470 -60.42 -4.91 17.23
N ASN E 471 -61.70 -4.57 17.41
CA ASN E 471 -62.31 -3.57 16.54
C ASN E 471 -61.54 -2.26 16.57
N LEU E 472 -61.17 -1.79 17.76
CA LEU E 472 -60.48 -0.51 17.90
C LEU E 472 -59.09 -0.55 17.28
N ALA E 473 -58.37 -1.66 17.48
CA ALA E 473 -57.10 -1.81 16.79
C ALA E 473 -57.29 -1.71 15.29
N LEU E 474 -58.38 -2.30 14.79
CA LEU E 474 -58.67 -2.21 13.37
C LEU E 474 -59.19 -0.83 12.99
N ALA E 475 -60.22 -0.34 13.68
CA ALA E 475 -60.76 0.98 13.35
C ALA E 475 -61.24 1.65 14.62
N ASP E 476 -61.18 2.96 14.64
CA ASP E 476 -61.44 3.66 15.89
C ASP E 476 -61.94 5.06 15.61
N PRO E 477 -62.63 5.67 16.56
CA PRO E 477 -62.95 7.08 16.46
C PRO E 477 -61.74 7.91 16.81
N PRO E 478 -61.84 9.24 16.81
CA PRO E 478 -60.71 10.09 17.22
C PRO E 478 -60.07 9.78 18.57
N GLU E 479 -58.81 10.24 18.72
CA GLU E 479 -58.01 9.94 19.91
C GLU E 479 -58.73 10.28 21.20
N SER E 480 -59.40 11.43 21.26
CA SER E 480 -60.14 11.78 22.46
C SER E 480 -61.14 10.70 22.83
N ASP E 481 -61.82 10.14 21.82
CA ASP E 481 -62.78 9.07 22.09
C ASP E 481 -62.05 7.82 22.53
N ARG E 482 -60.93 7.53 21.87
CA ARG E 482 -60.09 6.41 22.30
C ARG E 482 -59.69 6.55 23.76
N LEU E 483 -59.31 7.75 24.18
CA LEU E 483 -58.97 8.01 25.58
C LEU E 483 -60.16 7.72 26.48
N GLN E 484 -61.33 8.23 26.12
CA GLN E 484 -62.52 7.97 26.92
C GLN E 484 -62.73 6.48 27.07
N ILE E 485 -62.69 5.77 25.95
CA ILE E 485 -62.86 4.32 25.96
C ILE E 485 -61.80 3.66 26.82
N LEU E 486 -60.56 4.15 26.76
CA LEU E 486 -59.50 3.61 27.60
C LEU E 486 -59.87 3.76 29.06
N ASN E 487 -60.30 4.96 29.45
CA ASN E 487 -60.65 5.19 30.84
C ASN E 487 -61.74 4.24 31.27
N GLU E 488 -62.83 4.18 30.51
CA GLU E 488 -63.96 3.33 30.87
C GLU E 488 -63.54 1.87 30.97
N ALA E 489 -62.88 1.37 29.92
CA ALA E 489 -62.55 -0.04 29.84
C ALA E 489 -61.60 -0.43 30.95
N TRP E 490 -60.49 0.30 31.08
CA TRP E 490 -59.51 -0.07 32.09
C TRP E 490 -60.09 0.08 33.49
N LYS E 491 -60.90 1.11 33.73
CA LYS E 491 -61.54 1.24 35.05
C LYS E 491 -62.34 0.00 35.38
N VAL E 492 -63.20 -0.43 34.46
CA VAL E 492 -63.95 -1.66 34.71
C VAL E 492 -62.99 -2.81 34.94
N ILE E 493 -61.96 -2.89 34.12
CA ILE E 493 -60.99 -3.98 34.23
C ILE E 493 -60.37 -4.01 35.62
N THR E 494 -60.04 -2.84 36.17
CA THR E 494 -59.53 -2.79 37.53
C THR E 494 -60.57 -3.34 38.48
N LYS E 495 -61.84 -3.05 38.21
CA LYS E 495 -62.89 -3.64 39.02
C LYS E 495 -62.90 -5.14 38.85
N LEU E 496 -62.56 -5.62 37.65
CA LEU E 496 -62.57 -7.05 37.35
C LEU E 496 -61.44 -7.75 38.09
N LYS E 497 -61.82 -8.49 39.13
CA LYS E 497 -60.86 -9.20 39.96
C LYS E 497 -60.28 -10.42 39.26
N ASN E 498 -61.04 -11.04 38.36
CA ASN E 498 -60.62 -12.25 37.66
C ASN E 498 -59.32 -12.05 36.90
N PRO E 499 -58.23 -12.66 37.36
CA PRO E 499 -56.92 -12.37 36.75
C PRO E 499 -56.76 -12.93 35.36
N GLN E 500 -57.39 -14.07 35.05
CA GLN E 500 -57.19 -14.67 33.75
C GLN E 500 -57.83 -13.83 32.65
N ASP E 501 -59.10 -13.48 32.84
CA ASP E 501 -59.74 -12.58 31.89
C ASP E 501 -58.93 -11.31 31.77
N TYR E 502 -58.52 -10.78 32.92
CA TYR E 502 -57.77 -9.54 33.00
C TYR E 502 -56.54 -9.60 32.11
N ILE E 503 -55.74 -10.65 32.27
CA ILE E 503 -54.50 -10.76 31.52
C ILE E 503 -54.78 -11.00 30.05
N ASN E 504 -55.77 -11.84 29.75
CA ASN E 504 -56.06 -12.18 28.37
C ASN E 504 -56.48 -10.96 27.58
N CYS E 505 -57.50 -10.25 28.06
CA CYS E 505 -58.03 -9.13 27.29
C CYS E 505 -57.07 -7.95 27.31
N ALA E 506 -56.40 -7.74 28.44
CA ALA E 506 -55.45 -6.65 28.53
C ALA E 506 -54.35 -6.80 27.48
N GLU E 507 -53.90 -8.03 27.25
CA GLU E 507 -52.83 -8.21 26.26
C GLU E 507 -53.24 -7.68 24.89
N VAL E 508 -54.49 -7.88 24.51
CA VAL E 508 -54.96 -7.38 23.22
C VAL E 508 -55.07 -5.87 23.24
N TRP E 509 -55.78 -5.32 24.23
CA TRP E 509 -55.97 -3.87 24.27
C TRP E 509 -54.65 -3.09 24.39
N VAL E 510 -53.64 -3.69 25.02
CA VAL E 510 -52.36 -3.03 25.25
C VAL E 510 -51.76 -2.50 23.96
N GLU E 511 -51.72 -3.33 22.93
CA GLU E 511 -51.10 -2.91 21.67
C GLU E 511 -51.72 -1.62 21.16
N TYR E 512 -53.05 -1.58 21.13
CA TYR E 512 -53.77 -0.41 20.67
C TYR E 512 -53.49 0.79 21.58
N THR E 513 -53.47 0.56 22.89
CA THR E 513 -53.24 1.63 23.86
C THR E 513 -51.88 2.28 23.66
N CYS E 514 -50.84 1.46 23.53
CA CYS E 514 -49.51 2.00 23.30
C CYS E 514 -49.38 2.62 21.92
N LYS E 515 -50.07 2.04 20.95
CA LYS E 515 -50.05 2.58 19.59
C LYS E 515 -50.48 4.04 19.57
N HIS E 516 -51.62 4.36 20.20
CA HIS E 516 -52.00 5.76 20.08
C HIS E 516 -51.37 6.69 21.11
N PHE E 517 -51.52 6.38 22.38
CA PHE E 517 -51.25 7.34 23.44
C PHE E 517 -49.89 7.18 24.08
N THR E 518 -49.49 8.21 24.82
CA THR E 518 -48.17 8.27 25.44
C THR E 518 -48.03 7.28 26.59
N LYS E 519 -46.85 7.34 27.21
CA LYS E 519 -46.45 6.36 28.22
C LYS E 519 -47.41 6.26 29.39
N ARG E 520 -47.72 7.38 30.05
CA ARG E 520 -48.45 7.34 31.32
C ARG E 520 -49.80 6.65 31.18
N GLU E 521 -50.47 6.85 30.04
CA GLU E 521 -51.75 6.20 29.81
C GLU E 521 -51.60 4.72 30.05
N VAL E 522 -50.56 4.13 29.47
CA VAL E 522 -50.27 2.73 29.69
C VAL E 522 -49.74 2.51 31.10
N ASN E 523 -48.97 3.47 31.63
CA ASN E 523 -48.37 3.33 32.96
C ASN E 523 -49.42 3.00 34.00
N THR E 524 -50.60 3.59 33.86
CA THR E 524 -51.71 3.24 34.74
C THR E 524 -51.99 1.76 34.67
N VAL E 525 -52.11 1.25 33.44
CA VAL E 525 -52.31 -0.17 33.23
C VAL E 525 -51.23 -0.97 33.91
N LEU E 526 -49.99 -0.51 33.80
CA LEU E 526 -48.87 -1.21 34.42
C LEU E 526 -49.06 -1.32 35.92
N ALA E 527 -49.41 -0.20 36.54
CA ALA E 527 -49.63 -0.20 37.98
C ALA E 527 -50.69 -1.23 38.35
N ASP E 528 -51.81 -1.20 37.64
CA ASP E 528 -52.90 -2.10 38.01
C ASP E 528 -52.54 -3.55 37.72
N VAL E 529 -51.76 -3.77 36.68
CA VAL E 529 -51.21 -5.09 36.42
C VAL E 529 -50.40 -5.56 37.62
N ILE E 530 -49.51 -4.71 38.10
CA ILE E 530 -48.70 -5.05 39.25
C ILE E 530 -49.59 -5.39 40.44
N LYS E 531 -50.64 -4.60 40.64
CA LYS E 531 -51.58 -4.88 41.71
C LYS E 531 -52.26 -6.23 41.58
N HIS E 532 -52.83 -6.52 40.42
CA HIS E 532 -53.56 -7.78 40.24
C HIS E 532 -52.65 -9.00 40.30
N MET E 533 -51.46 -8.91 39.71
CA MET E 533 -50.57 -10.05 39.65
C MET E 533 -49.92 -10.36 40.99
N THR E 534 -49.49 -9.33 41.70
CA THR E 534 -48.72 -9.46 42.94
C THR E 534 -49.19 -10.55 43.90
N PRO E 535 -50.47 -10.66 44.27
CA PRO E 535 -50.82 -11.49 45.43
C PRO E 535 -50.81 -12.99 45.15
N ASP E 536 -50.71 -13.40 43.90
CA ASP E 536 -50.97 -14.79 43.57
C ASP E 536 -49.99 -15.25 42.51
N ARG E 537 -49.52 -16.49 42.65
CA ARG E 537 -48.54 -17.07 41.74
C ARG E 537 -48.98 -17.03 40.28
N ALA E 538 -50.29 -16.95 40.02
CA ALA E 538 -50.83 -17.12 38.67
C ALA E 538 -50.12 -16.23 37.65
N PHE E 539 -49.56 -15.11 38.07
CA PHE E 539 -48.75 -14.31 37.15
C PHE E 539 -47.59 -15.12 36.60
N GLU E 540 -47.07 -16.07 37.38
CA GLU E 540 -46.10 -16.99 36.84
C GLU E 540 -46.74 -17.87 35.80
N ASP E 541 -47.97 -18.30 36.04
CA ASP E 541 -48.72 -18.94 34.98
C ASP E 541 -48.90 -17.97 33.82
N SER E 542 -48.97 -16.68 34.11
CA SER E 542 -49.10 -15.66 33.08
C SER E 542 -47.77 -15.19 32.55
N TYR E 543 -46.70 -15.94 32.78
CA TYR E 543 -45.40 -15.53 32.28
C TYR E 543 -45.43 -15.26 30.78
N PRO E 544 -46.03 -16.12 29.95
CA PRO E 544 -46.09 -15.82 28.51
C PRO E 544 -46.75 -14.51 28.21
N GLN E 545 -47.85 -14.24 28.90
CA GLN E 545 -48.57 -12.99 28.67
C GLN E 545 -47.67 -11.82 29.00
N LEU E 546 -46.91 -11.94 30.08
CA LEU E 546 -46.00 -10.88 30.47
C LEU E 546 -44.95 -10.68 29.39
N GLN E 547 -44.51 -11.79 28.79
CA GLN E 547 -43.53 -11.72 27.72
C GLN E 547 -44.08 -10.99 26.52
N LEU E 548 -45.27 -11.40 26.09
CA LEU E 548 -45.92 -10.77 24.94
C LEU E 548 -46.17 -9.30 25.20
N ILE E 549 -46.54 -8.96 26.43
CA ILE E 549 -46.76 -7.58 26.79
C ILE E 549 -45.50 -6.79 26.54
N ILE E 550 -44.39 -7.30 27.03
CA ILE E 550 -43.15 -6.59 26.85
C ILE E 550 -42.74 -6.56 25.39
N LYS E 551 -43.00 -7.63 24.66
CA LYS E 551 -42.70 -7.63 23.24
C LYS E 551 -43.50 -6.55 22.54
N LYS E 552 -44.73 -6.37 22.95
CA LYS E 552 -45.56 -5.31 22.38
C LYS E 552 -44.98 -3.96 22.75
N VAL E 553 -44.54 -3.82 23.99
CA VAL E 553 -43.85 -2.60 24.40
C VAL E 553 -42.68 -2.35 23.47
N ILE E 554 -41.91 -3.41 23.21
CA ILE E 554 -40.74 -3.36 22.35
C ILE E 554 -41.11 -2.76 21.01
N ALA E 555 -42.13 -3.32 20.39
CA ALA E 555 -42.57 -2.81 19.10
C ALA E 555 -42.97 -1.35 19.22
N HIS E 556 -43.78 -1.03 20.22
CA HIS E 556 -44.18 0.36 20.37
C HIS E 556 -43.15 1.23 21.07
N PHE E 557 -42.30 0.71 21.94
CA PHE E 557 -41.38 1.60 22.62
C PHE E 557 -39.94 1.36 22.20
N HIS E 558 -39.22 2.46 21.99
CA HIS E 558 -37.88 2.42 21.45
C HIS E 558 -36.85 3.34 22.07
N ASP E 559 -37.21 4.32 22.89
CA ASP E 559 -36.21 5.20 23.49
C ASP E 559 -36.03 4.79 24.95
N PHE E 560 -34.82 4.35 25.26
CA PHE E 560 -34.49 3.81 26.57
C PHE E 560 -34.85 4.78 27.69
N SER E 561 -34.41 6.03 27.56
CA SER E 561 -34.55 7.00 28.64
C SER E 561 -35.97 7.10 29.16
N VAL E 562 -36.96 6.93 28.28
CA VAL E 562 -38.33 6.99 28.75
C VAL E 562 -38.65 5.78 29.62
N LEU E 563 -38.19 4.60 29.20
CA LEU E 563 -38.42 3.42 30.04
C LEU E 563 -37.80 3.63 31.40
N PHE E 564 -36.61 4.23 31.45
CA PHE E 564 -36.05 4.57 32.75
C PHE E 564 -36.95 5.56 33.46
N SER E 565 -37.52 6.50 32.71
CA SER E 565 -38.53 7.35 33.30
C SER E 565 -39.78 6.54 33.62
N VAL E 566 -40.08 5.52 32.82
CA VAL E 566 -41.22 4.66 33.08
C VAL E 566 -40.74 3.61 34.07
N GLU E 567 -40.42 4.09 35.28
CA GLU E 567 -39.86 3.26 36.33
C GLU E 567 -40.71 2.05 36.69
N LYS E 568 -41.99 2.02 36.30
CA LYS E 568 -42.83 0.85 36.56
C LYS E 568 -42.20 -0.43 36.06
N PHE E 569 -41.35 -0.34 35.03
CA PHE E 569 -40.68 -1.52 34.54
C PHE E 569 -39.84 -2.21 35.61
N LEU E 570 -39.24 -1.45 36.52
CA LEU E 570 -38.49 -2.12 37.58
C LEU E 570 -39.40 -2.94 38.47
N PRO E 571 -40.50 -2.40 39.00
CA PRO E 571 -41.44 -3.27 39.70
C PRO E 571 -41.87 -4.44 38.85
N PHE E 572 -41.98 -4.21 37.55
CA PHE E 572 -42.34 -5.29 36.65
C PHE E 572 -41.31 -6.40 36.74
N LEU E 573 -40.04 -6.05 36.64
CA LEU E 573 -38.99 -7.06 36.75
C LEU E 573 -39.06 -7.75 38.09
N ASP E 574 -39.19 -6.96 39.15
CA ASP E 574 -39.17 -7.48 40.50
C ASP E 574 -40.28 -8.51 40.71
N MET E 575 -41.42 -8.27 40.08
CA MET E 575 -42.56 -9.17 40.25
C MET E 575 -42.20 -10.60 39.90
N PHE E 576 -41.28 -10.80 38.97
CA PHE E 576 -40.96 -12.14 38.56
C PHE E 576 -40.17 -12.89 39.63
N GLN E 577 -40.09 -14.21 39.44
CA GLN E 577 -39.29 -15.18 40.16
C GLN E 577 -38.52 -16.09 39.22
N LYS E 578 -39.18 -16.60 38.19
CA LYS E 578 -38.59 -17.63 37.35
C LYS E 578 -37.43 -17.04 36.58
N GLU E 579 -36.23 -17.44 36.98
CA GLU E 579 -35.01 -16.93 36.38
C GLU E 579 -35.02 -17.13 34.88
N SER E 580 -35.40 -18.31 34.43
CA SER E 580 -35.37 -18.60 33.00
C SER E 580 -36.25 -17.64 32.23
N VAL E 581 -37.49 -17.50 32.67
CA VAL E 581 -38.42 -16.59 32.01
C VAL E 581 -37.80 -15.21 31.90
N ARG E 582 -37.29 -14.73 33.02
CA ARG E 582 -36.66 -13.41 33.04
C ARG E 582 -35.61 -13.34 31.97
N VAL E 583 -34.74 -14.35 31.95
CA VAL E 583 -33.65 -14.41 31.00
C VAL E 583 -34.17 -14.30 29.58
N GLU E 584 -35.28 -14.95 29.31
CA GLU E 584 -35.86 -14.84 27.99
C GLU E 584 -36.16 -13.39 27.69
N VAL E 585 -36.80 -12.76 28.66
CA VAL E 585 -37.14 -11.35 28.52
C VAL E 585 -35.88 -10.55 28.23
N CYS E 586 -34.83 -10.84 28.96
CA CYS E 586 -33.58 -10.14 28.78
C CYS E 586 -33.06 -10.28 27.36
N LYS E 587 -33.13 -11.48 26.82
CA LYS E 587 -32.65 -11.67 25.45
C LYS E 587 -33.40 -10.76 24.52
N CYS E 588 -34.71 -10.83 24.59
CA CYS E 588 -35.52 -10.01 23.71
C CYS E 588 -35.22 -8.54 23.92
N ILE E 589 -35.22 -8.11 25.18
CA ILE E 589 -35.01 -6.72 25.50
C ILE E 589 -33.72 -6.22 24.89
N MET E 590 -32.65 -6.96 25.08
CA MET E 590 -31.36 -6.46 24.63
C MET E 590 -31.22 -6.51 23.14
N ASP E 591 -31.82 -7.49 22.48
CA ASP E 591 -31.75 -7.46 21.03
C ASP E 591 -32.50 -6.25 20.49
N ALA E 592 -33.66 -5.96 21.08
CA ALA E 592 -34.39 -4.76 20.69
C ALA E 592 -33.57 -3.52 20.99
N PHE E 593 -32.94 -3.48 22.16
CA PHE E 593 -32.09 -2.36 22.52
C PHE E 593 -31.03 -2.15 21.47
N ILE E 594 -30.42 -3.23 21.03
CA ILE E 594 -29.39 -3.17 20.03
C ILE E 594 -29.94 -2.58 18.75
N LYS E 595 -31.11 -3.08 18.33
CA LYS E 595 -31.73 -2.56 17.13
C LYS E 595 -31.98 -1.07 17.25
N HIS E 596 -32.41 -0.63 18.43
CA HIS E 596 -32.60 0.79 18.65
C HIS E 596 -31.27 1.49 18.95
N GLN E 597 -30.49 0.95 19.88
CA GLN E 597 -29.27 1.65 20.31
C GLN E 597 -28.25 1.68 19.19
N GLN E 598 -28.01 2.88 18.68
CA GLN E 598 -27.00 3.17 17.67
C GLN E 598 -26.16 4.37 18.08
N GLU E 599 -26.22 4.75 19.36
CA GLU E 599 -25.59 5.96 19.85
C GLU E 599 -24.51 5.61 20.84
N PRO E 600 -23.24 5.80 20.53
CA PRO E 600 -22.18 5.43 21.47
C PRO E 600 -22.01 6.51 22.52
N THR E 601 -22.70 6.34 23.64
CA THR E 601 -22.66 7.32 24.71
C THR E 601 -22.86 6.67 26.07
N LYS E 602 -23.36 7.44 27.03
CA LYS E 602 -23.54 6.90 28.36
C LYS E 602 -24.62 7.66 29.13
N ASP E 603 -25.10 6.99 30.17
CA ASP E 603 -26.05 7.43 31.18
C ASP E 603 -25.88 6.48 32.36
N PRO E 604 -25.43 6.99 33.51
CA PRO E 604 -25.14 6.08 34.62
C PRO E 604 -26.32 5.22 34.98
N VAL E 605 -27.52 5.80 35.04
CA VAL E 605 -28.71 5.02 35.34
C VAL E 605 -28.91 3.95 34.31
N ILE E 606 -28.81 4.32 33.04
CA ILE E 606 -28.96 3.37 31.96
C ILE E 606 -28.01 2.22 32.19
N LEU E 607 -26.76 2.56 32.49
CA LEU E 607 -25.75 1.58 32.77
C LEU E 607 -26.17 0.69 33.93
N ASN E 608 -26.61 1.31 35.02
CA ASN E 608 -26.97 0.57 36.21
C ASN E 608 -28.02 -0.49 35.93
N ALA E 609 -29.09 -0.09 35.27
CA ALA E 609 -30.17 -1.02 34.97
C ALA E 609 -29.67 -2.13 34.07
N LEU E 610 -29.01 -1.75 32.99
CA LEU E 610 -28.49 -2.73 32.06
C LEU E 610 -27.59 -3.72 32.77
N LEU E 611 -26.62 -3.20 33.52
CA LEU E 611 -25.69 -4.03 34.26
C LEU E 611 -26.41 -4.98 35.18
N HIS E 612 -27.44 -4.49 35.85
CA HIS E 612 -28.22 -5.36 36.71
C HIS E 612 -28.78 -6.53 35.91
N VAL E 613 -29.37 -6.23 34.77
CA VAL E 613 -29.92 -7.28 33.93
C VAL E 613 -28.83 -8.21 33.46
N CYS E 614 -27.70 -7.64 33.08
CA CYS E 614 -26.59 -8.44 32.61
C CYS E 614 -26.17 -9.44 33.66
N LYS E 615 -25.99 -8.96 34.90
CA LYS E 615 -25.68 -9.85 35.98
C LYS E 615 -26.76 -10.89 36.15
N THR E 616 -28.01 -10.50 35.92
CA THR E 616 -29.08 -11.49 35.95
C THR E 616 -28.77 -12.61 35.00
N MET E 617 -28.42 -12.27 33.78
CA MET E 617 -28.06 -13.27 32.79
C MET E 617 -26.86 -14.08 33.25
N HIS E 618 -25.81 -13.38 33.66
CA HIS E 618 -24.56 -14.02 34.01
C HIS E 618 -24.78 -15.01 35.12
N ASP E 619 -25.46 -14.59 36.16
CA ASP E 619 -25.70 -15.45 37.28
C ASP E 619 -26.62 -16.58 36.89
N SER E 620 -27.53 -16.31 35.94
CA SER E 620 -28.36 -17.36 35.40
C SER E 620 -27.51 -18.49 34.86
N VAL E 621 -26.33 -18.15 34.38
CA VAL E 621 -25.44 -19.16 33.83
C VAL E 621 -24.99 -20.15 34.89
N ASN E 622 -24.79 -21.40 34.46
CA ASN E 622 -24.17 -22.43 35.27
C ASN E 622 -23.14 -23.17 34.41
N ALA E 623 -22.32 -23.98 35.07
CA ALA E 623 -21.39 -24.82 34.33
C ALA E 623 -22.11 -25.68 33.30
N LEU E 624 -23.32 -26.12 33.63
CA LEU E 624 -24.06 -27.09 32.84
C LEU E 624 -24.72 -26.56 31.58
N THR E 625 -24.94 -25.25 31.47
CA THR E 625 -25.71 -24.71 30.37
C THR E 625 -25.00 -24.92 29.02
N LEU E 626 -25.80 -25.04 27.97
CA LEU E 626 -25.25 -25.32 26.66
C LEU E 626 -24.30 -24.20 26.23
N GLU E 627 -23.17 -24.60 25.69
CA GLU E 627 -22.17 -23.65 25.25
C GLU E 627 -22.69 -22.73 24.18
N ASP E 628 -23.58 -23.23 23.33
CA ASP E 628 -24.12 -22.41 22.27
C ASP E 628 -25.01 -21.30 22.80
N GLU E 629 -25.84 -21.62 23.78
CA GLU E 629 -26.65 -20.60 24.39
C GLU E 629 -25.76 -19.60 25.09
N LYS E 630 -24.76 -20.12 25.79
CA LYS E 630 -23.76 -19.29 26.43
C LYS E 630 -23.15 -18.34 25.43
N ARG E 631 -22.73 -18.88 24.29
CA ARG E 631 -22.09 -18.08 23.26
C ARG E 631 -23.00 -16.97 22.77
N MET E 632 -24.22 -17.32 22.41
CA MET E 632 -25.10 -16.32 21.84
C MET E 632 -25.40 -15.24 22.86
N LEU E 633 -25.78 -15.66 24.06
CA LEU E 633 -26.07 -14.73 25.12
C LEU E 633 -24.90 -13.81 25.34
N SER E 634 -23.74 -14.42 25.45
CA SER E 634 -22.53 -13.66 25.64
C SER E 634 -22.37 -12.67 24.52
N TYR E 635 -22.51 -13.13 23.30
CA TYR E 635 -22.34 -12.30 22.12
C TYR E 635 -23.24 -11.08 22.17
N LEU E 636 -24.45 -11.27 22.65
CA LEU E 636 -25.34 -10.14 22.73
C LEU E 636 -24.81 -9.15 23.76
N ILE E 637 -24.41 -9.71 24.87
CA ILE E 637 -23.79 -8.93 25.92
C ILE E 637 -22.64 -8.15 25.34
N ASN E 638 -21.86 -8.86 24.56
CA ASN E 638 -20.70 -8.35 23.89
C ASN E 638 -21.04 -7.18 23.01
N GLY E 639 -22.19 -7.25 22.37
CA GLY E 639 -22.58 -6.15 21.50
C GLY E 639 -22.80 -4.89 22.31
N PHE E 640 -23.62 -4.98 23.35
CA PHE E 640 -23.84 -3.76 24.10
C PHE E 640 -22.53 -3.30 24.65
N ILE E 641 -21.69 -4.26 24.97
CA ILE E 641 -20.39 -3.97 25.50
C ILE E 641 -19.67 -3.05 24.55
N LYS E 642 -19.65 -3.41 23.28
CA LYS E 642 -19.00 -2.53 22.31
C LYS E 642 -19.64 -1.17 22.41
N MET E 643 -20.96 -1.14 22.58
CA MET E 643 -21.60 0.15 22.59
C MET E 643 -21.18 0.97 23.80
N VAL E 644 -20.90 0.32 24.92
CA VAL E 644 -20.55 1.07 26.11
C VAL E 644 -19.45 2.06 25.81
N SER E 645 -19.65 3.33 26.20
CA SER E 645 -18.69 4.39 25.90
C SER E 645 -18.92 5.68 26.69
N PHE E 646 -17.87 6.21 27.30
CA PHE E 646 -17.93 7.46 28.04
C PHE E 646 -16.97 8.50 27.49
N GLY E 647 -16.52 8.33 26.25
CA GLY E 647 -15.56 9.25 25.67
C GLY E 647 -14.25 9.32 26.43
N ARG E 648 -13.81 10.55 26.70
CA ARG E 648 -12.52 10.82 27.33
C ARG E 648 -12.54 10.61 28.84
N ASP E 649 -12.66 9.34 29.24
CA ASP E 649 -12.56 9.08 30.68
C ASP E 649 -11.89 7.71 30.85
N PHE E 650 -10.58 7.72 30.64
CA PHE E 650 -9.79 6.50 30.69
C PHE E 650 -9.96 5.79 32.02
N GLU E 651 -9.96 6.54 33.10
CA GLU E 651 -10.00 5.92 34.40
C GLU E 651 -11.37 5.33 34.69
N GLN E 652 -12.43 6.08 34.41
CA GLN E 652 -13.77 5.55 34.60
C GLN E 652 -13.99 4.34 33.72
N GLN E 653 -13.61 4.48 32.46
CA GLN E 653 -13.71 3.38 31.53
C GLN E 653 -13.01 2.18 32.11
N LEU E 654 -11.78 2.39 32.52
CA LEU E 654 -10.94 1.36 33.08
C LEU E 654 -11.64 0.67 34.22
N SER E 655 -12.10 1.43 35.18
CA SER E 655 -12.64 0.82 36.36
C SER E 655 -13.83 -0.02 35.99
N PHE E 656 -14.73 0.57 35.23
CA PHE E 656 -15.92 -0.15 34.83
C PHE E 656 -15.51 -1.47 34.26
N TYR E 657 -14.49 -1.43 33.41
CA TYR E 657 -13.96 -2.66 32.87
C TYR E 657 -13.55 -3.61 33.98
N VAL E 658 -12.85 -3.10 34.97
CA VAL E 658 -12.34 -3.96 36.01
C VAL E 658 -13.47 -4.75 36.65
N GLU E 659 -14.49 -4.03 37.09
CA GLU E 659 -15.58 -4.75 37.72
C GLU E 659 -16.26 -5.66 36.72
N SER E 660 -16.43 -5.18 35.50
CA SER E 660 -17.05 -6.00 34.49
C SER E 660 -16.38 -7.34 34.48
N ARG E 661 -15.05 -7.29 34.45
CA ARG E 661 -14.22 -8.49 34.54
C ARG E 661 -14.64 -9.27 35.75
N SER E 662 -14.77 -8.56 36.86
CA SER E 662 -15.13 -9.22 38.11
C SER E 662 -16.41 -10.02 37.95
N MET E 663 -17.47 -9.40 37.47
CA MET E 663 -18.71 -10.13 37.41
C MET E 663 -18.74 -11.07 36.23
N PHE E 664 -18.39 -10.58 35.07
CA PHE E 664 -18.76 -11.32 33.88
C PHE E 664 -17.83 -12.47 33.59
N CYS E 665 -17.33 -13.07 34.67
CA CYS E 665 -16.44 -14.21 34.61
C CYS E 665 -17.01 -15.37 33.79
N ASN E 666 -18.30 -15.33 33.47
CA ASN E 666 -18.87 -16.54 32.92
C ASN E 666 -18.47 -16.84 31.49
N LEU E 667 -17.92 -15.89 30.72
CA LEU E 667 -17.39 -16.31 29.42
C LEU E 667 -16.22 -15.48 28.94
N GLU E 668 -15.10 -16.16 28.79
CA GLU E 668 -13.86 -15.52 28.39
C GLU E 668 -13.92 -14.71 27.11
N PRO E 669 -14.55 -15.17 26.03
CA PRO E 669 -14.49 -14.39 24.79
C PRO E 669 -14.93 -12.99 25.05
N VAL E 670 -15.97 -12.91 25.84
CA VAL E 670 -16.48 -11.63 26.25
C VAL E 670 -15.36 -10.81 26.82
N LEU E 671 -14.58 -11.44 27.65
CA LEU E 671 -13.56 -10.72 28.37
C LEU E 671 -12.50 -10.24 27.42
N VAL E 672 -12.24 -11.02 26.39
CA VAL E 672 -11.32 -10.60 25.36
C VAL E 672 -11.75 -9.27 24.82
N GLN E 673 -13.04 -9.06 24.70
CA GLN E 673 -13.46 -7.77 24.24
C GLN E 673 -12.91 -6.73 25.16
N LEU E 674 -13.05 -6.96 26.44
CA LEU E 674 -12.56 -5.98 27.37
C LEU E 674 -11.09 -5.76 27.09
N ILE E 675 -10.39 -6.84 26.89
CA ILE E 675 -8.97 -6.79 26.61
C ILE E 675 -8.72 -5.84 25.47
N HIS E 676 -9.42 -6.10 24.39
CA HIS E 676 -9.27 -5.29 23.21
C HIS E 676 -9.55 -3.84 23.51
N SER E 677 -10.59 -3.60 24.30
CA SER E 677 -10.95 -2.24 24.66
C SER E 677 -9.81 -1.57 25.37
N VAL E 678 -9.20 -2.29 26.28
CA VAL E 678 -8.07 -1.76 27.01
C VAL E 678 -7.04 -1.30 26.02
N ASN E 679 -6.77 -2.16 25.08
CA ASN E 679 -5.74 -1.90 24.13
C ASN E 679 -6.07 -0.64 23.37
N ARG E 680 -7.29 -0.57 22.89
CA ARG E 680 -7.74 0.55 22.09
C ARG E 680 -7.61 1.83 22.88
N LEU E 681 -8.11 1.82 24.11
CA LEU E 681 -8.02 2.99 24.95
C LEU E 681 -6.58 3.41 25.10
N ALA E 682 -5.76 2.46 25.46
CA ALA E 682 -4.37 2.76 25.72
C ALA E 682 -3.71 3.35 24.49
N MET E 683 -3.80 2.64 23.37
CA MET E 683 -3.12 3.06 22.17
C MET E 683 -3.58 4.43 21.74
N GLU E 684 -4.88 4.66 21.72
CA GLU E 684 -5.36 5.97 21.30
C GLU E 684 -4.88 7.04 22.26
N THR E 685 -4.95 6.76 23.54
CA THR E 685 -4.49 7.72 24.52
C THR E 685 -3.05 8.08 24.23
N ARG E 686 -2.27 7.06 23.92
CA ARG E 686 -0.88 7.23 23.58
C ARG E 686 -0.75 8.17 22.37
N LYS E 687 -1.53 7.88 21.31
CA LYS E 687 -1.43 8.69 20.09
C LYS E 687 -1.82 10.13 20.33
N VAL E 688 -2.96 10.35 20.96
CA VAL E 688 -3.40 11.71 21.19
C VAL E 688 -2.37 12.45 22.03
N MET E 689 -1.71 11.75 22.94
CA MET E 689 -0.70 12.45 23.72
C MET E 689 0.52 12.77 22.87
N LYS E 690 0.79 11.97 21.85
CA LYS E 690 1.78 12.33 20.83
C LYS E 690 3.18 12.37 21.43
N GLY E 691 3.53 11.32 22.17
CA GLY E 691 4.83 11.27 22.80
C GLY E 691 4.95 12.18 23.99
N ASN E 692 3.98 13.08 24.18
CA ASN E 692 3.97 14.00 25.30
C ASN E 692 3.43 13.26 26.54
N HIS E 693 4.11 12.17 26.86
CA HIS E 693 3.64 11.22 27.85
C HIS E 693 4.03 11.63 29.26
N SER E 694 3.04 12.13 29.99
CA SER E 694 3.21 12.51 31.38
C SER E 694 3.23 11.30 32.29
N ARG E 695 3.44 11.59 33.57
CA ARG E 695 3.35 10.54 34.59
C ARG E 695 2.03 9.83 34.46
N LYS E 696 0.96 10.59 34.36
CA LYS E 696 -0.36 9.99 34.21
C LYS E 696 -0.37 9.05 33.02
N THR E 697 0.14 9.53 31.90
CA THR E 697 0.11 8.72 30.71
C THR E 697 0.78 7.37 30.93
N ALA E 698 1.96 7.40 31.52
CA ALA E 698 2.72 6.17 31.67
C ALA E 698 2.11 5.24 32.71
N ALA E 699 1.60 5.81 33.79
CA ALA E 699 0.96 4.96 34.78
C ALA E 699 -0.24 4.29 34.17
N PHE E 700 -1.07 5.09 33.53
CA PHE E 700 -2.23 4.56 32.83
C PHE E 700 -1.79 3.46 31.90
N VAL E 701 -0.71 3.73 31.20
CA VAL E 701 -0.14 2.77 30.29
C VAL E 701 0.08 1.45 31.01
N ARG E 702 0.87 1.52 32.05
CA ARG E 702 1.25 0.33 32.77
C ARG E 702 0.06 -0.40 33.31
N ALA E 703 -0.96 0.35 33.69
CA ALA E 703 -2.13 -0.26 34.25
C ALA E 703 -2.88 -1.05 33.20
N CYS E 704 -3.02 -0.46 32.04
CA CYS E 704 -3.63 -1.20 30.96
C CYS E 704 -2.85 -2.47 30.80
N VAL E 705 -1.55 -2.30 30.79
CA VAL E 705 -0.64 -3.40 30.58
C VAL E 705 -0.96 -4.51 31.51
N ALA E 706 -0.96 -4.19 32.78
CA ALA E 706 -1.13 -5.23 33.76
C ALA E 706 -2.47 -5.89 33.60
N TYR E 707 -3.52 -5.08 33.60
CA TYR E 707 -4.85 -5.63 33.59
C TYR E 707 -4.91 -6.65 32.53
N CYS E 708 -4.41 -6.27 31.38
CA CYS E 708 -4.31 -7.18 30.28
C CYS E 708 -3.50 -8.39 30.66
N PHE E 709 -2.28 -8.15 31.06
CA PHE E 709 -1.38 -9.20 31.50
C PHE E 709 -2.05 -10.23 32.38
N ILE E 710 -2.71 -9.77 33.41
CA ILE E 710 -3.32 -10.69 34.35
C ILE E 710 -4.43 -11.44 33.69
N THR E 711 -5.09 -10.80 32.74
CA THR E 711 -6.23 -11.43 32.14
C THR E 711 -5.88 -12.74 31.47
N ILE E 712 -4.87 -12.74 30.63
CA ILE E 712 -4.62 -13.92 29.83
C ILE E 712 -4.59 -15.17 30.68
N PRO E 713 -3.92 -15.18 31.82
CA PRO E 713 -3.93 -16.39 32.61
C PRO E 713 -5.33 -16.80 32.91
N SER E 714 -6.14 -15.83 33.28
CA SER E 714 -7.51 -16.14 33.58
C SER E 714 -8.17 -16.84 32.42
N LEU E 715 -7.69 -16.58 31.23
CA LEU E 715 -8.34 -17.08 30.03
C LEU E 715 -8.11 -18.57 29.84
N ALA E 716 -8.48 -19.08 28.65
CA ALA E 716 -8.33 -20.50 28.31
C ALA E 716 -7.77 -20.78 26.91
N GLY E 717 -8.32 -20.14 25.87
CA GLY E 717 -7.89 -20.36 24.48
C GLY E 717 -6.42 -20.09 24.24
N ILE E 718 -5.59 -21.11 24.46
CA ILE E 718 -4.15 -20.92 24.50
C ILE E 718 -3.63 -20.19 23.28
N PHE E 719 -3.94 -20.69 22.09
CA PHE E 719 -3.46 -20.07 20.86
C PHE E 719 -3.86 -18.62 20.82
N THR E 720 -5.13 -18.39 21.06
CA THR E 720 -5.62 -17.05 21.07
C THR E 720 -4.87 -16.27 22.11
N ARG E 721 -4.72 -16.88 23.28
CA ARG E 721 -4.00 -16.23 24.34
C ARG E 721 -2.60 -15.86 23.91
N LEU E 722 -2.04 -16.65 23.02
CA LEU E 722 -0.70 -16.38 22.55
C LEU E 722 -0.65 -15.14 21.69
N ASN E 723 -1.54 -15.07 20.73
CA ASN E 723 -1.52 -13.85 19.96
C ASN E 723 -1.89 -12.67 20.80
N LEU E 724 -2.70 -12.90 21.81
CA LEU E 724 -3.00 -11.87 22.76
C LEU E 724 -1.77 -11.48 23.52
N TYR E 725 -0.98 -12.47 23.86
CA TYR E 725 0.28 -12.21 24.49
C TYR E 725 1.15 -11.32 23.65
N LEU E 726 1.26 -11.62 22.39
CA LEU E 726 2.12 -10.81 21.57
C LEU E 726 1.59 -9.42 21.38
N HIS E 727 0.30 -9.28 21.29
CA HIS E 727 -0.24 -7.94 21.28
C HIS E 727 0.13 -7.23 22.56
N SER E 728 -0.06 -7.89 23.67
CA SER E 728 0.39 -7.35 24.91
C SER E 728 1.83 -6.93 24.80
N GLY E 729 2.62 -7.78 24.21
CA GLY E 729 4.00 -7.47 23.99
C GLY E 729 4.16 -6.19 23.25
N GLN E 730 3.60 -6.15 22.06
CA GLN E 730 3.81 -5.02 21.21
C GLN E 730 3.28 -3.74 21.80
N VAL E 731 2.21 -3.82 22.55
CA VAL E 731 1.75 -2.59 23.14
C VAL E 731 2.77 -2.16 24.19
N ALA E 732 3.31 -3.11 24.91
CA ALA E 732 4.34 -2.74 25.86
C ALA E 732 5.52 -2.18 25.10
N LEU E 733 5.80 -2.74 23.94
CA LEU E 733 6.83 -2.16 23.12
C LEU E 733 6.39 -0.76 22.81
N ALA E 734 5.15 -0.64 22.37
CA ALA E 734 4.64 0.69 22.24
C ALA E 734 4.73 1.37 23.57
N ASN E 735 4.91 0.64 24.64
CA ASN E 735 4.84 1.41 25.83
C ASN E 735 5.97 1.10 26.78
N GLN E 736 7.14 0.92 26.23
CA GLN E 736 8.38 1.05 26.99
C GLN E 736 8.52 0.05 28.13
N CYS E 737 7.92 -1.11 28.00
CA CYS E 737 7.85 -2.04 29.13
C CYS E 737 8.57 -3.31 28.72
N LEU E 738 9.89 -3.21 28.78
CA LEU E 738 10.73 -4.25 28.22
C LEU E 738 10.58 -5.55 28.96
N SER E 739 10.96 -5.53 30.23
CA SER E 739 11.00 -6.75 31.00
C SER E 739 9.61 -7.32 31.11
N GLN E 740 8.64 -6.44 31.06
CA GLN E 740 7.27 -6.86 31.03
C GLN E 740 7.03 -7.73 29.83
N ALA E 741 7.44 -7.25 28.69
CA ALA E 741 7.38 -8.04 27.50
C ALA E 741 8.09 -9.35 27.69
N ASP E 742 9.26 -9.31 28.29
CA ASP E 742 10.00 -10.54 28.58
C ASP E 742 9.14 -11.52 29.33
N ALA E 743 8.45 -11.04 30.33
CA ALA E 743 7.61 -11.93 31.10
C ALA E 743 6.59 -12.57 30.20
N PHE E 744 6.03 -11.76 29.33
CA PHE E 744 5.01 -12.27 28.44
C PHE E 744 5.58 -13.31 27.52
N PHE E 745 6.81 -13.13 27.17
CA PHE E 745 7.46 -14.08 26.31
C PHE E 745 7.71 -15.38 27.03
N LYS E 746 8.25 -15.28 28.22
CA LYS E 746 8.36 -16.46 29.06
C LYS E 746 7.04 -17.17 29.10
N ALA E 747 5.96 -16.42 29.19
CA ALA E 747 4.65 -17.01 29.20
C ALA E 747 4.37 -17.72 27.90
N ALA E 748 4.58 -17.04 26.80
CA ALA E 748 4.35 -17.65 25.51
C ALA E 748 5.10 -18.94 25.44
N ILE E 749 6.32 -18.87 25.91
CA ILE E 749 7.20 -20.00 25.92
C ILE E 749 6.56 -21.11 26.70
N SER E 750 6.11 -20.78 27.87
CA SER E 750 5.47 -21.74 28.72
C SER E 750 4.26 -22.35 28.05
N LEU E 751 3.61 -21.58 27.20
CA LEU E 751 2.46 -22.12 26.50
C LEU E 751 2.92 -23.07 25.43
N VAL E 752 4.11 -22.84 24.95
CA VAL E 752 4.62 -23.65 23.87
C VAL E 752 4.51 -25.12 24.16
N PRO E 753 5.04 -25.64 25.26
CA PRO E 753 4.88 -27.06 25.51
C PRO E 753 3.44 -27.42 25.66
N GLU E 754 2.65 -26.49 26.18
CA GLU E 754 1.26 -26.80 26.40
C GLU E 754 0.58 -27.22 25.12
N VAL E 755 1.05 -26.72 23.99
CA VAL E 755 0.34 -26.96 22.76
C VAL E 755 0.27 -28.46 22.50
N PRO E 756 -0.93 -29.03 22.50
CA PRO E 756 -1.07 -30.48 22.35
C PRO E 756 -1.00 -30.91 20.89
N LYS E 757 -0.82 -32.21 20.68
CA LYS E 757 -0.63 -32.74 19.34
C LYS E 757 -1.80 -32.41 18.42
N MET E 758 -3.01 -32.37 18.96
CA MET E 758 -4.16 -31.91 18.20
C MET E 758 -4.98 -31.01 19.08
N ILE E 759 -5.60 -30.01 18.46
CA ILE E 759 -6.48 -29.13 19.21
C ILE E 759 -7.86 -29.15 18.56
N ASN E 760 -8.88 -28.91 19.38
CA ASN E 760 -10.26 -28.99 18.94
C ASN E 760 -10.81 -27.59 18.76
N ILE E 761 -11.28 -27.31 17.56
CA ILE E 761 -11.97 -26.08 17.24
C ILE E 761 -13.06 -26.43 16.26
N ASP E 762 -14.17 -25.72 16.35
CA ASP E 762 -15.37 -26.06 15.60
C ASP E 762 -15.81 -27.46 15.91
N GLY E 763 -15.41 -27.97 17.07
CA GLY E 763 -15.60 -29.36 17.40
C GLY E 763 -14.58 -30.28 16.78
N LYS E 764 -13.61 -29.76 16.03
CA LYS E 764 -12.78 -30.59 15.18
C LYS E 764 -11.30 -30.43 15.48
N MET E 765 -10.54 -31.49 15.23
CA MET E 765 -9.15 -31.58 15.63
C MET E 765 -8.32 -31.26 14.39
N ARG E 766 -7.33 -30.39 14.53
CA ARG E 766 -6.52 -30.01 13.40
C ARG E 766 -5.05 -29.96 13.81
N PRO E 767 -4.14 -30.14 12.86
CA PRO E 767 -2.72 -30.11 13.23
C PRO E 767 -2.27 -28.71 13.57
N SER E 768 -2.23 -28.51 14.88
CA SER E 768 -1.93 -27.20 15.43
C SER E 768 -0.59 -26.69 14.94
N GLU E 769 0.35 -27.61 14.76
CA GLU E 769 1.74 -27.23 14.50
C GLU E 769 1.80 -26.26 13.37
N SER E 770 0.93 -26.44 12.40
CA SER E 770 0.85 -25.46 11.34
C SER E 770 0.53 -24.12 11.93
N PHE E 771 -0.48 -24.08 12.77
CA PHE E 771 -0.94 -22.82 13.30
C PHE E 771 0.12 -22.20 14.19
N LEU E 772 0.67 -23.01 15.09
CA LEU E 772 1.63 -22.43 16.00
C LEU E 772 2.81 -21.87 15.26
N LEU E 773 3.22 -22.54 14.21
CA LEU E 773 4.30 -22.02 13.43
C LEU E 773 3.94 -20.68 12.83
N GLU E 774 2.69 -20.53 12.41
CA GLU E 774 2.27 -19.25 11.86
C GLU E 774 2.45 -18.15 12.89
N PHE E 775 2.03 -18.44 14.11
CA PHE E 775 2.31 -17.52 15.18
C PHE E 775 3.77 -17.26 15.30
N LEU E 776 4.53 -18.34 15.24
CA LEU E 776 5.91 -18.22 15.54
C LEU E 776 6.54 -17.29 14.56
N CYS E 777 6.24 -17.52 13.30
CA CYS E 777 6.59 -16.64 12.22
C CYS E 777 6.40 -15.18 12.55
N ASN E 778 5.19 -14.78 12.91
CA ASN E 778 5.09 -13.32 13.11
C ASN E 778 5.81 -12.91 14.36
N PHE E 779 5.86 -13.80 15.32
CA PHE E 779 6.61 -13.50 16.50
C PHE E 779 8.08 -13.27 16.20
N PHE E 780 8.64 -14.07 15.35
CA PHE E 780 10.07 -13.98 15.21
C PHE E 780 10.43 -12.59 14.74
N SER E 781 9.69 -12.09 13.77
CA SER E 781 9.90 -10.73 13.31
C SER E 781 9.83 -9.85 14.51
N THR E 782 8.79 -10.10 15.27
CA THR E 782 8.58 -9.34 16.44
C THR E 782 9.80 -9.35 17.32
N LEU E 783 10.54 -10.44 17.27
CA LEU E 783 11.72 -10.53 18.09
C LEU E 783 12.62 -9.33 17.93
N LEU E 784 13.10 -9.08 16.72
CA LEU E 784 14.17 -8.12 16.66
C LEU E 784 13.70 -6.74 17.06
N ILE E 785 12.40 -6.51 17.03
CA ILE E 785 11.90 -5.20 17.38
C ILE E 785 12.12 -4.86 18.84
N VAL E 786 12.46 -5.86 19.63
CA VAL E 786 12.70 -5.69 21.05
C VAL E 786 14.04 -5.07 21.36
N PRO E 787 14.10 -4.10 22.27
CA PRO E 787 15.31 -3.82 23.05
C PRO E 787 15.49 -4.85 24.14
N ASP E 788 16.63 -5.51 24.15
CA ASP E 788 16.93 -6.53 25.14
C ASP E 788 17.46 -5.94 26.45
N HIS E 789 17.52 -6.79 27.44
CA HIS E 789 18.25 -6.47 28.66
C HIS E 789 19.74 -6.62 28.46
N PRO E 790 20.50 -5.62 28.77
CA PRO E 790 21.93 -5.79 28.98
C PRO E 790 22.32 -6.98 29.84
N GLU E 791 21.64 -7.20 30.96
CA GLU E 791 21.97 -8.34 31.80
C GLU E 791 21.76 -9.65 31.09
N HIS E 792 20.60 -9.80 30.48
CA HIS E 792 20.27 -11.05 29.84
C HIS E 792 21.09 -11.25 28.57
N GLY E 793 21.41 -12.51 28.31
CA GLY E 793 22.17 -12.92 27.14
C GLY E 793 21.53 -12.48 25.85
N VAL E 794 22.34 -11.88 24.99
CA VAL E 794 21.84 -11.11 23.86
C VAL E 794 20.97 -11.97 22.96
N LEU E 795 19.65 -11.87 23.15
CA LEU E 795 18.63 -12.68 22.50
C LEU E 795 18.57 -14.09 23.00
N PHE E 796 19.05 -14.33 24.22
CA PHE E 796 18.98 -15.67 24.76
C PHE E 796 17.56 -16.17 24.64
N LEU E 797 16.65 -15.28 24.90
CA LEU E 797 15.23 -15.53 24.81
C LEU E 797 14.90 -16.20 23.50
N VAL E 798 15.50 -15.70 22.45
CA VAL E 798 15.22 -16.23 21.13
C VAL E 798 15.58 -17.69 21.07
N ARG E 799 16.81 -17.99 21.45
CA ARG E 799 17.27 -19.36 21.45
C ARG E 799 16.38 -20.21 22.31
N GLU E 800 15.99 -19.71 23.47
CA GLU E 800 15.16 -20.52 24.33
C GLU E 800 13.91 -20.92 23.60
N LEU E 801 13.31 -19.96 22.94
CA LEU E 801 12.07 -20.24 22.22
C LEU E 801 12.27 -21.25 21.12
N LEU E 802 13.34 -21.11 20.38
CA LEU E 802 13.55 -22.02 19.27
C LEU E 802 13.91 -23.40 19.74
N ASN E 803 14.72 -23.45 20.76
CA ASN E 803 15.18 -24.72 21.25
C ASN E 803 13.99 -25.48 21.78
N VAL E 804 13.23 -24.81 22.61
CA VAL E 804 12.00 -25.39 23.12
C VAL E 804 11.13 -25.85 21.98
N ILE E 805 11.05 -25.03 20.93
CA ILE E 805 10.25 -25.41 19.80
C ILE E 805 10.70 -26.78 19.33
N GLN E 806 11.99 -26.91 19.10
CA GLN E 806 12.53 -28.18 18.65
C GLN E 806 12.26 -29.26 19.67
N ASP E 807 12.20 -28.89 20.94
CA ASP E 807 11.96 -29.87 21.98
C ASP E 807 10.56 -30.43 21.88
N TYR E 808 9.66 -29.68 21.28
CA TYR E 808 8.34 -30.24 21.04
C TYR E 808 8.48 -31.52 20.26
N THR E 809 7.56 -32.45 20.53
CA THR E 809 7.57 -33.72 19.84
C THR E 809 7.06 -33.51 18.43
N TRP E 810 7.83 -32.81 17.62
CA TRP E 810 7.50 -32.72 16.21
C TRP E 810 7.69 -34.08 15.57
N GLU E 811 6.65 -34.57 14.88
CA GLU E 811 6.85 -35.80 14.13
C GLU E 811 7.45 -35.49 12.76
N ASP E 812 7.25 -36.37 11.80
CA ASP E 812 7.59 -36.07 10.43
C ASP E 812 6.74 -34.93 9.88
N ASN E 813 7.22 -34.34 8.80
CA ASN E 813 6.95 -32.97 8.38
C ASN E 813 7.46 -31.97 9.41
N SER E 814 8.53 -32.35 10.13
CA SER E 814 9.27 -31.37 10.92
C SER E 814 9.71 -30.20 10.07
N ASP E 815 9.78 -30.42 8.78
CA ASP E 815 10.39 -29.48 7.85
C ASP E 815 9.92 -28.08 8.11
N GLU E 816 8.73 -27.96 8.66
CA GLU E 816 8.27 -26.66 9.08
C GLU E 816 9.28 -26.08 10.04
N LYS E 817 9.83 -26.94 10.90
CA LYS E 817 10.96 -26.56 11.73
C LYS E 817 12.03 -25.96 10.90
N ILE E 818 12.27 -26.57 9.78
CA ILE E 818 13.33 -26.12 8.94
C ILE E 818 12.96 -24.81 8.31
N ARG E 819 11.69 -24.64 7.98
CA ARG E 819 11.26 -23.35 7.49
C ARG E 819 11.60 -22.28 8.50
N ILE E 820 11.25 -22.52 9.75
CA ILE E 820 11.55 -21.54 10.77
C ILE E 820 13.04 -21.33 10.88
N TYR E 821 13.80 -22.40 10.78
CA TYR E 821 15.23 -22.22 10.80
C TYR E 821 15.65 -21.22 9.75
N THR E 822 15.13 -21.41 8.55
CA THR E 822 15.41 -20.52 7.45
C THR E 822 15.11 -19.08 7.83
N CYS E 823 13.89 -18.89 8.23
CA CYS E 823 13.41 -17.56 8.48
C CYS E 823 14.20 -16.94 9.61
N VAL E 824 14.53 -17.74 10.61
CA VAL E 824 15.37 -17.30 11.70
C VAL E 824 16.66 -16.79 11.15
N LEU E 825 17.13 -17.39 10.09
CA LEU E 825 18.30 -16.81 9.50
C LEU E 825 17.99 -15.48 8.89
N HIS E 826 16.79 -15.31 8.36
CA HIS E 826 16.43 -13.99 7.86
C HIS E 826 16.47 -12.96 8.97
N LEU E 827 15.98 -13.35 10.13
CA LEU E 827 16.04 -12.45 11.27
C LEU E 827 17.48 -12.18 11.63
N LEU E 828 18.24 -13.25 11.79
CA LEU E 828 19.64 -13.13 12.10
C LEU E 828 20.29 -12.17 11.16
N SER E 829 19.84 -12.19 9.93
CA SER E 829 20.35 -11.29 8.94
C SER E 829 20.02 -9.86 9.28
N ALA E 830 18.79 -9.63 9.71
CA ALA E 830 18.46 -8.28 10.14
C ALA E 830 19.32 -7.83 11.32
N MET E 831 19.50 -8.70 12.30
CA MET E 831 20.44 -8.37 13.36
C MET E 831 21.80 -8.12 12.80
N SER E 832 22.15 -8.87 11.80
CA SER E 832 23.44 -8.67 11.17
C SER E 832 23.50 -7.30 10.58
N GLN E 833 22.36 -6.78 10.16
CA GLN E 833 22.40 -5.46 9.57
C GLN E 833 22.81 -4.44 10.60
N GLU E 834 23.76 -3.61 10.21
CA GLU E 834 24.16 -2.48 11.02
C GLU E 834 22.99 -1.52 11.22
N THR E 835 21.97 -1.62 10.35
CA THR E 835 20.73 -0.89 10.50
C THR E 835 19.53 -1.80 10.21
N TYR E 836 18.48 -1.70 11.05
CA TYR E 836 17.35 -2.62 10.99
C TYR E 836 16.25 -2.21 10.02
N LEU E 837 15.46 -3.21 9.63
CA LEU E 837 14.46 -3.06 8.59
C LEU E 837 13.43 -2.02 8.91
N TYR E 838 13.21 -1.75 10.18
CA TYR E 838 12.45 -0.60 10.59
C TYR E 838 12.99 -0.17 11.91
N HIS E 839 12.74 1.07 12.24
CA HIS E 839 13.05 1.56 13.56
C HIS E 839 11.83 2.29 14.07
N ILE E 840 11.44 2.02 15.31
CA ILE E 840 10.13 2.38 15.80
C ILE E 840 10.32 3.43 16.88
N ASP E 841 9.70 4.58 16.66
CA ASP E 841 9.55 5.64 17.65
C ASP E 841 10.74 5.79 18.58
N LYS E 842 10.45 5.70 19.87
CA LYS E 842 11.43 5.73 20.92
C LYS E 842 12.07 4.38 21.12
N VAL E 843 11.62 3.39 20.37
CA VAL E 843 12.07 2.04 20.61
C VAL E 843 13.55 1.97 20.34
N ASP E 844 14.24 1.19 21.15
CA ASP E 844 15.64 0.92 20.94
C ASP E 844 15.82 -0.57 20.64
N SER E 845 16.88 -0.90 19.91
CA SER E 845 17.32 -2.29 19.79
C SER E 845 18.82 -2.33 19.77
N ASN E 846 19.34 -3.54 19.84
CA ASN E 846 20.77 -3.72 20.03
C ASN E 846 21.53 -2.93 18.98
N ASP E 847 21.00 -2.87 17.77
CA ASP E 847 21.54 -1.95 16.77
C ASP E 847 21.60 -0.54 17.33
N SER E 848 20.52 -0.12 17.95
CA SER E 848 20.42 1.26 18.39
C SER E 848 21.46 1.59 19.43
N LEU E 849 22.01 0.57 20.05
CA LEU E 849 23.07 0.74 21.03
C LEU E 849 24.43 0.52 20.38
N TYR E 850 24.59 -0.63 19.78
CA TYR E 850 25.85 -1.19 19.37
C TYR E 850 26.29 -0.76 17.98
N GLY E 851 25.35 -0.37 17.13
CA GLY E 851 25.72 0.18 15.83
C GLY E 851 26.65 -0.70 15.02
N GLY E 852 26.38 -2.00 14.98
CA GLY E 852 27.24 -2.94 14.29
C GLY E 852 28.41 -3.38 15.14
N ASP E 853 28.16 -3.82 16.37
CA ASP E 853 29.23 -4.46 17.11
C ASP E 853 29.71 -5.68 16.37
N SER E 854 30.98 -5.63 15.98
CA SER E 854 31.57 -6.77 15.32
C SER E 854 31.38 -8.01 16.16
N LYS E 855 31.55 -7.88 17.47
CA LYS E 855 31.45 -9.03 18.34
C LYS E 855 30.06 -9.61 18.29
N PHE E 856 29.05 -8.76 18.50
CA PHE E 856 27.68 -9.21 18.39
C PHE E 856 27.43 -9.85 17.03
N LEU E 857 27.92 -9.20 15.99
CA LEU E 857 27.71 -9.72 14.66
C LEU E 857 28.23 -11.14 14.56
N ALA E 858 29.47 -11.34 14.98
CA ALA E 858 30.09 -12.65 14.92
C ALA E 858 29.31 -13.68 15.70
N GLU E 859 28.88 -13.33 16.90
CA GLU E 859 28.14 -14.31 17.68
C GLU E 859 26.87 -14.70 16.96
N ASN E 860 26.22 -13.71 16.37
CA ASN E 860 25.02 -13.96 15.62
C ASN E 860 25.33 -14.94 14.50
N ASN E 861 26.43 -14.71 13.83
CA ASN E 861 26.78 -15.53 12.70
C ASN E 861 26.97 -16.94 13.16
N LYS E 862 27.63 -17.07 14.30
CA LYS E 862 27.85 -18.37 14.89
C LYS E 862 26.54 -19.06 15.11
N LEU E 863 25.58 -18.32 15.62
CA LEU E 863 24.27 -18.89 15.84
C LEU E 863 23.68 -19.36 14.54
N CYS E 864 23.81 -18.52 13.52
CA CYS E 864 23.34 -18.89 12.20
C CYS E 864 23.93 -20.22 11.83
N GLU E 865 25.24 -20.32 11.99
CA GLU E 865 25.98 -21.51 11.63
C GLU E 865 25.46 -22.71 12.40
N THR E 866 25.05 -22.50 13.63
CA THR E 866 24.46 -23.60 14.37
C THR E 866 23.23 -24.08 13.65
N VAL E 867 22.41 -23.13 13.25
CA VAL E 867 21.21 -23.50 12.53
C VAL E 867 21.58 -24.21 11.26
N MET E 868 22.57 -23.69 10.57
CA MET E 868 23.03 -24.27 9.33
C MET E 868 23.51 -25.68 9.53
N ALA E 869 24.08 -25.94 10.69
CA ALA E 869 24.48 -27.29 11.00
C ALA E 869 23.26 -28.17 11.06
N GLN E 870 22.27 -27.74 11.81
CA GLN E 870 21.03 -28.50 11.86
C GLN E 870 20.48 -28.68 10.45
N ILE E 871 20.66 -27.66 9.61
CA ILE E 871 20.13 -27.69 8.26
C ILE E 871 20.73 -28.82 7.48
N LEU E 872 22.04 -28.86 7.46
CA LEU E 872 22.74 -29.88 6.71
C LEU E 872 22.36 -31.24 7.25
N GLU E 873 22.38 -31.37 8.57
CA GLU E 873 22.09 -32.65 9.19
C GLU E 873 20.75 -33.19 8.76
N HIS E 874 19.69 -32.43 8.96
CA HIS E 874 18.39 -32.98 8.61
C HIS E 874 18.21 -33.14 7.12
N LEU E 875 18.74 -32.22 6.32
CA LEU E 875 18.54 -32.36 4.89
C LEU E 875 19.15 -33.65 4.39
N LYS E 876 20.40 -33.91 4.72
CA LYS E 876 20.96 -35.16 4.24
C LYS E 876 20.31 -36.35 4.92
N THR E 877 19.85 -36.20 6.16
CA THR E 877 19.07 -37.28 6.76
C THR E 877 17.86 -37.60 5.90
N LEU E 878 17.15 -36.56 5.47
CA LEU E 878 16.03 -36.71 4.56
C LEU E 878 16.44 -37.40 3.29
N ALA E 879 17.68 -37.15 2.86
CA ALA E 879 18.21 -37.91 1.74
C ALA E 879 18.26 -39.39 2.09
N LYS E 880 18.70 -39.70 3.31
CA LYS E 880 18.62 -41.09 3.79
C LYS E 880 17.17 -41.56 3.87
N ASP E 881 16.26 -40.62 4.12
CA ASP E 881 14.85 -40.91 4.29
C ASP E 881 14.06 -40.92 3.00
N GLU E 882 14.70 -40.70 1.85
CA GLU E 882 14.02 -40.66 0.56
C GLU E 882 12.88 -39.64 0.53
N ALA E 883 12.93 -38.64 1.42
CA ALA E 883 11.91 -37.61 1.49
C ALA E 883 12.24 -36.56 0.44
N LEU E 884 12.44 -37.04 -0.78
CA LEU E 884 13.11 -36.25 -1.80
C LEU E 884 12.30 -35.03 -2.22
N LYS E 885 10.98 -35.12 -2.22
CA LYS E 885 10.17 -33.95 -2.51
C LYS E 885 10.27 -32.91 -1.39
N ARG E 886 10.01 -33.33 -0.16
CA ARG E 886 10.05 -32.43 0.97
C ARG E 886 11.45 -31.85 1.18
N GLN E 887 12.44 -32.73 1.24
CA GLN E 887 13.82 -32.30 1.34
C GLN E 887 14.17 -31.36 0.21
N SER E 888 13.70 -31.69 -1.00
CA SER E 888 13.98 -30.86 -2.15
C SER E 888 13.44 -29.46 -1.94
N SER E 889 12.23 -29.37 -1.42
CA SER E 889 11.67 -28.06 -1.15
C SER E 889 12.50 -27.35 -0.10
N LEU E 890 12.98 -28.10 0.86
CA LEU E 890 13.77 -27.52 1.93
C LEU E 890 15.05 -26.92 1.38
N GLY E 891 15.70 -27.65 0.50
CA GLY E 891 16.85 -27.11 -0.18
C GLY E 891 16.48 -25.90 -1.00
N LEU E 892 15.31 -25.95 -1.63
CA LEU E 892 14.82 -24.82 -2.40
C LEU E 892 14.84 -23.58 -1.56
N SER E 893 14.27 -23.69 -0.39
CA SER E 893 14.24 -22.56 0.49
C SER E 893 15.64 -22.17 0.93
N PHE E 894 16.45 -23.16 1.25
CA PHE E 894 17.78 -22.87 1.74
C PHE E 894 18.58 -22.05 0.76
N PHE E 895 18.57 -22.47 -0.50
CA PHE E 895 19.25 -21.70 -1.53
C PHE E 895 18.60 -20.33 -1.69
N ASN E 896 17.27 -20.29 -1.69
CA ASN E 896 16.57 -19.03 -1.84
C ASN E 896 16.99 -18.03 -0.78
N SER E 897 17.02 -18.49 0.46
CA SER E 897 17.43 -17.65 1.57
C SER E 897 18.85 -17.19 1.41
N ILE E 898 19.74 -18.13 1.10
CA ILE E 898 21.13 -17.76 0.93
C ILE E 898 21.20 -16.64 -0.08
N LEU E 899 20.42 -16.77 -1.14
CA LEU E 899 20.36 -15.76 -2.17
C LEU E 899 19.97 -14.42 -1.58
N ALA E 900 18.91 -14.42 -0.81
CA ALA E 900 18.39 -13.16 -0.33
C ALA E 900 19.40 -12.52 0.58
N HIS E 901 19.97 -13.30 1.47
CA HIS E 901 20.78 -12.79 2.55
C HIS E 901 22.27 -12.79 2.28
N GLY E 902 22.76 -13.53 1.30
CA GLY E 902 24.17 -13.82 1.23
C GLY E 902 24.99 -13.06 0.22
N ASP E 903 26.31 -13.15 0.42
CA ASP E 903 27.32 -12.74 -0.55
C ASP E 903 28.13 -13.96 -0.99
N LEU E 904 28.14 -14.21 -2.29
CA LEU E 904 28.93 -15.32 -2.78
C LEU E 904 30.42 -15.03 -2.70
N ARG E 905 30.81 -13.82 -2.30
CA ARG E 905 32.22 -13.59 -1.98
C ARG E 905 32.74 -14.57 -0.95
N ASN E 906 31.89 -15.18 -0.15
CA ASN E 906 32.28 -16.49 0.35
C ASN E 906 32.11 -17.43 -0.80
N ASN E 907 33.20 -17.62 -1.55
CA ASN E 907 33.14 -18.52 -2.68
C ASN E 907 32.77 -19.91 -2.22
N LYS E 908 33.18 -20.27 -1.00
CA LYS E 908 32.91 -21.58 -0.47
C LYS E 908 31.40 -21.77 -0.29
N LEU E 909 30.75 -20.79 0.30
CA LEU E 909 29.31 -20.89 0.47
C LEU E 909 28.59 -20.87 -0.87
N ASN E 910 29.06 -20.05 -1.80
CA ASN E 910 28.52 -20.07 -3.14
C ASN E 910 28.57 -21.49 -3.72
N GLN E 911 29.72 -22.13 -3.61
CA GLN E 911 29.85 -23.49 -4.11
C GLN E 911 28.95 -24.46 -3.37
N LEU E 912 28.90 -24.38 -2.05
CA LEU E 912 27.97 -25.24 -1.33
C LEU E 912 26.55 -25.03 -1.82
N SER E 913 26.20 -23.81 -2.21
CA SER E 913 24.89 -23.55 -2.79
C SER E 913 24.71 -24.28 -4.10
N VAL E 914 25.79 -24.41 -4.85
CA VAL E 914 25.72 -25.23 -6.05
C VAL E 914 25.51 -26.69 -5.66
N ASN E 915 26.25 -27.14 -4.65
CA ASN E 915 26.12 -28.50 -4.16
C ASN E 915 24.66 -28.77 -3.86
N LEU E 916 24.03 -27.85 -3.15
CA LEU E 916 22.60 -27.95 -2.88
C LEU E 916 21.81 -28.10 -4.15
N TRP E 917 22.06 -27.22 -5.11
CA TRP E 917 21.16 -27.12 -6.23
C TRP E 917 21.19 -28.40 -7.04
N HIS E 918 22.39 -28.87 -7.34
CA HIS E 918 22.54 -30.14 -8.01
C HIS E 918 22.21 -31.33 -7.13
N LEU E 919 22.48 -31.29 -5.84
CA LEU E 919 22.11 -32.41 -4.99
C LEU E 919 20.61 -32.64 -5.06
N ALA E 920 19.87 -31.55 -4.96
CA ALA E 920 18.43 -31.61 -5.12
C ALA E 920 18.09 -32.19 -6.48
N GLN E 921 18.80 -31.76 -7.50
CA GLN E 921 18.49 -32.23 -8.83
C GLN E 921 18.86 -33.69 -9.03
N ARG E 922 19.94 -34.14 -8.37
CA ARG E 922 20.39 -35.51 -8.49
C ARG E 922 19.47 -36.49 -7.79
N HIS E 923 18.83 -36.10 -6.69
CA HIS E 923 17.73 -36.95 -6.25
C HIS E 923 16.48 -36.76 -7.10
N GLY E 924 16.17 -35.53 -7.50
CA GLY E 924 15.25 -35.33 -8.61
C GLY E 924 13.76 -35.33 -8.32
N CYS E 925 13.32 -35.50 -7.06
CA CYS E 925 11.88 -35.47 -6.83
C CYS E 925 11.33 -34.05 -6.87
N ALA E 926 12.20 -33.06 -6.83
CA ALA E 926 11.81 -31.67 -6.97
C ALA E 926 11.06 -31.46 -8.28
N ASP E 927 10.23 -30.43 -8.29
CA ASP E 927 9.66 -29.95 -9.54
C ASP E 927 10.75 -29.37 -10.42
N THR E 928 11.07 -30.08 -11.49
CA THR E 928 12.00 -29.54 -12.46
C THR E 928 11.52 -28.23 -13.06
N ARG E 929 10.21 -28.04 -13.22
CA ARG E 929 9.73 -26.76 -13.70
C ARG E 929 10.12 -25.67 -12.71
N THR E 930 9.89 -25.93 -11.43
CA THR E 930 10.32 -25.01 -10.39
C THR E 930 11.80 -24.71 -10.51
N MET E 931 12.61 -25.75 -10.66
CA MET E 931 14.04 -25.55 -10.76
C MET E 931 14.43 -24.76 -12.00
N VAL E 932 13.83 -25.06 -13.13
CA VAL E 932 14.13 -24.35 -14.37
C VAL E 932 13.79 -22.87 -14.23
N LYS E 933 12.56 -22.59 -13.84
CA LYS E 933 12.15 -21.22 -13.66
C LYS E 933 12.98 -20.56 -12.59
N THR E 934 13.38 -21.35 -11.60
CA THR E 934 14.23 -20.87 -10.56
C THR E 934 15.56 -20.42 -11.13
N LEU E 935 16.16 -21.28 -11.93
CA LEU E 935 17.45 -20.98 -12.52
C LEU E 935 17.34 -19.75 -13.39
N GLU E 936 16.24 -19.65 -14.12
CA GLU E 936 15.99 -18.47 -14.93
C GLU E 936 15.96 -17.23 -14.08
N TYR E 937 15.28 -17.30 -12.95
CA TYR E 937 15.28 -16.20 -11.99
C TYR E 937 16.68 -15.90 -11.50
N ILE E 938 17.46 -16.95 -11.22
CA ILE E 938 18.83 -16.77 -10.77
C ILE E 938 19.63 -15.97 -11.77
N LYS E 939 19.47 -16.31 -13.05
CA LYS E 939 20.19 -15.58 -14.07
C LYS E 939 19.66 -14.16 -14.20
N LYS E 940 18.35 -13.98 -14.13
CA LYS E 940 17.77 -12.65 -14.19
C LYS E 940 18.27 -11.75 -13.06
N GLN E 941 18.37 -12.28 -11.85
CA GLN E 941 18.96 -11.50 -10.76
C GLN E 941 20.46 -11.33 -10.98
N SER E 942 21.11 -12.40 -11.43
CA SER E 942 22.56 -12.40 -11.62
C SER E 942 23.01 -11.30 -12.57
N LYS E 943 22.12 -10.88 -13.48
CA LYS E 943 22.42 -9.83 -14.46
C LYS E 943 22.95 -8.53 -13.84
N GLN E 944 22.56 -8.22 -12.61
CA GLN E 944 23.00 -6.96 -12.04
C GLN E 944 24.50 -6.98 -11.74
N PRO E 945 25.14 -5.79 -11.63
CA PRO E 945 26.61 -5.74 -11.54
C PRO E 945 27.20 -6.49 -10.37
N ASP E 946 26.75 -6.18 -9.16
CA ASP E 946 27.19 -6.95 -8.00
C ASP E 946 26.87 -8.43 -8.17
N MET E 947 25.68 -8.71 -8.66
CA MET E 947 25.23 -10.04 -9.04
C MET E 947 26.13 -10.74 -10.05
N THR E 948 27.11 -10.07 -10.65
CA THR E 948 28.05 -10.80 -11.51
C THR E 948 28.63 -12.03 -10.81
N HIS E 949 28.87 -11.94 -9.50
CA HIS E 949 29.23 -13.16 -8.82
C HIS E 949 28.04 -14.11 -8.71
N LEU E 950 26.82 -13.57 -8.59
CA LEU E 950 25.64 -14.37 -8.87
C LEU E 950 25.60 -14.82 -10.31
N THR E 951 26.17 -14.04 -11.24
CA THR E 951 26.18 -14.49 -12.62
C THR E 951 27.10 -15.68 -12.76
N GLU E 952 28.27 -15.59 -12.14
CA GLU E 952 29.16 -16.72 -11.98
C GLU E 952 28.42 -17.91 -11.35
N LEU E 953 27.59 -17.67 -10.35
CA LEU E 953 26.77 -18.74 -9.77
C LEU E 953 25.81 -19.32 -10.78
N ALA E 954 25.05 -18.46 -11.44
CA ALA E 954 23.89 -18.91 -12.21
C ALA E 954 24.32 -19.65 -13.45
N LEU E 955 25.44 -19.24 -14.05
CA LEU E 955 26.00 -20.05 -15.11
C LEU E 955 26.70 -21.27 -14.56
N ARG E 956 27.56 -21.10 -13.54
CA ARG E 956 28.12 -22.24 -12.83
C ARG E 956 27.04 -23.16 -12.26
N LEU E 957 25.81 -22.67 -12.06
CA LEU E 957 24.68 -23.54 -11.81
C LEU E 957 24.09 -24.05 -13.12
N PRO E 958 24.54 -25.20 -13.65
CA PRO E 958 23.65 -25.96 -14.54
C PRO E 958 22.58 -26.61 -13.69
N LEU E 959 21.78 -27.46 -14.30
CA LEU E 959 20.58 -27.92 -13.63
C LEU E 959 20.19 -29.29 -14.17
N GLN E 960 20.15 -30.28 -13.29
CA GLN E 960 19.62 -31.58 -13.66
C GLN E 960 18.11 -31.53 -13.47
N THR E 961 17.40 -32.24 -14.34
CA THR E 961 15.98 -31.97 -14.51
C THR E 961 15.20 -33.26 -14.69
N ARG E 962 13.93 -33.21 -14.26
CA ARG E 962 12.98 -34.26 -14.64
C ARG E 962 12.79 -34.27 -16.15
N THR E 963 12.83 -33.11 -16.79
CA THR E 963 12.85 -33.01 -18.25
C THR E 963 14.18 -33.51 -18.79
#